data_5XR2
#
_entry.id   5XR2
#
_cell.length_a   96.284
_cell.length_b   129.454
_cell.length_c   187.853
_cell.angle_alpha   90.00
_cell.angle_beta   90.00
_cell.angle_gamma   90.00
#
_symmetry.space_group_name_H-M   'P 21 21 21'
#
loop_
_entity.id
_entity.type
_entity.pdbx_description
1 polymer 'Protein/nucleic acid deglycase HchA'
2 non-polymer 'LACTIC ACID'
3 non-polymer 'ZINC ION'
4 water water
#
_entity_poly.entity_id   1
_entity_poly.type   'polypeptide(L)'
_entity_poly.pdbx_seq_one_letter_code
;MSQDVNELSKQPTPDKAEDNAFFPSPYSLSQYTAPKTDFDGVEHKGAYKDGKWKVLMIAAEERYVLLENGKMFSTGNHPV
EMLLPLHHLMEAGFDVDVATLSGYPVKLELWAMPTEDEAVISTYNKLKEKLKQPKKLADVIKNELGPDSDYLSVFIPGGH
AAVVGISESEDVQQTLDWALDNDRFIVTLCHGPAALLSAGLNREKSPLEGYSVCVFPDSLDEGANIEIGYLPGRLKWLVA
DLLTKQGLKVVNDDMTGRTLKDRKLLTGDSPLASNELGKLAVNEMLNAIQNKLEHHHHHH
;
_entity_poly.pdbx_strand_id   A,B,C,D,E,F,G,H
#
# COMPACT_ATOMS: atom_id res chain seq x y z
N GLU A 7 28.27 -40.25 4.04
CA GLU A 7 27.85 -40.84 5.35
C GLU A 7 27.64 -39.74 6.43
N LEU A 8 26.43 -39.69 7.01
CA LEU A 8 26.15 -38.81 8.14
C LEU A 8 26.85 -39.37 9.42
N SER A 9 27.34 -38.45 10.27
CA SER A 9 27.99 -38.83 11.54
C SER A 9 26.98 -39.30 12.58
N LYS A 10 27.35 -40.34 13.34
CA LYS A 10 26.54 -40.90 14.42
C LYS A 10 26.84 -40.27 15.77
N GLN A 11 27.57 -39.13 15.76
CA GLN A 11 27.96 -38.40 16.96
C GLN A 11 26.89 -37.42 17.34
N PRO A 12 26.52 -37.38 18.63
CA PRO A 12 25.66 -36.26 19.00
C PRO A 12 26.26 -34.87 18.68
N THR A 13 25.38 -33.95 18.29
CA THR A 13 25.73 -32.58 17.91
C THR A 13 25.62 -31.59 19.09
N PRO A 14 26.69 -30.85 19.42
CA PRO A 14 26.58 -29.95 20.58
C PRO A 14 25.43 -28.90 20.53
N ASP A 15 24.86 -28.58 21.71
CA ASP A 15 23.87 -27.50 21.88
C ASP A 15 24.55 -26.33 22.63
N LYS A 16 25.00 -25.35 21.85
CA LYS A 16 25.59 -24.06 22.30
C LYS A 16 24.95 -23.45 23.58
N ALA A 17 23.62 -23.54 23.68
CA ALA A 17 22.86 -22.93 24.77
C ALA A 17 23.13 -23.50 26.18
N GLU A 18 23.68 -24.71 26.26
CA GLU A 18 23.74 -25.43 27.52
C GLU A 18 25.05 -26.20 27.65
N ASP A 19 25.49 -26.42 28.87
CA ASP A 19 26.76 -27.11 29.14
C ASP A 19 26.63 -28.63 28.97
N ASN A 20 27.48 -29.20 28.11
CA ASN A 20 27.60 -30.64 27.90
C ASN A 20 26.22 -31.18 27.52
N ALA A 21 25.61 -30.54 26.53
CA ALA A 21 24.29 -30.88 26.01
C ALA A 21 24.35 -31.16 24.51
N PHE A 22 23.53 -32.09 24.02
CA PHE A 22 23.59 -32.53 22.62
C PHE A 22 22.23 -32.79 21.99
N PHE A 23 22.07 -32.32 20.77
CA PHE A 23 20.95 -32.71 19.93
C PHE A 23 21.24 -34.12 19.40
N PRO A 24 20.24 -34.77 18.79
CA PRO A 24 20.56 -36.01 18.07
C PRO A 24 21.55 -35.83 16.89
N SER A 25 22.34 -36.88 16.64
CA SER A 25 23.33 -36.92 15.54
C SER A 25 22.67 -36.85 14.20
N PRO A 26 23.31 -36.17 13.22
CA PRO A 26 22.76 -36.05 11.85
C PRO A 26 22.24 -37.37 11.27
N TYR A 27 22.96 -38.47 11.56
CA TYR A 27 22.56 -39.79 11.11
C TYR A 27 21.22 -40.18 11.68
N SER A 28 21.09 -40.10 13.01
CA SER A 28 19.82 -40.44 13.66
C SER A 28 18.70 -39.58 13.10
N LEU A 29 18.96 -38.30 12.85
CA LEU A 29 17.95 -37.40 12.24
C LEU A 29 17.53 -37.84 10.87
N SER A 30 18.49 -38.23 10.05
CA SER A 30 18.19 -38.72 8.69
C SER A 30 17.28 -39.98 8.74
N GLN A 31 17.44 -40.80 9.80
CA GLN A 31 16.59 -41.95 10.01
C GLN A 31 15.24 -41.70 10.73
N TYR A 32 15.21 -40.87 11.77
CA TYR A 32 14.00 -40.80 12.61
C TYR A 32 13.10 -39.58 12.38
N THR A 33 13.52 -38.69 11.49
CA THR A 33 12.78 -37.47 11.22
C THR A 33 12.52 -37.43 9.74
N ALA A 34 11.67 -36.52 9.31
CA ALA A 34 11.22 -36.47 7.93
C ALA A 34 10.54 -35.13 7.70
N PRO A 35 10.69 -34.58 6.49
CA PRO A 35 10.03 -33.31 6.21
C PRO A 35 8.49 -33.41 6.14
N LYS A 36 7.98 -34.63 5.99
CA LYS A 36 6.56 -34.89 5.86
C LYS A 36 6.06 -35.94 6.86
N THR A 37 4.78 -35.84 7.20
CA THR A 37 4.13 -36.78 8.09
C THR A 37 3.38 -37.66 7.13
N ASP A 38 2.90 -38.80 7.62
CA ASP A 38 1.94 -39.65 6.87
C ASP A 38 0.49 -39.19 6.98
N PHE A 39 0.27 -38.00 7.51
CA PHE A 39 -1.06 -37.43 7.57
C PHE A 39 -1.69 -37.41 6.16
N ASP A 40 -2.95 -37.83 6.07
CA ASP A 40 -3.65 -37.95 4.81
C ASP A 40 -5.11 -37.51 4.93
N GLY A 41 -5.35 -36.51 5.75
CA GLY A 41 -6.67 -35.98 5.99
C GLY A 41 -7.26 -36.32 7.34
N VAL A 42 -8.03 -35.37 7.88
CA VAL A 42 -8.92 -35.60 9.02
C VAL A 42 -10.15 -36.34 8.53
N GLU A 43 -10.95 -36.88 9.47
CA GLU A 43 -12.14 -37.70 9.19
C GLU A 43 -13.44 -37.06 9.69
N HIS A 44 -13.38 -35.95 10.45
CA HIS A 44 -14.64 -35.32 10.95
C HIS A 44 -14.56 -33.80 11.01
N LYS A 45 -14.14 -33.18 9.91
CA LYS A 45 -14.18 -31.71 9.77
C LYS A 45 -15.56 -31.17 10.17
N GLY A 46 -15.61 -30.23 11.10
CA GLY A 46 -16.84 -29.56 11.51
C GLY A 46 -17.84 -30.37 12.30
N ALA A 47 -17.46 -31.56 12.78
CA ALA A 47 -18.44 -32.47 13.40
C ALA A 47 -18.99 -31.96 14.72
N TYR A 48 -18.19 -31.24 15.49
CA TYR A 48 -18.67 -30.68 16.76
C TYR A 48 -18.72 -29.18 16.60
N LYS A 49 -19.90 -28.61 16.87
CA LYS A 49 -20.24 -27.22 16.48
C LYS A 49 -20.67 -26.33 17.63
N ASP A 50 -21.11 -26.90 18.76
CA ASP A 50 -21.21 -26.10 20.00
C ASP A 50 -19.80 -25.67 20.29
N GLY A 51 -19.59 -24.58 20.99
CA GLY A 51 -18.20 -24.18 21.28
C GLY A 51 -17.79 -24.49 22.72
N LYS A 52 -18.33 -25.56 23.30
CA LYS A 52 -18.19 -25.79 24.73
C LYS A 52 -16.91 -26.62 24.98
N TRP A 53 -16.89 -27.87 24.52
CA TRP A 53 -15.83 -28.81 24.82
C TRP A 53 -14.48 -28.46 24.22
N LYS A 54 -13.42 -28.64 24.99
CA LYS A 54 -12.07 -28.31 24.63
C LYS A 54 -11.12 -29.42 25.11
N VAL A 55 -9.85 -29.27 24.72
CA VAL A 55 -8.80 -30.17 25.13
C VAL A 55 -7.84 -29.34 25.95
N LEU A 56 -7.47 -29.89 27.12
CA LEU A 56 -6.37 -29.37 27.91
C LEU A 56 -5.10 -30.12 27.59
N MET A 57 -4.16 -29.48 26.91
CA MET A 57 -2.86 -30.05 26.71
C MET A 57 -1.89 -29.66 27.85
N ILE A 58 -1.15 -30.64 28.36
CA ILE A 58 -0.08 -30.42 29.32
C ILE A 58 1.22 -30.76 28.59
N ALA A 59 2.04 -29.73 28.46
CA ALA A 59 3.22 -29.73 27.64
C ALA A 59 4.43 -29.58 28.53
N ALA A 60 5.55 -30.05 28.00
CA ALA A 60 6.82 -30.03 28.70
C ALA A 60 7.42 -28.63 28.62
N GLU A 61 8.06 -28.21 29.70
CA GLU A 61 8.67 -26.87 29.78
C GLU A 61 10.18 -26.93 30.06
N GLU A 62 10.71 -28.12 30.29
CA GLU A 62 12.15 -28.33 30.38
C GLU A 62 12.60 -29.07 29.14
N ARG A 63 13.65 -28.58 28.49
CA ARG A 63 14.25 -29.20 27.31
C ARG A 63 15.38 -30.20 27.65
N TYR A 64 16.04 -30.08 28.80
CA TYR A 64 17.25 -30.92 29.09
C TYR A 64 17.02 -32.09 30.04
N VAL A 65 17.32 -33.29 29.55
CA VAL A 65 17.27 -34.51 30.35
C VAL A 65 18.69 -34.91 30.78
N LEU A 66 18.93 -35.04 32.07
CA LEU A 66 20.24 -35.45 32.52
C LEU A 66 20.33 -36.96 32.38
N LEU A 67 21.44 -37.43 31.83
CA LEU A 67 21.62 -38.83 31.49
C LEU A 67 22.63 -39.55 32.40
N GLU A 68 22.56 -40.88 32.42
CA GLU A 68 23.45 -41.72 33.23
C GLU A 68 24.94 -41.32 33.22
N ASN A 69 25.43 -40.78 32.11
CA ASN A 69 26.85 -40.45 31.90
C ASN A 69 27.20 -39.00 32.11
N GLY A 70 26.28 -38.20 32.64
CA GLY A 70 26.51 -36.77 32.87
C GLY A 70 26.17 -35.83 31.72
N LYS A 71 25.95 -36.38 30.53
CA LYS A 71 25.57 -35.51 29.39
C LYS A 71 24.09 -35.19 29.47
N MET A 72 23.70 -34.12 28.80
CA MET A 72 22.29 -33.74 28.73
C MET A 72 21.76 -33.89 27.34
N PHE A 73 20.57 -34.48 27.25
CA PHE A 73 19.86 -34.60 25.99
C PHE A 73 19.07 -33.34 25.77
N SER A 74 19.37 -32.61 24.70
CA SER A 74 18.54 -31.49 24.27
C SER A 74 17.35 -32.04 23.53
N THR A 75 16.16 -31.96 24.14
CA THR A 75 14.96 -32.56 23.58
C THR A 75 13.80 -31.57 23.58
N GLY A 76 12.70 -31.92 24.23
CA GLY A 76 11.46 -31.13 24.29
C GLY A 76 10.30 -32.06 23.98
N ASN A 77 9.08 -31.54 23.81
CA ASN A 77 7.98 -32.36 23.27
C ASN A 77 8.26 -32.62 21.77
N HIS A 78 7.89 -33.81 21.29
CA HIS A 78 7.97 -34.15 19.89
C HIS A 78 6.87 -33.39 19.09
N PRO A 79 7.26 -32.62 18.06
CA PRO A 79 6.30 -31.71 17.46
C PRO A 79 5.24 -32.41 16.66
N VAL A 80 5.55 -33.59 16.11
CA VAL A 80 4.54 -34.43 15.44
C VAL A 80 3.53 -35.05 16.41
N GLU A 81 4.00 -35.58 17.53
CA GLU A 81 3.14 -36.19 18.52
C GLU A 81 2.24 -35.17 19.13
N MET A 82 2.76 -33.96 19.27
CA MET A 82 1.95 -32.85 19.69
C MET A 82 0.94 -32.46 18.64
N LEU A 83 1.43 -32.00 17.48
CA LEU A 83 0.62 -31.12 16.61
C LEU A 83 -0.34 -31.87 15.67
N LEU A 84 -0.01 -33.10 15.33
CA LEU A 84 -0.85 -33.85 14.45
C LEU A 84 -2.14 -34.25 15.15
N PRO A 85 -2.08 -34.76 16.40
CA PRO A 85 -3.35 -35.09 17.04
C PRO A 85 -4.22 -33.86 17.27
N LEU A 86 -3.61 -32.74 17.62
CA LEU A 86 -4.33 -31.50 17.78
C LEU A 86 -4.93 -31.00 16.45
N HIS A 87 -4.27 -31.25 15.32
CA HIS A 87 -4.89 -30.89 14.02
C HIS A 87 -6.24 -31.58 13.84
N HIS A 88 -6.27 -32.89 14.01
CA HIS A 88 -7.51 -33.69 13.98
C HIS A 88 -8.59 -33.14 14.90
N LEU A 89 -8.23 -32.86 16.14
CA LEU A 89 -9.20 -32.42 17.15
C LEU A 89 -9.69 -31.00 16.88
N MET A 90 -8.77 -30.13 16.46
CA MET A 90 -9.14 -28.75 16.14
C MET A 90 -10.04 -28.70 14.92
N GLU A 91 -9.70 -29.47 13.87
CA GLU A 91 -10.52 -29.58 12.68
C GLU A 91 -11.91 -30.16 12.98
N ALA A 92 -12.00 -31.02 13.97
CA ALA A 92 -13.30 -31.57 14.40
C ALA A 92 -14.18 -30.56 15.14
N GLY A 93 -13.60 -29.43 15.52
CA GLY A 93 -14.27 -28.41 16.27
C GLY A 93 -13.91 -28.26 17.73
N PHE A 94 -12.86 -28.91 18.20
CA PHE A 94 -12.51 -28.73 19.61
C PHE A 94 -11.36 -27.74 19.71
N ASP A 95 -11.53 -26.65 20.46
CA ASP A 95 -10.43 -25.71 20.79
C ASP A 95 -9.44 -26.37 21.80
N VAL A 96 -8.21 -25.83 21.91
CA VAL A 96 -7.21 -26.37 22.83
C VAL A 96 -6.49 -25.27 23.62
N ASP A 97 -6.29 -25.56 24.91
CA ASP A 97 -5.58 -24.68 25.82
C ASP A 97 -4.32 -25.41 26.28
N VAL A 98 -3.22 -24.67 26.33
CA VAL A 98 -1.92 -25.21 26.71
C VAL A 98 -1.59 -24.85 28.16
N ALA A 99 -1.17 -25.84 28.93
CA ALA A 99 -0.62 -25.59 30.25
C ALA A 99 0.75 -26.27 30.43
N THR A 100 1.57 -25.65 31.27
CA THR A 100 2.79 -26.22 31.75
C THR A 100 2.77 -26.09 33.26
N LEU A 101 3.78 -26.65 33.91
CA LEU A 101 3.78 -26.69 35.35
C LEU A 101 4.09 -25.34 36.00
N SER A 102 4.73 -24.44 35.28
CA SER A 102 5.02 -23.13 35.83
C SER A 102 4.55 -22.01 34.95
N GLY A 103 3.93 -22.32 33.82
CA GLY A 103 3.61 -21.29 32.87
C GLY A 103 4.81 -20.81 32.08
N TYR A 104 5.92 -21.54 32.10
CA TYR A 104 7.05 -21.23 31.23
C TYR A 104 6.68 -21.64 29.79
N PRO A 105 7.41 -21.13 28.77
CA PRO A 105 7.18 -21.54 27.38
C PRO A 105 7.41 -23.04 27.14
N VAL A 106 6.67 -23.58 26.17
CA VAL A 106 6.74 -24.96 25.79
C VAL A 106 8.02 -25.21 25.03
N LYS A 107 8.73 -26.27 25.42
CA LYS A 107 9.96 -26.68 24.77
C LYS A 107 9.65 -27.79 23.76
N LEU A 108 9.81 -27.50 22.47
CA LEU A 108 9.67 -28.50 21.41
C LEU A 108 11.03 -29.00 20.93
N GLU A 109 11.02 -30.22 20.40
CA GLU A 109 12.16 -30.80 19.71
C GLU A 109 12.11 -30.23 18.30
N LEU A 110 12.70 -29.06 18.11
CA LEU A 110 12.53 -28.35 16.86
C LEU A 110 13.19 -29.01 15.66
N TRP A 111 14.26 -29.78 15.93
CA TRP A 111 14.86 -30.70 14.99
C TRP A 111 14.00 -31.86 14.45
N ALA A 112 12.85 -32.11 15.03
CA ALA A 112 11.93 -33.13 14.53
C ALA A 112 10.77 -32.49 13.74
N MET A 113 10.72 -31.15 13.75
CA MET A 113 9.66 -30.38 13.09
C MET A 113 9.64 -30.69 11.60
N PRO A 114 8.55 -31.29 11.08
CA PRO A 114 8.48 -31.58 9.66
C PRO A 114 8.11 -30.28 8.87
N THR A 115 9.15 -29.61 8.34
CA THR A 115 9.02 -28.24 7.80
C THR A 115 8.10 -28.15 6.59
N GLU A 116 8.12 -29.20 5.78
CA GLU A 116 7.29 -29.29 4.57
C GLU A 116 5.82 -29.70 4.78
N ASP A 117 5.42 -30.09 6.00
CA ASP A 117 4.07 -30.63 6.26
C ASP A 117 3.08 -29.47 6.53
N GLU A 118 2.17 -29.17 5.59
CA GLU A 118 1.17 -28.09 5.81
C GLU A 118 0.34 -28.30 7.07
N ALA A 119 -0.17 -29.52 7.32
CA ALA A 119 -1.00 -29.79 8.53
C ALA A 119 -0.32 -29.39 9.83
N VAL A 120 0.92 -29.83 10.00
CA VAL A 120 1.66 -29.64 11.23
C VAL A 120 2.14 -28.18 11.38
N ILE A 121 2.73 -27.60 10.34
CA ILE A 121 3.13 -26.18 10.40
C ILE A 121 1.90 -25.30 10.65
N SER A 122 0.78 -25.59 9.99
CA SER A 122 -0.41 -24.78 10.16
C SER A 122 -0.85 -24.82 11.63
N THR A 123 -1.01 -26.03 12.17
CA THR A 123 -1.40 -26.21 13.57
C THR A 123 -0.43 -25.48 14.54
N TYR A 124 0.89 -25.54 14.27
CA TYR A 124 1.92 -24.84 15.07
C TYR A 124 1.69 -23.32 15.13
N ASN A 125 1.62 -22.68 13.96
CA ASN A 125 1.35 -21.23 13.87
C ASN A 125 0.04 -20.78 14.57
N LYS A 126 -1.05 -21.55 14.54
CA LYS A 126 -2.24 -21.22 15.36
C LYS A 126 -1.91 -21.27 16.83
N LEU A 127 -1.08 -22.22 17.24
CA LEU A 127 -0.83 -22.44 18.66
C LEU A 127 0.34 -21.66 19.22
N LYS A 128 1.23 -21.17 18.34
CA LYS A 128 2.35 -20.31 18.71
C LYS A 128 2.06 -19.39 19.91
N GLU A 129 1.04 -18.54 19.83
CA GLU A 129 0.75 -17.63 20.96
C GLU A 129 0.68 -18.40 22.31
N LYS A 130 -0.10 -19.46 22.33
CA LYS A 130 -0.33 -20.26 23.54
C LYS A 130 0.86 -21.13 23.98
N LEU A 131 1.62 -21.64 23.03
CA LEU A 131 2.82 -22.39 23.35
C LEU A 131 3.87 -21.49 24.03
N LYS A 132 3.94 -20.22 23.62
CA LYS A 132 4.91 -19.27 24.20
C LYS A 132 4.45 -18.65 25.56
N GLN A 133 3.13 -18.60 25.78
CA GLN A 133 2.57 -18.12 27.04
C GLN A 133 1.45 -19.04 27.52
N PRO A 134 1.81 -20.20 28.04
CA PRO A 134 0.78 -21.14 28.42
C PRO A 134 0.11 -20.74 29.72
N LYS A 135 -1.03 -21.35 30.01
CA LYS A 135 -1.61 -21.21 31.34
C LYS A 135 -0.73 -21.96 32.33
N LYS A 136 -0.93 -21.75 33.62
CA LYS A 136 -0.21 -22.49 34.65
C LYS A 136 -1.14 -23.62 35.14
N LEU A 137 -0.63 -24.85 35.19
CA LEU A 137 -1.52 -25.96 35.50
C LEU A 137 -2.28 -25.79 36.84
N ALA A 138 -1.65 -25.25 37.87
CA ALA A 138 -2.33 -25.06 39.15
C ALA A 138 -3.43 -23.98 39.10
N ASP A 139 -3.23 -22.91 38.33
CA ASP A 139 -4.30 -21.92 38.08
C ASP A 139 -5.47 -22.62 37.42
N VAL A 140 -5.19 -23.48 36.45
CA VAL A 140 -6.19 -24.35 35.78
C VAL A 140 -6.90 -25.25 36.79
N ILE A 141 -6.13 -25.92 37.64
CA ILE A 141 -6.72 -26.77 38.70
C ILE A 141 -7.70 -25.97 39.58
N LYS A 142 -7.33 -24.73 39.92
CA LYS A 142 -8.11 -23.91 40.83
C LYS A 142 -9.37 -23.31 40.20
N ASN A 143 -9.36 -23.06 38.89
CA ASN A 143 -10.44 -22.29 38.23
C ASN A 143 -11.24 -22.98 37.13
N GLU A 144 -10.71 -24.06 36.54
CA GLU A 144 -11.25 -24.60 35.27
C GLU A 144 -11.54 -26.12 35.17
N LEU A 145 -11.33 -26.85 36.27
CA LEU A 145 -11.69 -28.26 36.40
C LEU A 145 -13.00 -28.36 37.16
N GLY A 146 -13.14 -29.29 38.11
CA GLY A 146 -14.43 -29.62 38.71
C GLY A 146 -15.35 -30.40 37.76
N PRO A 147 -16.56 -30.74 38.23
CA PRO A 147 -17.49 -31.51 37.35
C PRO A 147 -18.06 -30.74 36.13
N ASP A 148 -18.06 -29.42 36.14
CA ASP A 148 -18.53 -28.63 34.99
C ASP A 148 -17.43 -28.06 34.08
N SER A 149 -16.22 -28.59 34.20
CA SER A 149 -15.15 -28.25 33.29
C SER A 149 -15.58 -28.36 31.82
N ASP A 150 -15.14 -27.43 31.02
CA ASP A 150 -15.32 -27.53 29.59
C ASP A 150 -14.25 -28.43 28.93
N TYR A 151 -13.25 -28.90 29.70
CA TYR A 151 -12.27 -29.88 29.17
C TYR A 151 -12.86 -31.29 29.10
N LEU A 152 -12.94 -31.82 27.88
CA LEU A 152 -13.39 -33.19 27.67
C LEU A 152 -12.23 -34.20 27.76
N SER A 153 -11.03 -33.78 27.38
CA SER A 153 -9.86 -34.60 27.55
C SER A 153 -8.71 -33.79 28.07
N VAL A 154 -7.76 -34.49 28.71
CA VAL A 154 -6.39 -34.00 28.93
C VAL A 154 -5.54 -34.67 27.88
N PHE A 155 -4.61 -33.95 27.27
CA PHE A 155 -3.72 -34.51 26.28
C PHE A 155 -2.26 -34.28 26.75
N ILE A 156 -1.46 -35.35 26.89
CA ILE A 156 -0.01 -35.23 27.23
C ILE A 156 0.86 -35.80 26.08
N PRO A 157 1.48 -34.97 25.26
CA PRO A 157 2.34 -35.56 24.24
C PRO A 157 3.73 -35.98 24.73
N GLY A 158 4.37 -36.85 23.96
CA GLY A 158 5.69 -37.36 24.28
C GLY A 158 6.81 -36.45 23.81
N GLY A 159 7.85 -37.03 23.23
CA GLY A 159 9.18 -36.43 23.21
C GLY A 159 9.83 -36.87 24.51
N HIS A 160 11.15 -36.99 24.52
CA HIS A 160 11.83 -37.40 25.73
C HIS A 160 11.64 -36.42 26.92
N ALA A 161 11.24 -35.17 26.67
CA ALA A 161 11.09 -34.16 27.74
C ALA A 161 9.98 -34.42 28.72
N ALA A 162 8.98 -35.20 28.35
CA ALA A 162 7.88 -35.54 29.25
C ALA A 162 8.32 -36.30 30.53
N VAL A 163 9.41 -37.02 30.42
CA VAL A 163 10.15 -37.62 31.53
C VAL A 163 10.50 -36.68 32.72
N VAL A 164 10.53 -35.36 32.48
CA VAL A 164 11.01 -34.39 33.46
C VAL A 164 9.82 -33.61 34.05
N GLY A 165 9.78 -33.53 35.38
CA GLY A 165 8.79 -32.74 36.06
C GLY A 165 7.42 -33.38 36.05
N ILE A 166 6.78 -33.35 34.89
CA ILE A 166 5.46 -33.97 34.61
C ILE A 166 5.22 -35.40 35.16
N SER A 167 6.29 -36.18 35.18
CA SER A 167 6.36 -37.47 35.80
C SER A 167 6.48 -37.47 37.34
N GLU A 168 6.59 -36.32 37.98
CA GLU A 168 6.62 -36.29 39.47
C GLU A 168 5.94 -35.02 39.98
N SER A 169 4.73 -34.78 39.50
CA SER A 169 4.01 -33.54 39.80
C SER A 169 2.71 -33.74 40.52
N GLU A 170 2.51 -33.01 41.62
CA GLU A 170 1.23 -33.04 42.34
C GLU A 170 0.11 -32.40 41.53
N ASP A 171 0.47 -31.43 40.67
CA ASP A 171 -0.50 -30.75 39.82
C ASP A 171 -0.99 -31.75 38.74
N VAL A 172 -0.05 -32.42 38.08
CA VAL A 172 -0.44 -33.44 37.10
C VAL A 172 -1.30 -34.54 37.74
N GLN A 173 -0.91 -34.99 38.93
CA GLN A 173 -1.69 -35.95 39.72
C GLN A 173 -3.13 -35.49 39.93
N GLN A 174 -3.35 -34.30 40.48
CA GLN A 174 -4.74 -33.83 40.66
C GLN A 174 -5.45 -33.77 39.29
N THR A 175 -4.76 -33.31 38.24
CA THR A 175 -5.35 -33.26 36.91
C THR A 175 -5.86 -34.65 36.48
N LEU A 176 -5.03 -35.69 36.63
CA LEU A 176 -5.46 -37.07 36.34
C LEU A 176 -6.59 -37.58 37.26
N ASP A 177 -6.58 -37.21 38.55
CA ASP A 177 -7.68 -37.60 39.47
C ASP A 177 -8.98 -37.03 38.98
N TRP A 178 -8.97 -35.75 38.65
CA TRP A 178 -10.10 -35.07 38.06
C TRP A 178 -10.69 -35.83 36.86
N ALA A 179 -9.86 -36.25 35.90
CA ALA A 179 -10.35 -36.93 34.69
C ALA A 179 -10.99 -38.28 34.97
N LEU A 180 -10.46 -39.00 35.96
CA LEU A 180 -11.03 -40.27 36.36
C LEU A 180 -12.35 -40.04 37.00
N ASP A 181 -12.42 -39.05 37.87
CA ASP A 181 -13.58 -38.77 38.70
C ASP A 181 -14.71 -38.05 37.97
N ASN A 182 -14.41 -37.50 36.79
CA ASN A 182 -15.42 -36.86 36.01
C ASN A 182 -15.57 -37.43 34.63
N ASP A 183 -15.07 -38.65 34.42
CA ASP A 183 -15.30 -39.37 33.18
C ASP A 183 -14.76 -38.68 31.92
N ARG A 184 -13.55 -38.12 32.04
CA ARG A 184 -12.91 -37.44 30.93
C ARG A 184 -11.82 -38.32 30.33
N PHE A 185 -11.40 -37.99 29.10
CA PHE A 185 -10.37 -38.75 28.44
C PHE A 185 -9.01 -38.35 28.88
N ILE A 186 -8.12 -39.32 28.97
CA ILE A 186 -6.68 -39.05 29.10
C ILE A 186 -6.01 -39.60 27.82
N VAL A 187 -5.33 -38.75 27.08
CA VAL A 187 -4.79 -39.09 25.75
C VAL A 187 -3.33 -38.79 25.78
N THR A 188 -2.50 -39.80 25.54
CA THR A 188 -1.02 -39.66 25.66
C THR A 188 -0.28 -40.59 24.72
N LEU A 189 0.98 -40.32 24.41
CA LEU A 189 1.73 -41.25 23.55
C LEU A 189 3.24 -41.13 23.67
N CYS A 190 3.97 -42.18 23.30
CA CYS A 190 5.42 -42.14 23.38
C CYS A 190 5.86 -42.00 24.84
N HIS A 191 6.83 -41.14 25.09
CA HIS A 191 7.29 -40.95 26.46
C HIS A 191 6.31 -40.19 27.34
N GLY A 192 5.26 -39.64 26.75
CA GLY A 192 4.17 -38.99 27.48
C GLY A 192 3.55 -39.75 28.64
N PRO A 193 3.30 -41.06 28.49
CA PRO A 193 2.81 -41.87 29.61
C PRO A 193 3.64 -41.82 30.88
N ALA A 194 4.85 -41.30 30.82
CA ALA A 194 5.62 -41.04 32.01
C ALA A 194 4.85 -40.14 32.97
N ALA A 195 4.04 -39.23 32.41
CA ALA A 195 3.08 -38.39 33.18
C ALA A 195 2.13 -39.17 34.05
N LEU A 196 1.82 -40.38 33.64
CA LEU A 196 0.91 -41.22 34.42
C LEU A 196 1.55 -41.72 35.74
N LEU A 197 2.88 -41.72 35.81
CA LEU A 197 3.54 -42.08 37.06
C LEU A 197 3.17 -41.07 38.19
N SER A 198 2.80 -39.84 37.82
CA SER A 198 2.29 -38.90 38.80
C SER A 198 1.01 -39.32 39.54
N ALA A 199 0.19 -40.18 38.94
CA ALA A 199 -0.99 -40.67 39.68
C ALA A 199 -0.59 -41.49 40.91
N GLY A 200 0.63 -42.04 40.91
CA GLY A 200 1.12 -42.84 42.03
C GLY A 200 1.90 -42.11 43.13
N LEU A 201 2.09 -40.80 43.00
CA LEU A 201 2.81 -39.99 43.99
C LEU A 201 2.20 -40.09 45.34
N ASN A 202 3.04 -40.42 46.33
CA ASN A 202 2.68 -40.47 47.73
C ASN A 202 1.51 -41.38 47.97
N ARG A 203 1.44 -42.49 47.22
CA ARG A 203 0.36 -43.45 47.40
C ARG A 203 0.87 -44.89 47.25
N GLU A 204 0.44 -45.83 48.09
CA GLU A 204 0.72 -47.22 47.81
C GLU A 204 0.16 -47.72 46.47
N LYS A 205 -1.04 -47.31 46.09
CA LYS A 205 -1.72 -47.86 44.91
C LYS A 205 -2.17 -46.72 44.00
N SER A 206 -1.59 -46.67 42.81
CA SER A 206 -2.07 -45.74 41.79
C SER A 206 -3.50 -46.04 41.33
N PRO A 207 -4.35 -45.00 41.22
CA PRO A 207 -5.69 -45.17 40.59
C PRO A 207 -5.65 -45.72 39.16
N LEU A 208 -4.57 -45.51 38.44
CA LEU A 208 -4.36 -46.13 37.12
C LEU A 208 -3.80 -47.56 37.14
N GLU A 209 -3.92 -48.26 38.26
CA GLU A 209 -3.46 -49.64 38.34
C GLU A 209 -4.37 -50.54 37.55
N GLY A 210 -3.77 -51.51 36.86
CA GLY A 210 -4.49 -52.41 36.01
C GLY A 210 -4.73 -51.85 34.61
N TYR A 211 -4.39 -50.58 34.32
CA TYR A 211 -4.69 -49.98 33.02
C TYR A 211 -3.63 -50.43 32.04
N SER A 212 -4.02 -50.62 30.80
CA SER A 212 -3.12 -51.09 29.78
C SER A 212 -2.75 -49.94 28.87
N VAL A 213 -1.44 -49.88 28.57
CA VAL A 213 -0.92 -48.76 27.80
C VAL A 213 0.14 -49.15 26.78
N CYS A 214 0.24 -48.32 25.75
CA CYS A 214 1.36 -48.30 24.83
C CYS A 214 2.37 -47.25 25.28
N VAL A 215 3.63 -47.63 25.27
CA VAL A 215 4.73 -46.79 25.73
C VAL A 215 5.93 -47.06 24.84
N PHE A 216 6.76 -46.05 24.66
CA PHE A 216 8.01 -46.22 23.95
C PHE A 216 8.77 -47.29 24.68
N PRO A 217 9.30 -48.28 23.94
CA PRO A 217 9.98 -49.41 24.54
C PRO A 217 11.35 -49.17 25.19
N ASP A 218 11.56 -49.87 26.30
CA ASP A 218 12.86 -49.96 26.95
C ASP A 218 14.03 -50.39 26.00
N SER A 219 13.84 -51.48 25.24
CA SER A 219 14.88 -52.00 24.32
C SER A 219 15.43 -50.96 23.30
N LEU A 220 14.58 -50.10 22.74
CA LEU A 220 15.05 -49.03 21.82
C LEU A 220 15.81 -47.90 22.48
N ASP A 221 15.29 -47.39 23.60
CA ASP A 221 16.06 -46.39 24.39
C ASP A 221 17.42 -46.94 24.93
N GLU A 222 17.45 -48.19 25.38
CA GLU A 222 18.69 -48.76 25.95
C GLU A 222 19.68 -49.18 24.84
N GLY A 223 19.22 -49.34 23.60
CA GLY A 223 20.00 -50.00 22.55
C GLY A 223 20.16 -49.15 21.31
N ALA A 224 19.20 -49.26 20.38
CA ALA A 224 19.32 -48.59 19.07
C ALA A 224 19.51 -47.09 19.19
N ASN A 225 18.74 -46.43 20.04
CA ASN A 225 18.86 -44.98 20.20
C ASN A 225 20.23 -44.54 20.65
N ILE A 226 20.90 -45.35 21.48
CA ILE A 226 22.28 -45.07 21.88
C ILE A 226 23.29 -45.31 20.72
N GLU A 227 23.16 -46.43 20.02
CA GLU A 227 24.13 -46.81 19.01
C GLU A 227 24.16 -45.93 17.77
N ILE A 228 23.03 -45.29 17.40
CA ILE A 228 23.08 -44.27 16.31
C ILE A 228 23.18 -42.82 16.75
N GLY A 229 23.37 -42.61 18.06
CA GLY A 229 23.58 -41.27 18.59
C GLY A 229 22.37 -40.36 18.53
N TYR A 230 21.17 -40.95 18.62
CA TYR A 230 19.97 -40.19 18.99
C TYR A 230 20.04 -39.70 20.44
N LEU A 231 20.25 -40.61 21.38
CA LEU A 231 20.59 -40.25 22.75
C LEU A 231 22.12 -40.17 22.84
N PRO A 232 22.66 -39.18 23.57
CA PRO A 232 24.06 -39.13 23.86
C PRO A 232 24.48 -39.90 25.14
N GLY A 233 23.52 -40.61 25.76
CA GLY A 233 23.78 -41.54 26.85
C GLY A 233 22.49 -42.17 27.36
N ARG A 234 22.63 -43.08 28.31
CA ARG A 234 21.48 -43.81 28.84
C ARG A 234 20.57 -42.98 29.74
N LEU A 235 19.28 -43.22 29.63
CA LEU A 235 18.35 -42.71 30.61
C LEU A 235 18.60 -43.41 31.96
N LYS A 236 18.46 -42.61 33.01
CA LYS A 236 18.62 -43.11 34.38
C LYS A 236 17.48 -44.06 34.77
N TRP A 237 16.29 -43.81 34.29
CA TRP A 237 15.19 -44.76 34.44
C TRP A 237 14.43 -44.83 33.13
N LEU A 238 13.60 -45.85 32.98
CA LEU A 238 12.83 -46.11 31.77
C LEU A 238 11.36 -46.12 32.13
N VAL A 239 10.56 -45.57 31.22
CA VAL A 239 9.18 -45.27 31.48
C VAL A 239 8.39 -46.58 31.58
N ALA A 240 8.52 -47.47 30.60
CA ALA A 240 7.79 -48.76 30.60
C ALA A 240 8.08 -49.53 31.87
N ASP A 241 9.34 -49.51 32.25
CA ASP A 241 9.79 -50.12 33.48
C ASP A 241 9.13 -49.51 34.72
N LEU A 242 9.17 -48.19 34.90
CA LEU A 242 8.50 -47.61 36.07
C LEU A 242 6.97 -47.83 36.06
N LEU A 243 6.30 -47.70 34.90
CA LEU A 243 4.84 -47.92 34.83
C LEU A 243 4.47 -49.34 35.17
N THR A 244 5.25 -50.29 34.67
CA THR A 244 5.09 -51.68 35.06
C THR A 244 5.25 -51.83 36.58
N LYS A 245 6.17 -51.09 37.19
CA LYS A 245 6.33 -51.19 38.65
C LYS A 245 5.17 -50.60 39.39
N GLN A 246 4.49 -49.59 38.85
CA GLN A 246 3.25 -49.09 39.45
C GLN A 246 2.02 -49.95 39.13
N GLY A 247 2.18 -51.02 38.37
CA GLY A 247 1.10 -51.95 38.02
C GLY A 247 0.27 -51.60 36.78
N LEU A 248 0.81 -50.86 35.83
CA LEU A 248 0.09 -50.70 34.56
C LEU A 248 0.55 -51.80 33.68
N LYS A 249 -0.23 -52.20 32.72
CA LYS A 249 0.21 -53.25 31.83
C LYS A 249 0.69 -52.64 30.55
N VAL A 250 1.98 -52.76 30.32
CA VAL A 250 2.65 -52.30 29.10
C VAL A 250 2.52 -53.38 28.01
N VAL A 251 1.90 -52.96 26.92
CA VAL A 251 1.22 -53.86 26.02
C VAL A 251 2.14 -54.22 24.82
N ASN A 252 3.16 -53.40 24.56
CA ASN A 252 4.03 -53.49 23.38
C ASN A 252 5.49 -53.59 23.82
N ASP A 253 6.29 -54.28 23.03
CA ASP A 253 7.76 -54.29 23.25
C ASP A 253 8.54 -53.73 22.04
N ASP A 254 7.80 -53.16 21.09
CA ASP A 254 8.35 -52.67 19.82
C ASP A 254 7.68 -51.35 19.47
N MET A 255 8.20 -50.71 18.43
CA MET A 255 7.68 -49.46 17.89
C MET A 255 7.08 -49.73 16.50
N THR A 256 5.75 -49.70 16.39
CA THR A 256 5.06 -49.91 15.11
C THR A 256 3.87 -49.00 14.83
N GLY A 257 3.60 -48.00 15.66
CA GLY A 257 2.43 -47.11 15.46
C GLY A 257 1.12 -47.61 16.02
N ARG A 258 1.25 -48.58 16.89
CA ARG A 258 0.15 -49.18 17.63
C ARG A 258 -0.49 -48.18 18.58
N THR A 259 -1.81 -48.26 18.68
CA THR A 259 -2.63 -47.47 19.58
C THR A 259 -3.49 -48.41 20.44
N LEU A 260 -3.98 -47.92 21.57
CA LEU A 260 -4.86 -48.74 22.40
C LEU A 260 -5.84 -47.85 23.10
N LYS A 261 -7.06 -48.34 23.25
CA LYS A 261 -8.01 -47.72 24.14
C LYS A 261 -8.31 -48.70 25.27
N ASP A 262 -8.15 -48.23 26.49
CA ASP A 262 -8.58 -48.94 27.68
C ASP A 262 -9.44 -47.97 28.50
N ARG A 263 -10.75 -48.24 28.55
CA ARG A 263 -11.76 -47.30 29.10
C ARG A 263 -11.55 -45.92 28.43
N LYS A 264 -11.25 -44.86 29.18
CA LYS A 264 -11.01 -43.54 28.57
C LYS A 264 -9.53 -43.11 28.51
N LEU A 265 -8.62 -44.09 28.61
CA LEU A 265 -7.19 -43.84 28.50
C LEU A 265 -6.82 -44.29 27.10
N LEU A 266 -6.40 -43.36 26.23
CA LEU A 266 -6.05 -43.68 24.86
C LEU A 266 -4.58 -43.44 24.73
N THR A 267 -3.83 -44.44 24.29
CA THR A 267 -2.39 -44.28 24.05
C THR A 267 -1.91 -44.74 22.67
N GLY A 268 -0.71 -44.29 22.35
CA GLY A 268 0.06 -44.74 21.22
C GLY A 268 1.49 -44.98 21.68
N ASP A 269 2.23 -45.73 20.87
CA ASP A 269 3.50 -46.28 21.27
C ASP A 269 4.70 -45.43 20.91
N SER A 270 4.52 -44.43 20.05
CA SER A 270 5.64 -43.71 19.44
C SER A 270 5.20 -42.62 18.46
N PRO A 271 6.15 -41.82 17.88
CA PRO A 271 5.74 -40.85 16.83
C PRO A 271 4.97 -41.48 15.66
N LEU A 272 5.29 -42.73 15.31
CA LEU A 272 4.53 -43.48 14.30
C LEU A 272 3.01 -43.50 14.56
N ALA A 273 2.59 -43.49 15.83
CA ALA A 273 1.16 -43.58 16.20
C ALA A 273 0.41 -42.29 16.12
N SER A 274 1.11 -41.18 15.87
CA SER A 274 0.53 -39.84 16.03
C SER A 274 -0.77 -39.65 15.26
N ASN A 275 -0.72 -39.98 13.98
CA ASN A 275 -1.88 -39.79 13.14
C ASN A 275 -3.07 -40.64 13.55
N GLU A 276 -2.86 -41.93 13.82
CA GLU A 276 -3.94 -42.83 14.27
C GLU A 276 -4.48 -42.48 15.66
N LEU A 277 -3.67 -41.86 16.49
CA LEU A 277 -4.13 -41.45 17.80
C LEU A 277 -5.08 -40.24 17.74
N GLY A 278 -4.74 -39.23 16.93
CA GLY A 278 -5.65 -38.11 16.65
C GLY A 278 -6.99 -38.61 16.18
N LYS A 279 -6.94 -39.52 15.21
CA LYS A 279 -8.17 -40.17 14.74
C LYS A 279 -8.91 -40.86 15.85
N LEU A 280 -8.17 -41.63 16.66
CA LEU A 280 -8.79 -42.34 17.77
C LEU A 280 -9.38 -41.36 18.82
N ALA A 281 -8.66 -40.30 19.21
CA ALA A 281 -9.22 -39.30 20.15
C ALA A 281 -10.47 -38.69 19.62
N VAL A 282 -10.45 -38.26 18.37
CA VAL A 282 -11.58 -37.57 17.80
C VAL A 282 -12.83 -38.43 17.79
N ASN A 283 -12.68 -39.71 17.37
CA ASN A 283 -13.81 -40.65 17.31
C ASN A 283 -14.37 -40.92 18.69
N GLU A 284 -13.48 -41.13 19.66
CA GLU A 284 -13.91 -41.42 21.04
C GLU A 284 -14.69 -40.28 21.66
N MET A 285 -14.20 -39.07 21.44
CA MET A 285 -14.81 -37.85 22.00
C MET A 285 -16.15 -37.56 21.33
N LEU A 286 -16.21 -37.71 19.99
CA LEU A 286 -17.48 -37.54 19.26
C LEU A 286 -18.51 -38.58 19.72
N ASN A 287 -18.05 -39.79 19.96
CA ASN A 287 -18.90 -40.87 20.45
C ASN A 287 -19.38 -40.60 21.88
N ALA A 288 -18.51 -40.07 22.74
CA ALA A 288 -18.92 -39.71 24.09
C ALA A 288 -19.98 -38.59 24.12
N ILE A 289 -19.87 -37.61 23.21
CA ILE A 289 -20.85 -36.50 23.08
C ILE A 289 -22.23 -37.00 22.61
N GLN A 290 -22.22 -37.95 21.68
CA GLN A 290 -23.40 -38.62 21.17
C GLN A 290 -24.04 -39.56 22.23
N ASN A 291 -23.23 -40.11 23.14
CA ASN A 291 -23.73 -40.88 24.32
C ASN A 291 -24.57 -40.04 25.32
N LYS A 292 -24.30 -38.75 25.43
CA LYS A 292 -25.06 -37.92 26.37
C LYS A 292 -26.29 -37.28 25.71
N LEU A 293 -26.90 -37.96 24.74
CA LEU A 293 -28.22 -37.59 24.16
C LEU A 293 -28.82 -38.73 23.33
N VAL B 5 38.00 -6.34 14.83
CA VAL B 5 37.34 -6.57 16.17
C VAL B 5 36.34 -5.45 16.55
N ASN B 6 36.11 -4.48 15.65
CA ASN B 6 34.99 -3.53 15.74
C ASN B 6 34.15 -3.61 14.46
N GLU B 7 34.31 -4.74 13.77
CA GLU B 7 33.48 -5.14 12.65
C GLU B 7 32.43 -6.18 13.05
N LEU B 8 32.41 -6.60 14.31
CA LEU B 8 31.56 -7.69 14.76
C LEU B 8 30.10 -7.28 14.67
N SER B 9 29.23 -8.25 14.39
CA SER B 9 27.84 -7.93 14.08
C SER B 9 27.14 -7.35 15.30
N LYS B 10 26.25 -6.42 15.01
CA LYS B 10 25.42 -5.80 16.03
C LYS B 10 24.07 -6.54 16.14
N GLN B 11 23.83 -7.46 15.22
CA GLN B 11 22.60 -8.25 15.17
C GLN B 11 22.67 -9.39 16.19
N PRO B 12 21.57 -9.68 16.89
CA PRO B 12 21.55 -10.84 17.77
C PRO B 12 21.79 -12.16 17.00
N THR B 13 22.50 -13.12 17.61
CA THR B 13 22.76 -14.44 16.98
C THR B 13 21.59 -15.40 17.33
N PRO B 14 21.01 -16.11 16.35
CA PRO B 14 19.88 -17.01 16.73
C PRO B 14 20.32 -18.23 17.53
N ASP B 15 19.45 -18.66 18.45
CA ASP B 15 19.58 -19.89 19.27
C ASP B 15 18.80 -20.98 18.54
N LYS B 16 19.50 -21.95 17.96
CA LYS B 16 18.87 -22.99 17.11
C LYS B 16 18.00 -23.99 17.89
N ALA B 17 18.18 -24.07 19.22
CA ALA B 17 17.33 -24.89 20.09
C ALA B 17 15.93 -24.39 20.24
N GLU B 18 15.69 -23.11 19.93
CA GLU B 18 14.40 -22.47 20.20
C GLU B 18 13.86 -21.63 19.03
N ASP B 19 12.53 -21.46 18.99
CA ASP B 19 11.86 -20.71 17.94
C ASP B 19 12.00 -19.22 18.25
N ASN B 20 12.53 -18.46 17.28
CA ASN B 20 12.53 -17.01 17.31
C ASN B 20 13.14 -16.47 18.64
N ALA B 21 14.32 -17.03 18.95
CA ALA B 21 15.08 -16.75 20.17
C ALA B 21 16.53 -16.46 19.82
N PHE B 22 17.12 -15.53 20.59
CA PHE B 22 18.38 -14.92 20.19
C PHE B 22 19.36 -14.74 21.35
N PHE B 23 20.58 -15.23 21.18
CA PHE B 23 21.71 -14.85 22.01
C PHE B 23 22.07 -13.36 21.81
N PRO B 24 22.87 -12.79 22.72
CA PRO B 24 23.33 -11.43 22.45
C PRO B 24 24.30 -11.34 21.24
N SER B 25 24.21 -10.23 20.52
CA SER B 25 25.11 -9.95 19.41
C SER B 25 26.61 -10.14 19.75
N PRO B 26 27.38 -10.65 18.76
CA PRO B 26 28.84 -10.82 18.88
C PRO B 26 29.57 -9.55 19.27
N TYR B 27 29.07 -8.39 18.83
CA TYR B 27 29.61 -7.12 19.30
C TYR B 27 29.34 -6.92 20.79
N SER B 28 28.08 -7.09 21.22
CA SER B 28 27.74 -6.85 22.62
C SER B 28 28.53 -7.75 23.58
N LEU B 29 28.81 -8.98 23.15
CA LEU B 29 29.66 -9.87 23.95
C LEU B 29 31.08 -9.32 24.15
N SER B 30 31.60 -8.56 23.19
CA SER B 30 32.90 -7.82 23.33
C SER B 30 32.88 -6.70 24.36
N GLN B 31 31.76 -5.97 24.46
CA GLN B 31 31.67 -4.87 25.42
C GLN B 31 31.26 -5.31 26.83
N TYR B 32 30.42 -6.35 26.95
CA TYR B 32 29.87 -6.74 28.25
C TYR B 32 30.42 -8.04 28.90
N THR B 33 31.22 -8.81 28.15
CA THR B 33 31.83 -10.02 28.72
C THR B 33 33.33 -10.01 28.45
N ALA B 34 34.05 -10.89 29.13
CA ALA B 34 35.49 -10.84 29.17
C ALA B 34 35.96 -12.20 29.53
N PRO B 35 37.14 -12.62 29.05
CA PRO B 35 37.56 -13.98 29.49
C PRO B 35 37.97 -14.10 30.97
N LYS B 36 38.22 -12.98 31.64
CA LYS B 36 38.65 -12.92 33.05
C LYS B 36 37.90 -11.83 33.80
N THR B 37 37.72 -12.04 35.10
CA THR B 37 37.03 -11.11 35.96
C THR B 37 38.05 -10.26 36.70
N ASP B 38 37.58 -9.24 37.38
CA ASP B 38 38.44 -8.40 38.19
C ASP B 38 38.89 -9.03 39.54
N PHE B 39 38.53 -10.28 39.78
CA PHE B 39 38.87 -10.99 41.02
C PHE B 39 40.37 -11.05 41.29
N ASP B 40 40.77 -10.59 42.49
CA ASP B 40 42.17 -10.77 42.94
C ASP B 40 42.25 -11.14 44.43
N GLY B 41 41.81 -12.36 44.74
CA GLY B 41 42.00 -13.00 46.06
C GLY B 41 40.80 -12.90 47.00
N VAL B 42 40.68 -13.88 47.88
CA VAL B 42 39.64 -13.88 48.92
C VAL B 42 40.23 -13.31 50.20
N GLU B 43 39.42 -12.58 50.96
CA GLU B 43 39.84 -12.05 52.24
C GLU B 43 39.90 -13.10 53.37
N HIS B 44 38.86 -13.92 53.52
CA HIS B 44 38.72 -14.76 54.73
C HIS B 44 38.82 -16.28 54.53
N LYS B 45 39.84 -16.70 53.78
CA LYS B 45 40.17 -18.12 53.53
C LYS B 45 40.09 -18.95 54.84
N GLY B 46 38.99 -19.68 55.04
CA GLY B 46 38.83 -20.59 56.16
C GLY B 46 38.49 -19.99 57.53
N ALA B 47 37.93 -18.78 57.53
CA ALA B 47 37.54 -18.06 58.75
C ALA B 47 36.46 -18.78 59.58
N TYR B 48 35.40 -19.25 58.91
CA TYR B 48 34.36 -20.07 59.52
C TYR B 48 34.72 -21.55 59.41
N LYS B 49 34.53 -22.28 60.50
CA LYS B 49 35.03 -23.66 60.62
C LYS B 49 34.06 -24.70 61.23
N ASP B 50 32.91 -24.31 61.75
CA ASP B 50 32.01 -25.28 62.44
C ASP B 50 31.26 -26.18 61.46
N GLY B 51 31.24 -25.80 60.18
CA GLY B 51 30.53 -26.56 59.15
C GLY B 51 29.01 -26.55 59.20
N LYS B 52 28.38 -25.65 59.97
CA LYS B 52 26.92 -25.59 60.10
C LYS B 52 26.26 -24.59 59.16
N TRP B 53 26.69 -23.34 59.19
CA TRP B 53 26.09 -22.28 58.35
C TRP B 53 26.32 -22.47 56.84
N LYS B 54 25.23 -22.32 56.09
CA LYS B 54 25.15 -22.63 54.65
C LYS B 54 24.44 -21.50 53.93
N VAL B 55 24.77 -21.33 52.65
CA VAL B 55 24.04 -20.41 51.77
C VAL B 55 23.05 -21.24 50.97
N LEU B 56 21.86 -20.67 50.84
CA LEU B 56 20.80 -21.19 49.99
C LEU B 56 20.72 -20.31 48.77
N MET B 57 21.15 -20.81 47.62
CA MET B 57 20.95 -20.12 46.32
C MET B 57 19.59 -20.52 45.68
N ILE B 58 18.71 -19.55 45.41
CA ILE B 58 17.59 -19.72 44.50
C ILE B 58 18.02 -19.25 43.12
N ALA B 59 18.17 -20.18 42.19
CA ALA B 59 18.66 -19.88 40.83
C ALA B 59 17.55 -19.96 39.78
N ALA B 60 17.88 -19.49 38.59
CA ALA B 60 16.94 -19.44 37.46
C ALA B 60 16.90 -20.77 36.68
N GLU B 61 15.68 -21.24 36.38
CA GLU B 61 15.46 -22.51 35.66
C GLU B 61 14.86 -22.38 34.23
N GLU B 62 14.45 -21.17 33.83
CA GLU B 62 13.94 -20.87 32.50
C GLU B 62 14.88 -19.93 31.75
N ARG B 63 15.43 -20.38 30.64
CA ARG B 63 16.38 -19.59 29.84
C ARG B 63 15.76 -18.42 29.00
N TYR B 64 14.51 -18.55 28.59
CA TYR B 64 13.92 -17.71 27.54
C TYR B 64 12.98 -16.67 28.11
N VAL B 65 13.22 -15.41 27.73
CA VAL B 65 12.41 -14.28 28.17
C VAL B 65 11.63 -13.79 26.94
N LEU B 66 10.31 -13.84 26.99
CA LEU B 66 9.47 -13.31 25.90
C LEU B 66 9.51 -11.78 25.93
N LEU B 67 9.73 -11.18 24.76
CA LEU B 67 9.83 -9.71 24.61
C LEU B 67 8.62 -9.10 23.88
N GLU B 68 8.51 -7.76 23.90
CA GLU B 68 7.36 -7.04 23.32
C GLU B 68 7.07 -7.34 21.85
N ASN B 69 8.12 -7.41 21.02
CA ASN B 69 8.04 -7.82 19.58
C ASN B 69 7.87 -9.37 19.30
N GLY B 70 7.61 -10.17 20.34
CA GLY B 70 7.44 -11.61 20.19
C GLY B 70 8.69 -12.46 20.12
N LYS B 71 9.88 -11.86 20.05
CA LYS B 71 11.13 -12.62 19.96
C LYS B 71 11.53 -12.98 21.38
N MET B 72 12.48 -13.90 21.55
CA MET B 72 12.83 -14.32 22.92
C MET B 72 14.29 -14.10 23.18
N PHE B 73 14.60 -13.72 24.41
CA PHE B 73 16.01 -13.52 24.74
C PHE B 73 16.57 -14.80 25.36
N SER B 74 17.61 -15.38 24.77
CA SER B 74 18.27 -16.55 25.30
C SER B 74 19.29 -16.14 26.36
N THR B 75 18.84 -16.20 27.61
CA THR B 75 19.61 -15.71 28.73
C THR B 75 19.88 -16.87 29.69
N GLY B 76 19.69 -16.60 31.00
CA GLY B 76 20.10 -17.46 32.11
C GLY B 76 20.51 -16.61 33.29
N ASN B 77 20.94 -17.24 34.39
CA ASN B 77 21.68 -16.53 35.44
C ASN B 77 23.04 -16.10 34.88
N HIS B 78 23.48 -14.86 35.15
CA HIS B 78 24.83 -14.42 34.74
C HIS B 78 25.84 -15.18 35.58
N PRO B 79 26.83 -15.83 34.97
CA PRO B 79 27.67 -16.76 35.74
C PRO B 79 28.69 -16.13 36.67
N VAL B 80 29.26 -14.99 36.28
CA VAL B 80 30.15 -14.20 37.16
C VAL B 80 29.40 -13.76 38.41
N GLU B 81 28.15 -13.33 38.24
CA GLU B 81 27.31 -12.92 39.37
C GLU B 81 26.98 -14.05 40.31
N MET B 82 26.84 -15.24 39.76
CA MET B 82 26.55 -16.41 40.55
C MET B 82 27.83 -16.90 41.19
N LEU B 83 28.88 -17.09 40.38
CA LEU B 83 30.04 -17.87 40.81
C LEU B 83 31.13 -17.11 41.56
N LEU B 84 31.25 -15.80 41.34
CA LEU B 84 32.27 -15.03 42.03
C LEU B 84 31.92 -14.83 43.49
N PRO B 85 30.69 -14.34 43.79
CA PRO B 85 30.31 -14.25 45.20
C PRO B 85 30.41 -15.56 45.94
N LEU B 86 30.06 -16.64 45.25
CA LEU B 86 30.12 -17.98 45.81
C LEU B 86 31.54 -18.52 46.03
N HIS B 87 32.52 -18.06 45.23
CA HIS B 87 33.93 -18.38 45.50
C HIS B 87 34.33 -17.79 46.87
N HIS B 88 34.05 -16.49 47.06
CA HIS B 88 34.27 -15.83 48.36
C HIS B 88 33.64 -16.62 49.53
N LEU B 89 32.39 -17.03 49.37
CA LEU B 89 31.64 -17.66 50.46
C LEU B 89 32.11 -19.07 50.75
N MET B 90 32.25 -19.86 49.71
CA MET B 90 32.74 -21.21 49.88
C MET B 90 34.14 -21.21 50.46
N GLU B 91 35.03 -20.34 49.97
CA GLU B 91 36.39 -20.28 50.54
C GLU B 91 36.41 -19.85 52.00
N ALA B 92 35.50 -18.96 52.40
CA ALA B 92 35.33 -18.57 53.81
C ALA B 92 34.79 -19.69 54.72
N GLY B 93 34.29 -20.78 54.13
CA GLY B 93 33.84 -21.96 54.88
C GLY B 93 32.34 -22.22 54.83
N PHE B 94 31.60 -21.35 54.11
CA PHE B 94 30.16 -21.51 53.89
C PHE B 94 29.82 -22.40 52.69
N ASP B 95 29.34 -23.61 52.96
CA ASP B 95 28.85 -24.56 51.93
C ASP B 95 27.57 -24.03 51.24
N VAL B 96 27.30 -24.50 50.02
CA VAL B 96 26.18 -23.98 49.21
C VAL B 96 25.23 -25.09 48.73
N ASP B 97 23.93 -24.83 48.90
CA ASP B 97 22.87 -25.59 48.28
C ASP B 97 22.12 -24.75 47.25
N VAL B 98 21.72 -25.42 46.15
CA VAL B 98 21.09 -24.75 45.01
C VAL B 98 19.69 -25.24 44.89
N ALA B 99 18.77 -24.30 44.67
CA ALA B 99 17.37 -24.63 44.46
C ALA B 99 16.81 -23.91 43.25
N THR B 100 15.86 -24.56 42.58
CA THR B 100 15.05 -23.89 41.60
C THR B 100 13.59 -24.05 41.97
N LEU B 101 12.71 -23.32 41.30
CA LEU B 101 11.31 -23.37 41.65
C LEU B 101 10.68 -24.71 41.40
N SER B 102 11.26 -25.52 40.49
CA SER B 102 10.70 -26.83 40.13
C SER B 102 11.69 -27.99 40.26
N GLY B 103 12.95 -27.76 40.62
CA GLY B 103 13.96 -28.82 40.56
C GLY B 103 14.55 -29.01 39.17
N TYR B 104 14.28 -28.11 38.24
CA TYR B 104 14.92 -28.23 36.90
C TYR B 104 16.37 -27.77 36.94
N PRO B 105 17.17 -28.18 35.94
CA PRO B 105 18.53 -27.68 35.75
C PRO B 105 18.64 -26.16 35.75
N VAL B 106 19.74 -25.66 36.30
CA VAL B 106 19.99 -24.25 36.36
C VAL B 106 20.43 -23.74 35.00
N LYS B 107 19.81 -22.67 34.52
CA LYS B 107 20.15 -22.08 33.23
C LYS B 107 21.10 -20.91 33.41
N LEU B 108 22.31 -21.05 32.89
CA LEU B 108 23.30 -20.00 32.89
C LEU B 108 23.30 -19.29 31.56
N GLU B 109 23.80 -18.05 31.56
CA GLU B 109 24.18 -17.32 30.35
C GLU B 109 25.60 -17.76 29.97
N LEU B 110 25.74 -18.94 29.37
CA LEU B 110 27.08 -19.51 29.13
C LEU B 110 27.94 -18.69 28.18
N TRP B 111 27.32 -17.82 27.39
CA TRP B 111 28.06 -16.83 26.61
C TRP B 111 28.82 -15.77 27.43
N ALA B 112 28.53 -15.62 28.72
CA ALA B 112 29.32 -14.75 29.63
C ALA B 112 30.30 -15.50 30.54
N MET B 113 30.42 -16.80 30.37
CA MET B 113 31.36 -17.61 31.14
C MET B 113 32.80 -17.15 30.90
N PRO B 114 33.46 -16.57 31.91
CA PRO B 114 34.83 -16.16 31.69
C PRO B 114 35.74 -17.40 31.64
N THR B 115 35.96 -17.89 30.41
CA THR B 115 36.69 -19.15 30.18
C THR B 115 38.13 -19.19 30.73
N GLU B 116 38.78 -18.03 30.87
CA GLU B 116 40.17 -17.97 31.36
C GLU B 116 40.39 -17.74 32.88
N ASP B 117 39.33 -17.53 33.66
CA ASP B 117 39.46 -17.26 35.12
C ASP B 117 39.48 -18.55 35.92
N GLU B 118 40.60 -18.88 36.56
CA GLU B 118 40.69 -20.15 37.31
C GLU B 118 39.70 -20.24 38.47
N ALA B 119 39.63 -19.18 39.26
CA ALA B 119 38.76 -19.15 40.41
C ALA B 119 37.27 -19.42 40.09
N VAL B 120 36.75 -18.79 39.03
CA VAL B 120 35.35 -18.96 38.61
C VAL B 120 35.08 -20.36 38.01
N ILE B 121 35.97 -20.81 37.10
CA ILE B 121 35.82 -22.08 36.46
C ILE B 121 35.89 -23.23 37.48
N SER B 122 36.83 -23.18 38.42
CA SER B 122 36.90 -24.25 39.44
C SER B 122 35.71 -24.15 40.39
N THR B 123 35.18 -22.95 40.63
CA THR B 123 33.96 -22.79 41.42
C THR B 123 32.81 -23.47 40.68
N TYR B 124 32.68 -23.17 39.38
CA TYR B 124 31.68 -23.81 38.50
C TYR B 124 31.84 -25.34 38.55
N ASN B 125 33.06 -25.84 38.50
CA ASN B 125 33.28 -27.29 38.57
C ASN B 125 32.90 -27.93 39.92
N LYS B 126 33.13 -27.25 41.05
CA LYS B 126 32.69 -27.75 42.36
C LYS B 126 31.13 -27.72 42.45
N LEU B 127 30.47 -26.79 41.77
CA LEU B 127 29.00 -26.66 41.82
C LEU B 127 28.17 -27.39 40.75
N LYS B 128 28.83 -28.02 39.77
CA LYS B 128 28.19 -28.57 38.56
C LYS B 128 27.06 -29.55 38.86
N GLU B 129 27.33 -30.48 39.78
CA GLU B 129 26.38 -31.52 40.17
C GLU B 129 25.10 -30.93 40.75
N LYS B 130 25.26 -29.94 41.62
CA LYS B 130 24.12 -29.23 42.19
C LYS B 130 23.35 -28.35 41.19
N LEU B 131 24.05 -27.78 40.21
CA LEU B 131 23.40 -26.93 39.19
C LEU B 131 22.55 -27.75 38.21
N LYS B 132 23.02 -28.97 37.92
CA LYS B 132 22.39 -29.86 36.99
C LYS B 132 21.29 -30.64 37.60
N GLN B 133 21.33 -30.85 38.90
CA GLN B 133 20.23 -31.49 39.61
C GLN B 133 19.94 -30.72 40.93
N PRO B 134 19.28 -29.56 40.85
CA PRO B 134 19.05 -28.80 42.08
C PRO B 134 17.97 -29.40 42.94
N LYS B 135 17.82 -28.81 44.11
CA LYS B 135 16.71 -29.11 44.97
C LYS B 135 15.52 -28.31 44.51
N LYS B 136 14.36 -28.77 44.95
CA LYS B 136 13.10 -28.13 44.67
C LYS B 136 12.83 -27.17 45.85
N LEU B 137 12.62 -25.89 45.56
CA LEU B 137 12.43 -24.86 46.57
C LEU B 137 11.29 -25.12 47.55
N ALA B 138 10.22 -25.77 47.11
CA ALA B 138 9.13 -26.14 48.00
C ALA B 138 9.57 -27.18 48.98
N ASP B 139 10.41 -28.11 48.55
CA ASP B 139 11.02 -29.09 49.47
C ASP B 139 11.92 -28.40 50.49
N VAL B 140 12.59 -27.31 50.09
CA VAL B 140 13.43 -26.55 51.03
C VAL B 140 12.58 -25.87 52.14
N ILE B 141 11.58 -25.08 51.75
CA ILE B 141 10.59 -24.45 52.68
C ILE B 141 9.94 -25.45 53.64
N LYS B 142 9.61 -26.64 53.18
CA LYS B 142 8.91 -27.61 54.00
C LYS B 142 9.84 -28.22 55.05
N ASN B 143 11.07 -28.54 54.67
CA ASN B 143 11.93 -29.36 55.52
C ASN B 143 13.14 -28.68 56.10
N GLU B 144 13.61 -27.56 55.54
CA GLU B 144 14.98 -27.08 55.83
C GLU B 144 15.09 -25.62 56.27
N LEU B 145 13.95 -24.95 56.37
CA LEU B 145 13.90 -23.58 56.86
C LEU B 145 13.41 -23.59 58.33
N GLY B 146 12.45 -22.73 58.69
CA GLY B 146 12.10 -22.54 60.11
C GLY B 146 13.21 -21.86 60.94
N PRO B 147 12.97 -21.72 62.25
CA PRO B 147 13.89 -20.94 63.08
C PRO B 147 15.30 -21.56 63.31
N ASP B 148 15.42 -22.87 63.25
CA ASP B 148 16.71 -23.56 63.46
C ASP B 148 17.37 -23.94 62.14
N SER B 149 17.07 -23.23 61.06
CA SER B 149 17.67 -23.52 59.77
C SER B 149 19.17 -23.33 59.85
N ASP B 150 19.90 -24.23 59.20
CA ASP B 150 21.32 -24.12 59.05
C ASP B 150 21.67 -23.13 57.93
N TYR B 151 20.70 -22.65 57.15
CA TYR B 151 20.97 -21.62 56.15
C TYR B 151 21.09 -20.25 56.81
N LEU B 152 22.24 -19.61 56.60
CA LEU B 152 22.48 -18.28 57.14
C LEU B 152 21.98 -17.19 56.22
N SER B 153 22.00 -17.44 54.92
CA SER B 153 21.63 -16.42 53.93
C SER B 153 21.10 -17.00 52.63
N VAL B 154 20.27 -16.21 51.95
CA VAL B 154 19.66 -16.59 50.69
C VAL B 154 20.36 -15.76 49.64
N PHE B 155 20.89 -16.44 48.62
CA PHE B 155 21.57 -15.79 47.53
C PHE B 155 20.74 -15.88 46.25
N ILE B 156 20.43 -14.76 45.63
CA ILE B 156 19.72 -14.76 44.36
C ILE B 156 20.54 -14.06 43.29
N PRO B 157 21.36 -14.80 42.54
CA PRO B 157 22.07 -14.12 41.46
C PRO B 157 21.16 -13.64 40.36
N GLY B 158 21.69 -12.75 39.54
CA GLY B 158 20.94 -12.09 38.47
C GLY B 158 21.24 -12.69 37.12
N GLY B 159 21.34 -11.82 36.10
CA GLY B 159 21.17 -12.20 34.71
C GLY B 159 19.71 -11.96 34.42
N HIS B 160 19.39 -11.62 33.17
CA HIS B 160 17.98 -11.39 32.76
C HIS B 160 16.92 -12.51 33.09
N ALA B 161 17.33 -13.78 33.12
CA ALA B 161 16.38 -14.88 33.39
C ALA B 161 15.71 -14.82 34.77
N ALA B 162 16.34 -14.12 35.72
CA ALA B 162 15.76 -13.88 37.05
C ALA B 162 14.44 -13.12 36.98
N VAL B 163 14.24 -12.34 35.92
CA VAL B 163 12.98 -11.68 35.66
C VAL B 163 11.77 -12.66 35.60
N VAL B 164 11.98 -13.95 35.31
CA VAL B 164 10.91 -14.92 34.96
C VAL B 164 10.62 -15.97 36.04
N GLY B 165 9.35 -16.18 36.40
CA GLY B 165 8.98 -17.16 37.46
C GLY B 165 9.35 -16.81 38.91
N ILE B 166 10.62 -16.52 39.15
CA ILE B 166 11.15 -16.01 40.43
C ILE B 166 10.55 -14.65 40.89
N SER B 167 10.02 -13.86 39.96
CA SER B 167 9.41 -12.56 40.30
C SER B 167 7.92 -12.61 40.66
N GLU B 168 7.32 -13.80 40.66
CA GLU B 168 5.90 -13.94 41.01
C GLU B 168 5.59 -15.34 41.56
N SER B 169 6.43 -15.75 42.50
CA SER B 169 6.40 -17.05 43.12
C SER B 169 6.05 -16.92 44.60
N GLU B 170 5.04 -17.67 45.02
CA GLU B 170 4.68 -17.83 46.44
C GLU B 170 5.77 -18.59 47.23
N ASP B 171 6.52 -19.47 46.55
CA ASP B 171 7.60 -20.21 47.21
C ASP B 171 8.78 -19.27 47.46
N VAL B 172 9.05 -18.34 46.56
CA VAL B 172 10.08 -17.30 46.82
C VAL B 172 9.60 -16.36 47.94
N GLN B 173 8.36 -15.90 47.85
CA GLN B 173 7.70 -15.16 48.94
C GLN B 173 7.88 -15.79 50.31
N GLN B 174 7.51 -17.06 50.46
CA GLN B 174 7.66 -17.74 51.76
C GLN B 174 9.09 -17.75 52.23
N THR B 175 10.05 -17.83 51.28
CA THR B 175 11.49 -17.89 51.58
C THR B 175 12.01 -16.52 52.09
N LEU B 176 11.53 -15.43 51.47
CA LEU B 176 11.84 -14.07 51.93
C LEU B 176 11.26 -13.79 53.34
N ASP B 177 9.97 -14.07 53.52
CA ASP B 177 9.29 -14.00 54.85
C ASP B 177 10.02 -14.81 55.95
N TRP B 178 10.63 -15.93 55.63
CA TRP B 178 11.45 -16.63 56.63
C TRP B 178 12.68 -15.81 57.01
N ALA B 179 13.37 -15.28 56.02
CA ALA B 179 14.66 -14.63 56.25
C ALA B 179 14.53 -13.32 57.04
N LEU B 180 13.45 -12.58 56.80
CA LEU B 180 13.08 -11.42 57.62
C LEU B 180 12.74 -11.86 59.05
N ASP B 181 11.80 -12.79 59.18
CA ASP B 181 11.40 -13.32 60.50
C ASP B 181 12.51 -14.02 61.32
N ASN B 182 13.63 -14.35 60.72
CA ASN B 182 14.72 -15.00 61.44
C ASN B 182 16.04 -14.29 61.32
N ASP B 183 16.01 -13.03 60.91
CA ASP B 183 17.22 -12.22 60.78
C ASP B 183 18.33 -12.97 60.03
N ARG B 184 18.04 -13.26 58.75
CA ARG B 184 18.97 -13.93 57.85
C ARG B 184 19.24 -13.02 56.69
N PHE B 185 20.38 -13.20 56.03
CA PHE B 185 20.73 -12.30 54.91
C PHE B 185 20.03 -12.69 53.62
N ILE B 186 19.56 -11.69 52.91
CA ILE B 186 19.15 -11.78 51.54
C ILE B 186 20.24 -11.08 50.71
N VAL B 187 20.96 -11.83 49.89
CA VAL B 187 22.03 -11.31 49.01
C VAL B 187 21.59 -11.43 47.54
N THR B 188 21.73 -10.37 46.74
CA THR B 188 21.19 -10.40 45.37
C THR B 188 21.78 -9.27 44.54
N LEU B 189 21.90 -9.44 43.23
CA LEU B 189 22.45 -8.42 42.34
C LEU B 189 21.94 -8.53 40.93
N CYS B 190 22.16 -7.50 40.12
CA CYS B 190 21.71 -7.47 38.73
C CYS B 190 20.19 -7.36 38.71
N HIS B 191 19.54 -8.31 38.06
CA HIS B 191 18.11 -8.34 37.97
C HIS B 191 17.62 -9.18 39.10
N GLY B 192 18.52 -9.84 39.77
CA GLY B 192 18.19 -10.62 40.98
C GLY B 192 17.10 -10.01 41.83
N PRO B 193 17.18 -8.71 42.09
CA PRO B 193 16.13 -8.03 42.82
C PRO B 193 14.70 -8.13 42.28
N ALA B 194 14.50 -8.60 41.06
CA ALA B 194 13.14 -8.93 40.65
C ALA B 194 12.57 -10.00 41.61
N ALA B 195 13.42 -10.90 42.09
CA ALA B 195 12.99 -11.89 43.10
C ALA B 195 12.23 -11.23 44.26
N LEU B 196 12.69 -10.05 44.70
CA LEU B 196 12.08 -9.24 45.77
C LEU B 196 10.62 -8.83 45.51
N LEU B 197 10.27 -8.64 44.24
CA LEU B 197 8.88 -8.37 43.85
C LEU B 197 7.93 -9.46 44.36
N SER B 198 8.44 -10.66 44.57
CA SER B 198 7.63 -11.78 45.08
C SER B 198 7.15 -11.60 46.53
N ALA B 199 7.80 -10.73 47.29
CA ALA B 199 7.42 -10.45 48.68
C ALA B 199 6.07 -9.76 48.76
N GLY B 200 5.79 -8.87 47.81
CA GLY B 200 4.52 -8.13 47.76
C GLY B 200 3.33 -8.80 47.07
N LEU B 201 3.44 -10.10 46.80
CA LEU B 201 2.44 -10.84 46.05
C LEU B 201 1.19 -11.05 46.94
N ASN B 202 -0.01 -10.86 46.37
CA ASN B 202 -1.31 -11.10 47.07
C ASN B 202 -1.41 -10.25 48.36
N ARG B 203 -0.97 -9.00 48.29
CA ARG B 203 -0.78 -8.13 49.47
C ARG B 203 -0.86 -6.64 49.14
N GLU B 204 -1.41 -5.84 50.07
CA GLU B 204 -1.46 -4.38 49.92
C GLU B 204 -0.09 -3.76 50.12
N LYS B 205 0.71 -4.29 51.05
CA LYS B 205 2.04 -3.73 51.38
C LYS B 205 3.13 -4.79 51.49
N SER B 206 4.16 -4.65 50.68
CA SER B 206 5.36 -5.45 50.80
C SER B 206 6.07 -5.24 52.15
N PRO B 207 6.56 -6.32 52.79
CA PRO B 207 7.35 -6.15 53.99
C PRO B 207 8.79 -5.75 53.73
N LEU B 208 9.12 -5.44 52.47
CA LEU B 208 10.40 -4.84 52.09
C LEU B 208 10.31 -3.32 51.78
N GLU B 209 9.10 -2.78 51.70
CA GLU B 209 8.83 -1.33 51.74
C GLU B 209 9.80 -0.62 52.69
N GLY B 210 10.53 0.36 52.17
CA GLY B 210 11.52 1.08 52.96
C GLY B 210 12.92 0.48 52.96
N TYR B 211 13.11 -0.64 52.28
CA TYR B 211 14.44 -1.15 52.03
C TYR B 211 15.02 -0.44 50.81
N SER B 212 16.35 -0.32 50.80
CA SER B 212 17.12 0.38 49.79
C SER B 212 17.92 -0.67 49.02
N VAL B 213 17.91 -0.57 47.70
CA VAL B 213 18.62 -1.54 46.86
C VAL B 213 19.35 -0.94 45.68
N CYS B 214 20.40 -1.66 45.26
CA CYS B 214 21.03 -1.50 43.97
C CYS B 214 20.30 -2.41 42.98
N VAL B 215 19.96 -1.84 41.83
CA VAL B 215 19.25 -2.54 40.78
C VAL B 215 19.88 -2.21 39.44
N PHE B 216 19.91 -3.17 38.52
CA PHE B 216 20.28 -2.87 37.13
C PHE B 216 19.35 -1.76 36.61
N PRO B 217 19.91 -0.73 35.93
CA PRO B 217 19.09 0.48 35.64
C PRO B 217 18.11 0.35 34.49
N ASP B 218 16.94 0.96 34.61
CA ASP B 218 15.96 1.06 33.52
C ASP B 218 16.64 1.49 32.22
N SER B 219 17.26 2.67 32.25
CA SER B 219 17.73 3.35 31.05
C SER B 219 18.61 2.48 30.13
N LEU B 220 19.49 1.68 30.73
CA LEU B 220 20.29 0.71 29.95
C LEU B 220 19.42 -0.36 29.24
N ASP B 221 18.44 -0.94 29.96
CA ASP B 221 17.58 -1.97 29.38
C ASP B 221 16.71 -1.43 28.25
N GLU B 222 16.32 -0.16 28.37
CA GLU B 222 15.45 0.42 27.35
C GLU B 222 16.23 1.09 26.21
N GLY B 223 17.55 1.25 26.35
CA GLY B 223 18.31 2.03 25.39
C GLY B 223 19.50 1.34 24.79
N ALA B 224 20.58 1.34 25.57
CA ALA B 224 21.88 0.83 25.13
C ALA B 224 21.94 -0.67 24.85
N ASN B 225 21.36 -1.46 25.75
CA ASN B 225 21.26 -2.93 25.56
C ASN B 225 20.50 -3.24 24.25
N ILE B 226 19.43 -2.49 23.99
CA ILE B 226 18.65 -2.66 22.75
C ILE B 226 19.39 -2.19 21.49
N GLU B 227 20.20 -1.13 21.58
CA GLU B 227 20.86 -0.63 20.38
C GLU B 227 22.14 -1.39 19.98
N ILE B 228 22.85 -1.98 20.92
CA ILE B 228 23.94 -2.88 20.53
C ILE B 228 23.51 -4.35 20.32
N GLY B 229 22.21 -4.61 20.21
CA GLY B 229 21.70 -5.95 20.01
C GLY B 229 22.03 -6.98 21.10
N TYR B 230 22.16 -6.53 22.35
CA TYR B 230 22.29 -7.45 23.49
C TYR B 230 20.95 -8.15 23.71
N LEU B 231 19.90 -7.35 23.94
CA LEU B 231 18.52 -7.80 23.87
C LEU B 231 18.09 -7.66 22.43
N PRO B 232 17.29 -8.62 21.89
CA PRO B 232 16.64 -8.47 20.58
C PRO B 232 15.28 -7.78 20.62
N GLY B 233 14.88 -7.27 21.78
CA GLY B 233 13.57 -6.63 21.93
C GLY B 233 13.36 -6.03 23.32
N ARG B 234 12.23 -5.37 23.51
CA ARG B 234 11.94 -4.67 24.75
C ARG B 234 11.28 -5.59 25.75
N LEU B 235 11.74 -5.46 26.99
CA LEU B 235 11.10 -6.08 28.12
C LEU B 235 9.71 -5.48 28.28
N LYS B 236 8.80 -6.26 28.85
CA LYS B 236 7.39 -5.87 28.98
C LYS B 236 7.12 -5.10 30.26
N TRP B 237 8.04 -5.24 31.21
CA TRP B 237 8.11 -4.40 32.38
C TRP B 237 9.58 -4.31 32.78
N LEU B 238 9.93 -3.40 33.71
CA LEU B 238 11.33 -3.19 34.13
C LEU B 238 11.46 -3.36 35.63
N VAL B 239 12.51 -4.05 36.05
CA VAL B 239 12.74 -4.39 37.46
C VAL B 239 12.81 -3.15 38.40
N ALA B 240 13.52 -2.11 37.98
CA ALA B 240 13.67 -0.92 38.85
C ALA B 240 12.35 -0.18 38.99
N ASP B 241 11.57 -0.14 37.94
CA ASP B 241 10.26 0.51 38.00
C ASP B 241 9.31 -0.16 39.02
N LEU B 242 9.09 -1.46 38.87
CA LEU B 242 8.14 -2.19 39.72
C LEU B 242 8.60 -2.36 41.17
N LEU B 243 9.90 -2.35 41.41
CA LEU B 243 10.43 -2.30 42.78
C LEU B 243 10.08 -0.98 43.49
N THR B 244 10.22 0.13 42.77
CA THR B 244 9.76 1.45 43.22
C THR B 244 8.26 1.45 43.57
N LYS B 245 7.38 1.03 42.65
CA LYS B 245 5.91 0.96 42.91
C LYS B 245 5.48 0.02 44.06
N GLN B 246 6.43 -0.76 44.59
CA GLN B 246 6.23 -1.55 45.81
C GLN B 246 6.90 -0.87 47.03
N GLY B 247 7.45 0.33 46.85
CA GLY B 247 7.89 1.18 47.95
C GLY B 247 9.31 0.94 48.39
N LEU B 248 10.15 0.48 47.46
CA LEU B 248 11.57 0.31 47.71
C LEU B 248 12.34 1.50 47.12
N LYS B 249 13.45 1.81 47.78
CA LYS B 249 14.27 2.95 47.40
C LYS B 249 15.32 2.46 46.40
N VAL B 250 15.15 2.74 45.11
CA VAL B 250 16.13 2.29 44.11
C VAL B 250 17.27 3.29 44.10
N VAL B 251 18.32 2.96 44.82
CA VAL B 251 19.31 3.93 45.25
C VAL B 251 20.30 4.36 44.14
N ASN B 252 20.25 3.75 42.96
CA ASN B 252 21.14 4.06 41.84
C ASN B 252 20.37 4.27 40.56
N ASP B 253 21.01 4.93 39.60
CA ASP B 253 20.51 5.01 38.22
C ASP B 253 21.61 4.71 37.19
N ASP B 254 22.74 4.15 37.63
CA ASP B 254 23.86 3.92 36.74
C ASP B 254 24.53 2.57 37.10
N MET B 255 25.46 2.14 36.24
CA MET B 255 26.07 0.83 36.30
C MET B 255 27.57 0.95 36.60
N THR B 256 27.88 1.14 37.88
CA THR B 256 29.25 1.45 38.31
C THR B 256 29.94 0.35 39.14
N GLY B 257 29.30 -0.80 39.28
CA GLY B 257 29.80 -1.81 40.22
C GLY B 257 29.56 -1.45 41.68
N ARG B 258 28.57 -0.59 41.90
CA ARG B 258 28.22 -0.15 43.24
C ARG B 258 27.54 -1.25 44.03
N THR B 259 27.85 -1.29 45.32
CA THR B 259 27.26 -2.23 46.27
C THR B 259 26.67 -1.45 47.44
N LEU B 260 25.77 -2.10 48.18
CA LEU B 260 24.96 -1.47 49.20
C LEU B 260 24.51 -2.51 50.22
N LYS B 261 24.59 -2.15 51.49
CA LYS B 261 24.03 -2.93 52.61
C LYS B 261 22.89 -2.11 53.23
N ASP B 262 21.75 -2.75 53.47
CA ASP B 262 20.62 -2.16 54.23
C ASP B 262 20.06 -3.23 55.17
N ARG B 263 20.39 -3.09 56.45
CA ARG B 263 20.17 -4.15 57.44
C ARG B 263 20.82 -5.37 56.82
N LYS B 264 20.09 -6.48 56.63
CA LYS B 264 20.65 -7.69 56.06
C LYS B 264 20.30 -7.94 54.57
N LEU B 265 19.72 -6.95 53.88
CA LEU B 265 19.59 -6.95 52.41
C LEU B 265 20.82 -6.36 51.71
N LEU B 266 21.77 -7.23 51.31
CA LEU B 266 22.98 -6.80 50.55
C LEU B 266 22.70 -6.85 49.05
N THR B 267 23.03 -5.80 48.31
CA THR B 267 22.74 -5.76 46.86
C THR B 267 23.88 -5.18 46.03
N GLY B 268 23.89 -5.54 44.75
CA GLY B 268 24.85 -5.07 43.77
C GLY B 268 24.07 -4.60 42.55
N ASP B 269 24.68 -3.69 41.77
CA ASP B 269 23.99 -2.97 40.67
C ASP B 269 24.04 -3.64 39.30
N SER B 270 25.03 -4.52 39.10
CA SER B 270 25.45 -4.99 37.78
C SER B 270 26.45 -6.14 37.93
N PRO B 271 26.92 -6.74 36.79
CA PRO B 271 28.04 -7.68 36.82
C PRO B 271 29.32 -7.11 37.40
N LEU B 272 29.61 -5.85 37.10
CA LEU B 272 30.78 -5.16 37.66
C LEU B 272 30.89 -5.26 39.20
N ALA B 273 29.75 -5.35 39.88
CA ALA B 273 29.68 -5.41 41.35
C ALA B 273 29.91 -6.75 41.98
N SER B 274 30.30 -7.76 41.19
CA SER B 274 30.25 -9.16 41.64
C SER B 274 31.30 -9.38 42.69
N ASN B 275 32.55 -9.20 42.30
CA ASN B 275 33.68 -9.45 43.21
C ASN B 275 33.57 -8.79 44.60
N GLU B 276 33.09 -7.55 44.63
CA GLU B 276 32.90 -6.79 45.89
C GLU B 276 31.73 -7.30 46.75
N LEU B 277 30.59 -7.59 46.10
CA LEU B 277 29.43 -8.19 46.81
C LEU B 277 29.81 -9.48 47.53
N GLY B 278 30.74 -10.24 46.95
CA GLY B 278 31.31 -11.41 47.59
C GLY B 278 32.02 -11.04 48.88
N LYS B 279 32.87 -10.01 48.84
CA LYS B 279 33.52 -9.50 50.06
C LYS B 279 32.51 -8.98 51.11
N LEU B 280 31.60 -8.11 50.71
CA LEU B 280 30.51 -7.61 51.59
C LEU B 280 29.81 -8.79 52.30
N ALA B 281 29.32 -9.75 51.52
CA ALA B 281 28.58 -10.90 52.04
C ALA B 281 29.41 -11.67 53.06
N VAL B 282 30.61 -12.08 52.69
CA VAL B 282 31.49 -12.77 53.62
C VAL B 282 31.68 -11.94 54.89
N ASN B 283 32.00 -10.66 54.72
CA ASN B 283 32.29 -9.78 55.84
C ASN B 283 31.11 -9.71 56.78
N GLU B 284 29.93 -9.31 56.26
CA GLU B 284 28.73 -9.16 57.08
C GLU B 284 28.30 -10.49 57.72
N MET B 285 28.45 -11.60 57.01
CA MET B 285 28.12 -12.92 57.60
C MET B 285 29.06 -13.32 58.76
N LEU B 286 30.38 -13.16 58.61
CA LEU B 286 31.31 -13.38 59.75
C LEU B 286 31.08 -12.37 60.91
N ASN B 287 30.61 -11.16 60.59
CA ASN B 287 30.21 -10.18 61.63
C ASN B 287 28.98 -10.63 62.45
N ALA B 288 28.01 -11.32 61.81
CA ALA B 288 26.83 -11.83 62.54
C ALA B 288 27.04 -13.16 63.29
N ILE B 289 28.20 -13.83 63.17
CA ILE B 289 28.55 -15.00 64.00
C ILE B 289 29.26 -14.54 65.31
N GLN B 290 28.53 -13.77 66.14
CA GLN B 290 28.96 -13.31 67.48
C GLN B 290 27.75 -12.82 68.30
N ASN C 6 -11.84 -14.14 -13.66
CA ASN C 6 -10.79 -14.09 -14.73
C ASN C 6 -9.39 -14.09 -14.07
N GLU C 7 -8.40 -13.44 -14.69
CA GLU C 7 -7.04 -13.14 -14.10
C GLU C 7 -6.99 -12.21 -12.86
N LEU C 8 -8.14 -11.84 -12.30
CA LEU C 8 -8.23 -10.78 -11.27
C LEU C 8 -7.63 -11.21 -9.93
N SER C 9 -7.23 -10.22 -9.16
CA SER C 9 -6.64 -10.50 -7.87
C SER C 9 -7.72 -10.99 -6.89
N LYS C 10 -7.34 -12.01 -6.11
CA LYS C 10 -8.10 -12.48 -4.94
C LYS C 10 -7.64 -11.78 -3.66
N GLN C 11 -6.91 -10.69 -3.79
CA GLN C 11 -6.37 -9.98 -2.65
C GLN C 11 -7.37 -8.90 -2.31
N PRO C 12 -7.75 -8.78 -1.02
CA PRO C 12 -8.71 -7.71 -0.68
C PRO C 12 -8.11 -6.30 -0.91
N THR C 13 -8.90 -5.38 -1.45
CA THR C 13 -8.47 -4.01 -1.78
C THR C 13 -8.53 -3.08 -0.55
N PRO C 14 -7.38 -2.46 -0.18
CA PRO C 14 -7.39 -1.50 0.94
C PRO C 14 -8.47 -0.39 0.80
N ASP C 15 -9.13 -0.05 1.93
CA ASP C 15 -10.08 1.08 2.03
C ASP C 15 -9.38 2.28 2.67
N LYS C 16 -9.11 3.30 1.86
CA LYS C 16 -8.29 4.46 2.25
C LYS C 16 -8.86 5.23 3.46
N ALA C 17 -10.19 5.17 3.68
CA ALA C 17 -10.84 5.91 4.79
C ALA C 17 -10.56 5.41 6.24
N GLU C 18 -10.15 4.15 6.36
CA GLU C 18 -10.05 3.49 7.68
C GLU C 18 -8.80 2.63 7.83
N ASP C 19 -8.32 2.47 9.07
CA ASP C 19 -7.09 1.74 9.31
C ASP C 19 -7.23 0.21 9.21
N ASN C 20 -6.38 -0.43 8.41
CA ASN C 20 -6.27 -1.89 8.31
C ASN C 20 -7.62 -2.47 7.90
N ALA C 21 -8.18 -1.89 6.84
CA ALA C 21 -9.56 -2.13 6.44
C ALA C 21 -9.68 -2.40 4.93
N PHE C 22 -10.55 -3.35 4.56
CA PHE C 22 -10.51 -3.86 3.20
C PHE C 22 -11.87 -4.01 2.59
N PHE C 23 -11.96 -3.58 1.34
CA PHE C 23 -13.07 -3.92 0.50
C PHE C 23 -12.86 -5.39 0.05
N PRO C 24 -13.93 -6.07 -0.39
CA PRO C 24 -13.79 -7.37 -1.05
C PRO C 24 -12.79 -7.36 -2.20
N SER C 25 -12.21 -8.52 -2.52
CA SER C 25 -11.21 -8.61 -3.62
C SER C 25 -11.88 -8.35 -4.95
N PRO C 26 -11.14 -7.77 -5.91
CA PRO C 26 -11.70 -7.62 -7.28
C PRO C 26 -12.20 -8.96 -7.91
N TYR C 27 -11.46 -10.05 -7.68
CA TYR C 27 -11.97 -11.36 -8.10
C TYR C 27 -13.36 -11.72 -7.47
N SER C 28 -13.47 -11.56 -6.14
CA SER C 28 -14.73 -11.81 -5.46
C SER C 28 -15.87 -10.89 -5.97
N LEU C 29 -15.55 -9.64 -6.30
CA LEU C 29 -16.55 -8.74 -6.87
C LEU C 29 -17.08 -9.23 -8.20
N SER C 30 -16.22 -9.80 -9.04
CA SER C 30 -16.66 -10.36 -10.33
C SER C 30 -17.66 -11.49 -10.16
N GLN C 31 -17.52 -12.27 -9.08
CA GLN C 31 -18.44 -13.42 -8.80
C GLN C 31 -19.75 -13.11 -8.02
N TYR C 32 -19.72 -12.12 -7.13
CA TYR C 32 -20.84 -11.92 -6.19
C TYR C 32 -21.58 -10.64 -6.42
N THR C 33 -21.18 -9.88 -7.45
CA THR C 33 -21.87 -8.68 -7.82
C THR C 33 -22.10 -8.65 -9.32
N ALA C 34 -23.05 -7.84 -9.74
CA ALA C 34 -23.42 -7.74 -11.11
C ALA C 34 -24.09 -6.41 -11.35
N PRO C 35 -23.84 -5.80 -12.53
CA PRO C 35 -24.45 -4.49 -12.81
C PRO C 35 -26.00 -4.49 -12.93
N LYS C 36 -26.62 -5.65 -13.11
CA LYS C 36 -28.07 -5.75 -13.09
C LYS C 36 -28.50 -6.93 -12.20
N THR C 37 -29.72 -6.83 -11.68
CA THR C 37 -30.36 -7.91 -10.93
C THR C 37 -31.30 -8.65 -11.88
N ASP C 38 -31.95 -9.68 -11.37
CA ASP C 38 -32.94 -10.44 -12.12
C ASP C 38 -34.35 -9.89 -11.93
N PHE C 39 -34.48 -8.59 -11.62
CA PHE C 39 -35.79 -7.97 -11.53
C PHE C 39 -36.53 -7.99 -12.88
N ASP C 40 -37.83 -8.28 -12.86
CA ASP C 40 -38.64 -8.36 -14.08
C ASP C 40 -40.06 -7.91 -13.80
N GLY C 41 -40.19 -6.80 -13.10
CA GLY C 41 -41.49 -6.26 -12.76
C GLY C 41 -42.11 -6.70 -11.45
N VAL C 42 -43.08 -5.88 -11.04
CA VAL C 42 -43.80 -6.03 -9.78
C VAL C 42 -45.21 -6.54 -10.06
N GLU C 43 -45.75 -7.29 -9.10
CA GLU C 43 -47.00 -8.00 -9.28
C GLU C 43 -48.25 -7.17 -8.96
N HIS C 44 -48.09 -6.02 -8.30
CA HIS C 44 -49.24 -5.33 -7.68
C HIS C 44 -49.09 -3.82 -7.64
N LYS C 45 -48.68 -3.21 -8.74
CA LYS C 45 -48.59 -1.72 -8.81
C LYS C 45 -49.87 -0.95 -8.32
N GLY C 46 -49.71 -0.14 -7.29
CA GLY C 46 -50.80 0.65 -6.77
C GLY C 46 -51.96 -0.14 -6.21
N ALA C 47 -51.69 -1.29 -5.61
CA ALA C 47 -52.78 -2.13 -5.08
C ALA C 47 -53.28 -1.70 -3.72
N TYR C 48 -52.50 -0.91 -2.98
CA TYR C 48 -52.94 -0.31 -1.71
C TYR C 48 -52.91 1.17 -1.96
N LYS C 49 -54.06 1.81 -1.71
CA LYS C 49 -54.28 3.20 -2.11
C LYS C 49 -54.54 4.18 -0.94
N ASP C 50 -54.85 3.65 0.25
CA ASP C 50 -55.27 4.48 1.38
C ASP C 50 -54.14 5.22 2.11
N GLY C 51 -52.88 5.04 1.70
CA GLY C 51 -51.75 5.82 2.24
C GLY C 51 -51.35 5.73 3.74
N LYS C 52 -52.01 4.87 4.55
CA LYS C 52 -51.76 4.71 6.00
C LYS C 52 -50.62 3.68 6.30
N TRP C 53 -50.86 2.41 5.99
CA TRP C 53 -49.90 1.35 6.19
C TRP C 53 -48.53 1.65 5.53
N LYS C 54 -47.44 1.66 6.32
CA LYS C 54 -46.10 1.87 5.82
C LYS C 54 -45.19 0.68 6.20
N VAL C 55 -43.96 0.75 5.72
CA VAL C 55 -42.90 -0.15 6.13
C VAL C 55 -41.89 0.59 7.01
N LEU C 56 -41.46 -0.02 8.10
CA LEU C 56 -40.34 0.57 8.85
C LEU C 56 -39.10 -0.25 8.56
N MET C 57 -38.05 0.41 8.07
CA MET C 57 -36.79 -0.27 7.82
C MET C 57 -35.77 0.04 8.90
N ILE C 58 -35.19 -0.97 9.54
CA ILE C 58 -34.01 -0.82 10.38
C ILE C 58 -32.75 -1.13 9.55
N ALA C 59 -31.92 -0.12 9.35
CA ALA C 59 -30.72 -0.25 8.52
C ALA C 59 -29.47 -0.11 9.38
N ALA C 60 -28.32 -0.40 8.80
CA ALA C 60 -27.05 -0.43 9.49
C ALA C 60 -26.35 0.91 9.39
N GLU C 61 -25.79 1.36 10.50
CA GLU C 61 -25.07 2.63 10.56
C GLU C 61 -23.57 2.49 10.78
N GLU C 62 -23.08 1.25 10.86
CA GLU C 62 -21.67 0.99 11.04
C GLU C 62 -21.16 0.21 9.84
N ARG C 63 -20.09 0.69 9.21
CA ARG C 63 -19.55 0.08 8.00
C ARG C 63 -18.51 -0.99 8.32
N TYR C 64 -17.78 -0.89 9.41
CA TYR C 64 -16.59 -1.75 9.66
C TYR C 64 -16.87 -2.86 10.65
N VAL C 65 -16.52 -4.09 10.26
CA VAL C 65 -16.66 -5.25 11.09
C VAL C 65 -15.26 -5.71 11.46
N LEU C 66 -14.95 -5.69 12.75
CA LEU C 66 -13.68 -6.23 13.24
C LEU C 66 -13.67 -7.77 13.21
N LEU C 67 -12.54 -8.36 12.86
CA LEU C 67 -12.42 -9.78 12.61
C LEU C 67 -11.30 -10.42 13.46
N GLU C 68 -11.21 -11.76 13.39
CA GLU C 68 -10.28 -12.54 14.22
C GLU C 68 -8.82 -12.14 14.05
N ASN C 69 -8.39 -11.75 12.85
CA ASN C 69 -6.98 -11.38 12.64
C ASN C 69 -6.69 -9.88 12.86
N GLY C 70 -7.62 -9.16 13.53
CA GLY C 70 -7.52 -7.72 13.75
C GLY C 70 -7.71 -6.81 12.54
N LYS C 71 -8.02 -7.36 11.37
CA LYS C 71 -8.34 -6.55 10.18
C LYS C 71 -9.83 -6.20 10.19
N MET C 72 -10.23 -5.13 9.50
CA MET C 72 -11.64 -4.77 9.39
C MET C 72 -12.13 -4.98 7.99
N PHE C 73 -13.40 -5.34 7.88
CA PHE C 73 -14.03 -5.55 6.59
C PHE C 73 -14.92 -4.34 6.34
N SER C 74 -14.69 -3.69 5.21
CA SER C 74 -15.44 -2.54 4.79
C SER C 74 -16.70 -2.98 4.05
N THR C 75 -17.82 -2.99 4.78
CA THR C 75 -19.07 -3.54 4.28
C THR C 75 -20.23 -2.55 4.37
N GLY C 76 -21.36 -2.90 5.01
CA GLY C 76 -22.55 -2.04 5.10
C GLY C 76 -23.77 -2.91 4.87
N ASN C 77 -24.92 -2.32 4.63
CA ASN C 77 -26.06 -3.08 4.12
C ASN C 77 -25.86 -3.36 2.62
N HIS C 78 -26.30 -4.54 2.17
CA HIS C 78 -26.19 -4.93 0.78
C HIS C 78 -27.31 -4.22 0.04
N PRO C 79 -26.97 -3.43 -1.01
CA PRO C 79 -27.98 -2.55 -1.62
C PRO C 79 -29.08 -3.29 -2.38
N VAL C 80 -28.77 -4.44 -2.97
CA VAL C 80 -29.77 -5.31 -3.61
C VAL C 80 -30.80 -5.92 -2.63
N GLU C 81 -30.31 -6.44 -1.52
CA GLU C 81 -31.18 -6.85 -0.44
C GLU C 81 -31.98 -5.72 0.18
N MET C 82 -31.45 -4.50 0.16
CA MET C 82 -32.22 -3.36 0.64
C MET C 82 -33.24 -2.91 -0.38
N LEU C 83 -32.74 -2.52 -1.54
CA LEU C 83 -33.52 -1.68 -2.44
C LEU C 83 -34.53 -2.46 -3.29
N LEU C 84 -34.18 -3.69 -3.64
CA LEU C 84 -35.06 -4.48 -4.48
C LEU C 84 -36.35 -4.81 -3.74
N PRO C 85 -36.27 -5.34 -2.51
CA PRO C 85 -37.56 -5.57 -1.83
C PRO C 85 -38.36 -4.30 -1.58
N LEU C 86 -37.70 -3.18 -1.27
CA LEU C 86 -38.42 -1.88 -1.15
C LEU C 86 -39.01 -1.37 -2.48
N HIS C 87 -38.42 -1.74 -3.63
CA HIS C 87 -39.10 -1.45 -4.89
C HIS C 87 -40.50 -2.08 -4.92
N HIS C 88 -40.59 -3.37 -4.64
CA HIS C 88 -41.87 -4.09 -4.72
C HIS C 88 -42.91 -3.48 -3.82
N LEU C 89 -42.48 -3.20 -2.59
CA LEU C 89 -43.31 -2.64 -1.54
C LEU C 89 -43.81 -1.22 -1.87
N MET C 90 -42.92 -0.37 -2.36
CA MET C 90 -43.26 0.98 -2.76
C MET C 90 -44.21 1.05 -3.97
N GLU C 91 -43.97 0.20 -4.97
CA GLU C 91 -44.80 0.17 -6.14
C GLU C 91 -46.19 -0.29 -5.80
N ALA C 92 -46.30 -1.21 -4.83
CA ALA C 92 -47.61 -1.63 -4.30
C ALA C 92 -48.43 -0.54 -3.54
N GLY C 93 -47.79 0.55 -3.15
CA GLY C 93 -48.43 1.64 -2.38
C GLY C 93 -48.04 1.82 -0.90
N PHE C 94 -46.94 1.17 -0.48
CA PHE C 94 -46.47 1.22 0.91
C PHE C 94 -45.27 2.14 0.99
N ASP C 95 -45.39 3.23 1.75
CA ASP C 95 -44.26 4.17 1.94
C ASP C 95 -43.27 3.58 2.95
N VAL C 96 -42.02 4.06 2.94
CA VAL C 96 -40.97 3.56 3.80
C VAL C 96 -40.37 4.63 4.68
N ASP C 97 -40.23 4.32 5.98
CA ASP C 97 -39.45 5.15 6.92
C ASP C 97 -38.18 4.36 7.23
N VAL C 98 -37.05 5.05 7.25
CA VAL C 98 -35.74 4.44 7.50
C VAL C 98 -35.32 4.82 8.91
N ALA C 99 -34.67 3.89 9.62
CA ALA C 99 -34.13 4.17 10.95
C ALA C 99 -32.85 3.43 11.24
N THR C 100 -31.99 4.05 12.04
CA THR C 100 -30.79 3.46 12.54
C THR C 100 -30.72 3.72 14.05
N LEU C 101 -29.83 3.03 14.75
CA LEU C 101 -29.84 3.06 16.22
C LEU C 101 -29.50 4.46 16.81
N SER C 102 -28.73 5.28 16.11
CA SER C 102 -28.40 6.63 16.58
C SER C 102 -28.84 7.76 15.64
N GLY C 103 -29.48 7.46 14.52
CA GLY C 103 -29.71 8.50 13.52
C GLY C 103 -28.50 8.77 12.62
N TYR C 104 -27.41 8.01 12.75
CA TYR C 104 -26.26 8.20 11.82
C TYR C 104 -26.67 7.82 10.40
N PRO C 105 -25.99 8.37 9.38
CA PRO C 105 -26.31 7.97 7.99
C PRO C 105 -26.15 6.46 7.72
N VAL C 106 -27.04 5.93 6.89
CA VAL C 106 -27.05 4.51 6.55
C VAL C 106 -25.79 4.16 5.74
N LYS C 107 -25.12 3.08 6.14
CA LYS C 107 -23.91 2.60 5.47
C LYS C 107 -24.18 1.46 4.49
N LEU C 108 -24.02 1.73 3.18
CA LEU C 108 -24.22 0.71 2.13
C LEU C 108 -22.88 0.10 1.69
N GLU C 109 -22.93 -1.16 1.25
CA GLU C 109 -21.84 -1.82 0.49
C GLU C 109 -21.97 -1.28 -0.96
N LEU C 110 -21.31 -0.17 -1.26
CA LEU C 110 -21.56 0.51 -2.55
C LEU C 110 -20.90 -0.24 -3.72
N TRP C 111 -19.78 -0.89 -3.42
CA TRP C 111 -19.18 -1.91 -4.29
C TRP C 111 -20.12 -3.00 -4.83
N ALA C 112 -21.22 -3.29 -4.14
CA ALA C 112 -22.30 -4.16 -4.68
C ALA C 112 -23.43 -3.46 -5.45
N MET C 113 -23.34 -2.15 -5.68
CA MET C 113 -24.45 -1.43 -6.28
C MET C 113 -24.64 -1.88 -7.74
N PRO C 114 -25.81 -2.45 -8.10
CA PRO C 114 -26.01 -2.70 -9.52
C PRO C 114 -26.23 -1.37 -10.33
N THR C 115 -25.10 -0.80 -10.75
CA THR C 115 -24.99 0.45 -11.58
C THR C 115 -26.04 0.66 -12.69
N GLU C 116 -26.41 -0.41 -13.41
CA GLU C 116 -27.29 -0.31 -14.57
C GLU C 116 -28.73 -0.85 -14.37
N ASP C 117 -29.14 -1.09 -13.11
CA ASP C 117 -30.48 -1.63 -12.83
C ASP C 117 -31.39 -0.45 -12.53
N GLU C 118 -32.39 -0.29 -13.39
CA GLU C 118 -33.18 0.92 -13.40
C GLU C 118 -34.11 0.96 -12.17
N ALA C 119 -34.72 -0.18 -11.86
CA ALA C 119 -35.61 -0.29 -10.70
C ALA C 119 -34.88 -0.04 -9.39
N VAL C 120 -33.71 -0.67 -9.25
CA VAL C 120 -32.87 -0.45 -8.08
C VAL C 120 -32.41 1.01 -7.98
N ILE C 121 -31.82 1.57 -9.05
CA ILE C 121 -31.25 2.92 -8.96
C ILE C 121 -32.32 3.99 -8.73
N SER C 122 -33.43 3.90 -9.43
CA SER C 122 -34.56 4.78 -9.16
C SER C 122 -35.01 4.73 -7.69
N THR C 123 -35.02 3.52 -7.13
CA THR C 123 -35.43 3.32 -5.75
C THR C 123 -34.42 3.97 -4.81
N TYR C 124 -33.12 3.75 -5.09
CA TYR C 124 -32.04 4.37 -4.30
C TYR C 124 -32.21 5.89 -4.17
N ASN C 125 -32.53 6.53 -5.30
CA ASN C 125 -32.65 7.98 -5.43
C ASN C 125 -33.84 8.55 -4.66
N LYS C 126 -35.03 7.95 -4.81
CA LYS C 126 -36.17 8.27 -3.95
C LYS C 126 -35.85 8.17 -2.45
N LEU C 127 -35.03 7.21 -2.03
CA LEU C 127 -34.70 6.99 -0.61
C LEU C 127 -33.43 7.66 -0.12
N LYS C 128 -32.70 8.32 -1.02
CA LYS C 128 -31.45 9.01 -0.65
C LYS C 128 -31.59 9.98 0.56
N GLU C 129 -32.59 10.86 0.54
CA GLU C 129 -32.76 11.84 1.62
C GLU C 129 -32.87 11.11 2.96
N LYS C 130 -33.72 10.07 2.99
CA LYS C 130 -34.01 9.29 4.20
C LYS C 130 -32.82 8.49 4.66
N LEU C 131 -32.07 7.90 3.73
CA LEU C 131 -30.86 7.16 4.13
C LEU C 131 -29.77 8.05 4.66
N LYS C 132 -29.65 9.28 4.19
CA LYS C 132 -28.63 10.19 4.71
C LYS C 132 -29.01 10.83 6.07
N GLN C 133 -30.30 10.84 6.39
CA GLN C 133 -30.83 11.33 7.68
C GLN C 133 -31.99 10.47 8.14
N PRO C 134 -31.67 9.25 8.56
CA PRO C 134 -32.71 8.45 9.06
C PRO C 134 -33.17 8.96 10.41
N LYS C 135 -34.19 8.28 10.93
CA LYS C 135 -34.69 8.47 12.27
C LYS C 135 -33.89 7.63 13.26
N LYS C 136 -34.00 8.00 14.52
CA LYS C 136 -33.39 7.31 15.64
C LYS C 136 -34.43 6.27 16.02
N LEU C 137 -34.05 4.99 16.04
CA LEU C 137 -35.01 3.93 16.40
C LEU C 137 -35.69 4.20 17.75
N ALA C 138 -34.94 4.68 18.72
CA ALA C 138 -35.47 5.00 20.05
C ALA C 138 -36.62 6.00 19.97
N ASP C 139 -36.52 6.97 19.04
CA ASP C 139 -37.59 7.96 18.82
C ASP C 139 -38.81 7.31 18.19
N VAL C 140 -38.57 6.51 17.17
CA VAL C 140 -39.65 5.71 16.57
C VAL C 140 -40.38 4.87 17.63
N ILE C 141 -39.66 4.23 18.52
CA ILE C 141 -40.29 3.43 19.60
C ILE C 141 -41.15 4.32 20.51
N LYS C 142 -40.63 5.47 20.91
CA LYS C 142 -41.37 6.36 21.79
C LYS C 142 -42.66 6.96 21.16
N ASN C 143 -42.73 7.13 19.84
CA ASN C 143 -43.80 7.92 19.19
C ASN C 143 -44.60 7.24 18.11
N GLU C 144 -44.01 6.31 17.37
CA GLU C 144 -44.59 5.82 16.14
C GLU C 144 -45.08 4.38 16.24
N LEU C 145 -44.88 3.69 17.37
CA LEU C 145 -45.36 2.27 17.50
C LEU C 145 -46.69 2.12 18.22
N GLY C 146 -46.78 1.25 19.23
CA GLY C 146 -48.04 0.93 19.87
C GLY C 146 -48.96 0.14 18.95
N PRO C 147 -50.15 -0.25 19.47
CA PRO C 147 -51.10 -1.00 18.64
C PRO C 147 -51.67 -0.23 17.41
N ASP C 148 -51.66 1.11 17.45
CA ASP C 148 -52.18 1.96 16.36
C ASP C 148 -51.11 2.46 15.38
N SER C 149 -50.00 1.76 15.32
CA SER C 149 -48.93 2.10 14.40
C SER C 149 -49.40 1.94 12.98
N ASP C 150 -48.97 2.86 12.14
CA ASP C 150 -49.09 2.71 10.68
C ASP C 150 -48.03 1.75 10.07
N TYR C 151 -47.16 1.17 10.88
CA TYR C 151 -46.19 0.20 10.35
C TYR C 151 -46.79 -1.19 10.29
N LEU C 152 -46.89 -1.70 9.07
CA LEU C 152 -47.43 -3.01 8.83
C LEU C 152 -46.31 -4.06 9.02
N SER C 153 -45.10 -3.69 8.68
CA SER C 153 -43.96 -4.60 8.68
C SER C 153 -42.74 -3.81 9.07
N VAL C 154 -41.81 -4.46 9.81
CA VAL C 154 -40.44 -3.94 9.97
C VAL C 154 -39.56 -4.75 9.05
N PHE C 155 -38.70 -4.07 8.31
CA PHE C 155 -37.79 -4.66 7.32
C PHE C 155 -36.34 -4.46 7.78
N ILE C 156 -35.53 -5.51 7.70
CA ILE C 156 -34.12 -5.50 8.13
C ILE C 156 -33.23 -6.16 7.09
N PRO C 157 -32.62 -5.37 6.21
CA PRO C 157 -31.78 -5.98 5.19
C PRO C 157 -30.44 -6.44 5.68
N GLY C 158 -29.80 -7.24 4.85
CA GLY C 158 -28.58 -7.91 5.23
C GLY C 158 -27.40 -7.13 4.72
N GLY C 159 -26.31 -7.81 4.36
CA GLY C 159 -25.01 -7.20 4.21
C GLY C 159 -24.34 -7.61 5.49
N HIS C 160 -23.02 -7.79 5.46
CA HIS C 160 -22.27 -8.15 6.67
C HIS C 160 -22.31 -7.15 7.83
N ALA C 161 -22.61 -5.86 7.56
CA ALA C 161 -22.71 -4.83 8.63
C ALA C 161 -23.86 -5.01 9.59
N ALA C 162 -24.93 -5.66 9.15
CA ALA C 162 -26.06 -5.98 10.04
C ALA C 162 -25.71 -6.75 11.32
N VAL C 163 -24.52 -7.39 11.38
CA VAL C 163 -24.04 -8.01 12.63
C VAL C 163 -23.55 -7.04 13.70
N VAL C 164 -23.39 -5.75 13.38
CA VAL C 164 -22.84 -4.78 14.35
C VAL C 164 -23.98 -3.96 14.89
N GLY C 165 -24.08 -3.90 16.23
CA GLY C 165 -25.04 -3.00 16.90
C GLY C 165 -26.43 -3.61 16.99
N ILE C 166 -27.03 -3.78 15.83
CA ILE C 166 -28.36 -4.37 15.64
C ILE C 166 -28.58 -5.77 16.18
N SER C 167 -27.50 -6.52 16.33
CA SER C 167 -27.53 -7.85 16.85
C SER C 167 -27.45 -7.89 18.35
N GLU C 168 -27.21 -6.75 19.00
CA GLU C 168 -27.25 -6.66 20.48
C GLU C 168 -27.84 -5.32 20.99
N SER C 169 -29.05 -4.99 20.49
CA SER C 169 -29.76 -3.73 20.75
C SER C 169 -31.09 -3.93 21.50
N GLU C 170 -31.22 -3.26 22.63
CA GLU C 170 -32.52 -3.21 23.35
C GLU C 170 -33.64 -2.54 22.51
N ASP C 171 -33.28 -1.54 21.70
CA ASP C 171 -34.24 -0.84 20.79
C ASP C 171 -34.75 -1.83 19.70
N VAL C 172 -33.83 -2.59 19.10
CA VAL C 172 -34.22 -3.64 18.19
C VAL C 172 -35.11 -4.66 18.89
N GLN C 173 -34.79 -5.05 20.13
CA GLN C 173 -35.63 -5.98 20.88
C GLN C 173 -37.05 -5.46 21.05
N GLN C 174 -37.19 -4.19 21.32
CA GLN C 174 -38.51 -3.62 21.61
C GLN C 174 -39.34 -3.56 20.35
N THR C 175 -38.68 -3.28 19.22
CA THR C 175 -39.34 -3.28 17.93
C THR C 175 -39.82 -4.68 17.58
N LEU C 176 -38.99 -5.69 17.76
CA LEU C 176 -39.39 -7.07 17.43
C LEU C 176 -40.52 -7.53 18.32
N ASP C 177 -40.55 -7.05 19.56
CA ASP C 177 -41.63 -7.37 20.50
C ASP C 177 -42.92 -6.72 20.07
N TRP C 178 -42.86 -5.44 19.71
CA TRP C 178 -44.01 -4.75 19.20
C TRP C 178 -44.53 -5.52 17.98
N ALA C 179 -43.63 -5.99 17.12
CA ALA C 179 -44.06 -6.70 15.91
C ALA C 179 -44.85 -8.00 16.21
N LEU C 180 -44.37 -8.80 17.16
CA LEU C 180 -45.07 -10.02 17.56
C LEU C 180 -46.40 -9.74 18.27
N ASP C 181 -46.36 -8.82 19.20
CA ASP C 181 -47.53 -8.39 19.95
C ASP C 181 -48.67 -7.77 19.13
N ASN C 182 -48.37 -7.27 17.93
CA ASN C 182 -49.38 -6.62 17.13
C ASN C 182 -49.57 -7.26 15.79
N ASP C 183 -49.13 -8.51 15.61
CA ASP C 183 -49.34 -9.25 14.36
C ASP C 183 -48.85 -8.49 13.13
N ARG C 184 -47.62 -7.99 13.21
CA ARG C 184 -46.94 -7.25 12.16
C ARG C 184 -45.83 -8.11 11.64
N PHE C 185 -45.42 -7.85 10.41
CA PHE C 185 -44.43 -8.66 9.72
C PHE C 185 -43.04 -8.31 10.10
N ILE C 186 -42.15 -9.29 10.12
CA ILE C 186 -40.73 -9.04 10.30
C ILE C 186 -40.14 -9.60 9.03
N VAL C 187 -39.49 -8.78 8.21
CA VAL C 187 -39.00 -9.21 6.92
C VAL C 187 -37.48 -9.05 6.92
N THR C 188 -36.72 -10.12 6.76
CA THR C 188 -35.26 -10.00 6.81
C THR C 188 -34.55 -10.91 5.82
N LEU C 189 -33.27 -10.68 5.55
CA LEU C 189 -32.50 -11.56 4.71
C LEU C 189 -31.00 -11.55 4.92
N CYS C 190 -30.31 -12.57 4.41
CA CYS C 190 -28.86 -12.65 4.52
C CYS C 190 -28.38 -12.60 5.96
N HIS C 191 -27.57 -11.60 6.29
CA HIS C 191 -27.05 -11.47 7.62
C HIS C 191 -28.06 -10.71 8.47
N GLY C 192 -29.13 -10.26 7.84
CA GLY C 192 -30.27 -9.59 8.47
C GLY C 192 -30.80 -10.27 9.71
N PRO C 193 -30.97 -11.58 9.67
CA PRO C 193 -31.46 -12.28 10.84
C PRO C 193 -30.60 -12.15 12.09
N ALA C 194 -29.36 -11.68 11.96
CA ALA C 194 -28.59 -11.28 13.12
C ALA C 194 -29.38 -10.34 14.01
N ALA C 195 -30.15 -9.42 13.42
CA ALA C 195 -31.03 -8.55 14.24
C ALA C 195 -31.91 -9.38 15.17
N LEU C 196 -32.31 -10.58 14.76
CA LEU C 196 -33.19 -11.43 15.57
C LEU C 196 -32.56 -11.88 16.89
N LEU C 197 -31.23 -11.92 16.95
CA LEU C 197 -30.54 -12.17 18.23
C LEU C 197 -30.91 -11.14 19.29
N SER C 198 -31.24 -9.92 18.91
CA SER C 198 -31.68 -8.95 19.92
C SER C 198 -32.92 -9.37 20.70
N ALA C 199 -33.83 -10.14 20.10
CA ALA C 199 -35.03 -10.61 20.81
C ALA C 199 -34.68 -11.36 22.13
N GLY C 200 -33.50 -11.96 22.16
CA GLY C 200 -33.02 -12.71 23.34
C GLY C 200 -32.22 -12.01 24.41
N LEU C 201 -31.80 -10.78 24.19
CA LEU C 201 -31.13 -9.98 25.23
C LEU C 201 -31.77 -10.01 26.64
N ASN C 202 -31.00 -10.47 27.63
CA ASN C 202 -31.38 -10.42 29.06
C ASN C 202 -32.55 -11.31 29.38
N ARG C 203 -32.66 -12.40 28.62
CA ARG C 203 -33.77 -13.32 28.72
C ARG C 203 -33.29 -14.76 28.63
N GLU C 204 -33.92 -15.68 29.36
CA GLU C 204 -33.58 -17.07 29.21
C GLU C 204 -34.11 -17.64 27.91
N LYS C 205 -35.22 -17.12 27.42
CA LYS C 205 -35.91 -17.69 26.28
C LYS C 205 -36.25 -16.56 25.32
N SER C 206 -35.78 -16.67 24.08
CA SER C 206 -36.18 -15.73 23.02
C SER C 206 -37.63 -15.99 22.61
N PRO C 207 -38.47 -14.94 22.39
CA PRO C 207 -39.84 -15.15 21.85
C PRO C 207 -39.86 -15.59 20.36
N LEU C 208 -38.72 -15.57 19.68
CA LEU C 208 -38.50 -16.27 18.42
C LEU C 208 -38.04 -17.73 18.52
N GLU C 209 -37.89 -18.29 19.73
CA GLU C 209 -37.57 -19.72 19.90
C GLU C 209 -38.57 -20.52 19.09
N GLY C 210 -38.09 -21.44 18.25
CA GLY C 210 -38.94 -22.29 17.39
C GLY C 210 -39.19 -21.80 15.97
N TYR C 211 -38.86 -20.56 15.66
CA TYR C 211 -39.18 -20.00 14.37
C TYR C 211 -38.16 -20.46 13.33
N SER C 212 -38.61 -20.78 12.13
CA SER C 212 -37.69 -21.28 11.16
C SER C 212 -37.31 -20.14 10.25
N VAL C 213 -36.03 -20.14 9.86
CA VAL C 213 -35.47 -19.05 9.10
C VAL C 213 -34.45 -19.49 8.09
N CYS C 214 -34.35 -18.67 7.04
CA CYS C 214 -33.22 -18.63 6.13
C CYS C 214 -32.18 -17.65 6.60
N VAL C 215 -30.93 -18.08 6.57
CA VAL C 215 -29.77 -17.30 7.05
C VAL C 215 -28.60 -17.57 6.09
N PHE C 216 -27.73 -16.58 5.88
CA PHE C 216 -26.49 -16.82 5.17
C PHE C 216 -25.67 -17.94 5.86
N PRO C 217 -25.14 -18.91 5.08
CA PRO C 217 -24.53 -20.11 5.66
C PRO C 217 -23.18 -19.95 6.32
N ASP C 218 -23.03 -20.50 7.52
CA ASP C 218 -21.72 -20.69 8.14
C ASP C 218 -20.69 -21.21 7.12
N SER C 219 -20.95 -22.35 6.47
CA SER C 219 -19.95 -22.96 5.56
C SER C 219 -19.27 -21.93 4.65
N LEU C 220 -20.03 -21.01 4.04
CA LEU C 220 -19.48 -20.05 3.07
C LEU C 220 -18.71 -18.90 3.71
N ASP C 221 -19.13 -18.46 4.89
CA ASP C 221 -18.42 -17.38 5.58
C ASP C 221 -17.06 -17.85 6.11
N GLU C 222 -17.00 -19.12 6.49
CA GLU C 222 -15.78 -19.74 7.02
C GLU C 222 -14.88 -20.39 5.94
N GLY C 223 -15.37 -20.56 4.72
CA GLY C 223 -14.60 -21.18 3.62
C GLY C 223 -14.50 -20.24 2.44
N ALA C 224 -15.36 -20.42 1.45
CA ALA C 224 -15.29 -19.73 0.15
C ALA C 224 -15.10 -18.23 0.20
N ASN C 225 -15.79 -17.53 1.11
CA ASN C 225 -15.69 -16.09 1.19
C ASN C 225 -14.28 -15.66 1.61
N ILE C 226 -13.64 -16.45 2.47
CA ILE C 226 -12.26 -16.20 2.88
C ILE C 226 -11.23 -16.62 1.84
N GLU C 227 -11.44 -17.80 1.23
CA GLU C 227 -10.58 -18.32 0.15
C GLU C 227 -10.39 -17.35 -1.03
N ILE C 228 -11.48 -16.70 -1.48
CA ILE C 228 -11.45 -15.81 -2.66
C ILE C 228 -11.32 -14.32 -2.33
N GLY C 229 -11.16 -14.02 -1.02
CA GLY C 229 -10.80 -12.67 -0.58
C GLY C 229 -11.93 -11.65 -0.51
N TYR C 230 -13.17 -12.13 -0.43
CA TYR C 230 -14.34 -11.25 -0.17
C TYR C 230 -14.32 -10.75 1.27
N LEU C 231 -14.08 -11.66 2.19
CA LEU C 231 -13.74 -11.35 3.55
C LEU C 231 -12.21 -11.29 3.65
N PRO C 232 -11.68 -10.26 4.33
CA PRO C 232 -10.25 -10.22 4.63
C PRO C 232 -9.81 -11.01 5.89
N GLY C 233 -10.73 -11.74 6.53
CA GLY C 233 -10.44 -12.53 7.75
C GLY C 233 -11.74 -13.11 8.31
N ARG C 234 -11.63 -13.90 9.37
CA ARG C 234 -12.77 -14.68 9.89
C ARG C 234 -13.62 -13.86 10.84
N LEU C 235 -14.93 -14.10 10.78
CA LEU C 235 -15.86 -13.48 11.70
C LEU C 235 -15.62 -14.07 13.07
N LYS C 236 -15.89 -13.29 14.11
CA LYS C 236 -15.69 -13.75 15.48
C LYS C 236 -16.85 -14.62 15.91
N TRP C 237 -17.94 -14.56 15.19
CA TRP C 237 -19.05 -15.43 15.43
C TRP C 237 -19.92 -15.40 14.22
N LEU C 238 -20.64 -16.50 14.00
CA LEU C 238 -21.45 -16.71 12.79
C LEU C 238 -22.89 -16.63 13.20
N VAL C 239 -23.70 -16.04 12.32
CA VAL C 239 -25.12 -15.75 12.55
C VAL C 239 -26.01 -16.99 12.70
N ALA C 240 -25.89 -17.92 11.77
CA ALA C 240 -26.67 -19.17 11.80
C ALA C 240 -26.40 -20.00 13.08
N ASP C 241 -25.13 -20.09 13.43
CA ASP C 241 -24.73 -20.71 14.67
C ASP C 241 -25.33 -20.08 15.94
N LEU C 242 -25.22 -18.76 16.11
CA LEU C 242 -25.79 -18.06 17.27
C LEU C 242 -27.31 -18.10 17.30
N LEU C 243 -27.95 -17.99 16.14
CA LEU C 243 -29.43 -18.13 16.12
C LEU C 243 -29.86 -19.55 16.53
N THR C 244 -29.06 -20.54 16.10
CA THR C 244 -29.29 -21.94 16.47
C THR C 244 -29.15 -22.10 17.97
N LYS C 245 -28.15 -21.47 18.55
CA LYS C 245 -28.02 -21.53 20.03
C LYS C 245 -29.19 -20.87 20.75
N GLN C 246 -29.89 -19.93 20.10
CA GLN C 246 -31.11 -19.32 20.69
C GLN C 246 -32.41 -20.09 20.44
N GLY C 247 -32.34 -21.21 19.73
CA GLY C 247 -33.53 -22.06 19.53
C GLY C 247 -34.30 -21.82 18.24
N LEU C 248 -33.74 -21.05 17.31
CA LEU C 248 -34.39 -20.89 15.98
C LEU C 248 -33.92 -22.02 15.09
N LYS C 249 -34.74 -22.43 14.13
CA LYS C 249 -34.35 -23.50 13.28
C LYS C 249 -33.88 -22.91 12.00
N VAL C 250 -32.60 -23.08 11.72
CA VAL C 250 -31.98 -22.58 10.49
C VAL C 250 -32.05 -23.64 9.43
N VAL C 251 -32.63 -23.25 8.32
CA VAL C 251 -33.25 -24.21 7.45
C VAL C 251 -32.38 -24.58 6.24
N ASN C 252 -31.40 -23.73 5.93
CA ASN C 252 -30.52 -23.87 4.75
C ASN C 252 -29.07 -23.99 5.20
N ASP C 253 -28.27 -24.82 4.53
CA ASP C 253 -26.81 -24.81 4.76
C ASP C 253 -26.05 -24.36 3.51
N ASP C 254 -26.76 -23.77 2.56
CA ASP C 254 -26.18 -23.26 1.34
C ASP C 254 -26.89 -21.97 0.86
N MET C 255 -26.36 -21.37 -0.20
CA MET C 255 -26.89 -20.12 -0.83
C MET C 255 -27.50 -20.44 -2.21
N THR C 256 -28.84 -20.33 -2.35
CA THR C 256 -29.54 -20.63 -3.62
C THR C 256 -30.77 -19.75 -3.95
N GLY C 257 -31.06 -18.73 -3.14
CA GLY C 257 -32.26 -17.92 -3.34
C GLY C 257 -33.53 -18.37 -2.64
N ARG C 258 -33.40 -19.34 -1.73
CA ARG C 258 -34.53 -19.79 -0.90
C ARG C 258 -35.12 -18.61 -0.14
N THR C 259 -36.45 -18.63 -0.04
CA THR C 259 -37.25 -17.76 0.78
C THR C 259 -38.11 -18.65 1.66
N LEU C 260 -38.53 -18.12 2.79
CA LEU C 260 -39.33 -18.90 3.72
C LEU C 260 -40.24 -17.95 4.49
N LYS C 261 -41.45 -18.44 4.76
CA LYS C 261 -42.41 -17.79 5.59
C LYS C 261 -42.75 -18.73 6.73
N ASP C 262 -42.68 -18.23 7.96
CA ASP C 262 -43.15 -18.96 9.12
C ASP C 262 -43.96 -17.96 9.91
N ARG C 263 -45.26 -18.20 9.94
CA ARG C 263 -46.24 -17.25 10.49
C ARG C 263 -45.98 -15.87 9.79
N LYS C 264 -45.70 -14.79 10.52
CA LYS C 264 -45.44 -13.49 9.86
C LYS C 264 -43.97 -13.11 9.80
N LEU C 265 -43.06 -14.10 9.93
CA LEU C 265 -41.61 -13.92 9.73
C LEU C 265 -41.18 -14.41 8.35
N LEU C 266 -40.70 -13.47 7.53
CA LEU C 266 -40.40 -13.75 6.14
C LEU C 266 -38.91 -13.56 5.90
N THR C 267 -38.20 -14.60 5.47
CA THR C 267 -36.75 -14.56 5.33
C THR C 267 -36.29 -15.07 3.96
N GLY C 268 -35.10 -14.66 3.62
CA GLY C 268 -34.39 -15.00 2.43
C GLY C 268 -32.98 -15.34 2.82
N ASP C 269 -32.31 -16.18 2.04
CA ASP C 269 -30.96 -16.63 2.40
C ASP C 269 -29.72 -15.80 1.95
N SER C 270 -29.89 -14.99 0.91
CA SER C 270 -28.82 -14.20 0.36
C SER C 270 -29.35 -13.20 -0.63
N PRO C 271 -28.46 -12.44 -1.26
CA PRO C 271 -28.94 -11.46 -2.25
C PRO C 271 -29.78 -12.09 -3.34
N LEU C 272 -29.37 -13.31 -3.76
CA LEU C 272 -30.12 -14.12 -4.75
C LEU C 272 -31.62 -14.20 -4.46
N ALA C 273 -31.99 -14.13 -3.18
CA ALA C 273 -33.41 -14.20 -2.73
C ALA C 273 -34.18 -12.89 -2.77
N SER C 274 -33.51 -11.79 -3.12
CA SER C 274 -34.06 -10.45 -3.00
C SER C 274 -35.39 -10.25 -3.72
N ASN C 275 -35.45 -10.65 -5.00
CA ASN C 275 -36.65 -10.41 -5.81
C ASN C 275 -37.86 -11.16 -5.29
N GLU C 276 -37.68 -12.45 -5.03
CA GLU C 276 -38.80 -13.27 -4.57
C GLU C 276 -39.25 -12.85 -3.16
N LEU C 277 -38.31 -12.39 -2.35
CA LEU C 277 -38.63 -11.89 -1.02
C LEU C 277 -39.55 -10.67 -1.06
N GLY C 278 -39.20 -9.73 -1.93
CA GLY C 278 -40.07 -8.57 -2.24
C GLY C 278 -41.48 -8.97 -2.62
N LYS C 279 -41.60 -9.88 -3.57
CA LYS C 279 -42.90 -10.43 -3.97
C LYS C 279 -43.68 -11.09 -2.81
N LEU C 280 -43.02 -11.99 -2.07
CA LEU C 280 -43.61 -12.65 -0.91
C LEU C 280 -44.13 -11.59 0.11
N ALA C 281 -43.33 -10.57 0.42
CA ALA C 281 -43.75 -9.55 1.39
C ALA C 281 -44.99 -8.78 0.95
N VAL C 282 -44.98 -8.30 -0.29
CA VAL C 282 -46.12 -7.62 -0.89
C VAL C 282 -47.37 -8.49 -0.86
N ASN C 283 -47.25 -9.75 -1.26
CA ASN C 283 -48.45 -10.64 -1.27
C ASN C 283 -49.05 -10.87 0.11
N GLU C 284 -48.20 -11.10 1.11
CA GLU C 284 -48.67 -11.35 2.48
C GLU C 284 -49.23 -10.07 3.10
N MET C 285 -48.58 -8.94 2.87
CA MET C 285 -49.06 -7.66 3.33
C MET C 285 -50.44 -7.30 2.77
N LEU C 286 -50.65 -7.46 1.46
CA LEU C 286 -51.94 -7.16 0.87
C LEU C 286 -53.05 -8.05 1.43
N ASN C 287 -52.71 -9.30 1.75
CA ASN C 287 -53.72 -10.19 2.34
C ASN C 287 -53.97 -9.84 3.82
N ALA C 288 -52.94 -9.38 4.51
CA ALA C 288 -53.07 -9.04 5.92
C ALA C 288 -54.00 -7.85 6.06
N ILE C 289 -53.98 -6.96 5.08
CA ILE C 289 -54.89 -5.82 5.07
C ILE C 289 -56.36 -6.28 5.05
N GLN C 290 -56.71 -7.16 4.11
CA GLN C 290 -58.05 -7.73 4.08
C GLN C 290 -58.40 -8.49 5.36
N ASN C 291 -57.51 -9.38 5.77
CA ASN C 291 -57.66 -10.11 7.02
C ASN C 291 -58.04 -9.19 8.22
N LYS C 292 -57.35 -8.05 8.38
CA LYS C 292 -57.50 -7.19 9.55
C LYS C 292 -58.80 -6.37 9.49
N LEU C 293 -59.13 -5.88 8.29
CA LEU C 293 -60.42 -5.20 8.00
C LEU C 293 -61.64 -6.00 8.47
N GLU C 294 -61.69 -7.29 8.12
CA GLU C 294 -62.85 -8.14 8.36
C GLU C 294 -62.89 -8.77 9.78
N HIS C 295 -61.73 -8.95 10.41
CA HIS C 295 -61.68 -9.35 11.84
C HIS C 295 -62.01 -8.21 12.85
N HIS C 296 -61.65 -6.97 12.50
CA HIS C 296 -62.04 -5.77 13.27
C HIS C 296 -63.56 -5.36 13.03
N HIS C 297 -64.06 -5.53 11.80
CA HIS C 297 -65.46 -5.24 11.44
C HIS C 297 -66.25 -6.57 11.25
N HIS C 298 -66.33 -7.10 10.03
CA HIS C 298 -67.00 -8.41 9.79
C HIS C 298 -66.66 -8.92 8.39
N HIS C 299 -67.08 -10.15 8.09
CA HIS C 299 -66.68 -10.84 6.84
C HIS C 299 -67.59 -10.59 5.63
N HIS C 300 -67.01 -10.79 4.44
CA HIS C 300 -67.75 -10.84 3.16
C HIS C 300 -67.82 -12.32 2.71
N ASN D 6 1.18 26.75 -3.79
CA ASN D 6 1.51 25.62 -4.71
C ASN D 6 0.35 25.49 -5.69
N GLU D 7 0.60 24.89 -6.86
CA GLU D 7 -0.46 24.60 -7.83
C GLU D 7 -1.17 23.27 -7.50
N LEU D 8 -1.51 23.08 -6.22
CA LEU D 8 -2.19 21.84 -5.76
C LEU D 8 -3.71 22.03 -5.88
N SER D 9 -4.42 20.93 -6.13
CA SER D 9 -5.86 21.01 -6.39
C SER D 9 -6.62 21.46 -5.13
N LYS D 10 -7.54 22.39 -5.33
CA LYS D 10 -8.43 22.86 -4.29
C LYS D 10 -9.82 22.18 -4.31
N GLN D 11 -10.10 21.33 -5.31
CA GLN D 11 -11.29 20.47 -5.36
C GLN D 11 -11.19 19.31 -4.35
N PRO D 12 -12.23 19.10 -3.51
CA PRO D 12 -12.18 17.99 -2.53
C PRO D 12 -12.10 16.61 -3.18
N THR D 13 -11.38 15.64 -2.58
CA THR D 13 -11.23 14.27 -3.16
C THR D 13 -12.37 13.33 -2.77
N PRO D 14 -13.02 12.67 -3.76
CA PRO D 14 -14.02 11.63 -3.41
C PRO D 14 -13.49 10.54 -2.44
N ASP D 15 -14.36 10.16 -1.50
CA ASP D 15 -14.19 8.96 -0.67
C ASP D 15 -15.04 7.86 -1.29
N LYS D 16 -14.41 6.73 -1.56
CA LYS D 16 -15.01 5.67 -2.37
C LYS D 16 -16.00 4.88 -1.55
N ALA D 17 -15.78 4.84 -0.24
CA ALA D 17 -16.58 4.03 0.63
C ALA D 17 -18.00 4.54 0.72
N GLU D 18 -18.21 5.83 0.44
CA GLU D 18 -19.48 6.48 0.72
C GLU D 18 -20.00 7.26 -0.47
N ASP D 19 -21.31 7.42 -0.56
CA ASP D 19 -21.97 8.13 -1.65
C ASP D 19 -21.84 9.62 -1.39
N ASN D 20 -21.38 10.36 -2.39
CA ASN D 20 -21.31 11.83 -2.36
C ASN D 20 -20.63 12.42 -1.13
N ALA D 21 -19.50 11.83 -0.78
CA ALA D 21 -18.68 12.23 0.34
C ALA D 21 -17.25 12.40 -0.08
N PHE D 22 -16.53 13.21 0.70
CA PHE D 22 -15.32 13.83 0.21
C PHE D 22 -14.29 14.05 1.27
N PHE D 23 -13.10 13.53 1.04
CA PHE D 23 -11.90 13.93 1.80
C PHE D 23 -11.59 15.42 1.53
N PRO D 24 -10.75 16.02 2.38
CA PRO D 24 -10.30 17.39 2.09
C PRO D 24 -9.42 17.46 0.84
N SER D 25 -9.47 18.59 0.14
CA SER D 25 -8.61 18.87 -1.04
C SER D 25 -7.12 18.61 -0.75
N PRO D 26 -6.33 18.19 -1.77
CA PRO D 26 -4.85 18.11 -1.61
C PRO D 26 -4.21 19.43 -1.17
N TYR D 27 -4.70 20.57 -1.67
CA TYR D 27 -4.19 21.89 -1.24
C TYR D 27 -4.32 22.11 0.29
N SER D 28 -5.54 21.92 0.82
CA SER D 28 -5.81 22.07 2.26
C SER D 28 -5.02 21.08 3.11
N LEU D 29 -4.81 19.89 2.58
CA LEU D 29 -3.94 18.94 3.26
C LEU D 29 -2.50 19.46 3.43
N SER D 30 -1.97 20.25 2.48
CA SER D 30 -0.61 20.84 2.68
C SER D 30 -0.55 21.95 3.71
N GLN D 31 -1.63 22.73 3.84
CA GLN D 31 -1.69 23.84 4.80
C GLN D 31 -1.98 23.39 6.22
N TYR D 32 -2.95 22.49 6.42
CA TYR D 32 -3.37 22.08 7.79
C TYR D 32 -2.86 20.73 8.31
N THR D 33 -2.13 19.97 7.49
CA THR D 33 -1.47 18.73 7.96
C THR D 33 0.03 18.78 7.74
N ALA D 34 0.72 17.89 8.42
CA ALA D 34 2.16 17.92 8.45
C ALA D 34 2.60 16.56 8.95
N PRO D 35 3.54 15.90 8.24
CA PRO D 35 3.99 14.56 8.70
C PRO D 35 4.68 14.51 10.08
N LYS D 36 4.83 15.66 10.74
CA LYS D 36 5.36 15.70 12.09
C LYS D 36 4.66 16.79 12.93
N THR D 37 4.55 16.53 14.23
CA THR D 37 3.95 17.49 15.14
C THR D 37 5.05 18.28 15.83
N ASP D 38 4.62 19.34 16.52
CA ASP D 38 5.50 20.18 17.34
C ASP D 38 5.90 19.55 18.68
N PHE D 39 5.92 18.23 18.79
CA PHE D 39 6.27 17.55 20.05
C PHE D 39 7.77 17.54 20.28
N ASP D 40 8.23 18.06 21.43
CA ASP D 40 9.61 17.79 21.93
C ASP D 40 9.66 17.35 23.42
N GLY D 41 9.03 16.20 23.69
CA GLY D 41 9.19 15.46 24.93
C GLY D 41 8.08 15.70 25.94
N VAL D 42 8.05 14.85 26.98
CA VAL D 42 7.02 14.88 28.02
C VAL D 42 7.64 15.40 29.29
N GLU D 43 6.93 16.25 30.02
CA GLU D 43 7.45 16.79 31.30
C GLU D 43 7.57 15.72 32.38
N HIS D 44 6.44 15.14 32.77
CA HIS D 44 6.31 14.38 34.04
C HIS D 44 6.29 12.86 33.91
N LYS D 45 7.21 12.30 33.10
CA LYS D 45 7.35 10.85 32.99
C LYS D 45 7.41 10.17 34.36
N GLY D 46 6.67 9.09 34.53
CA GLY D 46 6.72 8.31 35.77
C GLY D 46 6.18 8.99 37.02
N ALA D 47 5.53 10.14 36.87
CA ALA D 47 5.15 10.95 38.02
C ALA D 47 4.03 10.34 38.86
N TYR D 48 3.00 9.79 38.20
CA TYR D 48 1.94 9.07 38.91
C TYR D 48 2.21 7.58 38.94
N LYS D 49 2.25 7.04 40.16
CA LYS D 49 2.77 5.69 40.37
C LYS D 49 1.80 4.67 40.98
N ASP D 50 0.60 5.08 41.44
CA ASP D 50 -0.36 4.15 42.11
C ASP D 50 -1.19 3.27 41.15
N GLY D 51 -1.21 3.59 39.85
CA GLY D 51 -1.93 2.79 38.86
C GLY D 51 -3.47 2.81 38.91
N LYS D 52 -4.04 3.72 39.70
CA LYS D 52 -5.48 3.73 40.01
C LYS D 52 -6.27 4.73 39.16
N TRP D 53 -5.80 5.97 39.05
CA TRP D 53 -6.49 7.01 38.27
C TRP D 53 -6.31 6.84 36.74
N LYS D 54 -7.39 7.09 36.01
CA LYS D 54 -7.43 6.86 34.57
C LYS D 54 -8.13 8.01 33.91
N VAL D 55 -8.05 8.09 32.59
CA VAL D 55 -8.80 9.09 31.85
C VAL D 55 -9.80 8.38 30.96
N LEU D 56 -11.00 8.94 30.89
CA LEU D 56 -12.10 8.35 30.13
C LEU D 56 -12.19 9.14 28.87
N MET D 57 -11.75 8.57 27.74
CA MET D 57 -11.92 9.28 26.46
C MET D 57 -13.29 8.94 25.90
N ILE D 58 -14.00 9.97 25.47
CA ILE D 58 -15.22 9.87 24.67
C ILE D 58 -14.91 10.31 23.21
N ALA D 59 -15.02 9.35 22.29
CA ALA D 59 -14.52 9.47 20.94
C ALA D 59 -15.66 9.43 19.96
N ALA D 60 -15.32 9.77 18.72
CA ALA D 60 -16.33 9.80 17.68
C ALA D 60 -16.44 8.44 17.03
N GLU D 61 -17.67 8.02 16.74
CA GLU D 61 -17.90 6.75 16.08
C GLU D 61 -18.57 6.95 14.69
N GLU D 62 -18.77 8.20 14.29
CA GLU D 62 -19.37 8.47 13.01
C GLU D 62 -18.40 9.32 12.24
N ARG D 63 -18.13 8.93 11.00
CA ARG D 63 -17.09 9.56 10.19
C ARG D 63 -17.68 10.65 9.33
N TYR D 64 -18.92 10.50 8.87
CA TYR D 64 -19.49 11.37 7.85
C TYR D 64 -20.46 12.37 8.43
N VAL D 65 -20.23 13.64 8.12
CA VAL D 65 -21.08 14.74 8.52
C VAL D 65 -21.77 15.29 7.29
N LEU D 66 -23.10 15.24 7.30
CA LEU D 66 -23.92 15.82 6.25
C LEU D 66 -23.91 17.38 6.28
N LEU D 67 -23.75 18.00 5.09
CA LEU D 67 -23.59 19.44 4.93
C LEU D 67 -24.78 20.07 4.22
N GLU D 68 -24.83 21.41 4.23
CA GLU D 68 -25.95 22.15 3.63
C GLU D 68 -26.20 21.81 2.17
N ASN D 69 -25.16 21.54 1.39
CA ASN D 69 -25.35 21.22 -0.05
C ASN D 69 -25.69 19.74 -0.38
N GLY D 70 -25.94 18.90 0.64
CA GLY D 70 -26.26 17.49 0.45
C GLY D 70 -25.06 16.53 0.40
N LYS D 71 -23.85 17.08 0.41
CA LYS D 71 -22.60 16.32 0.37
C LYS D 71 -22.19 16.03 1.78
N MET D 72 -21.26 15.08 1.91
CA MET D 72 -20.73 14.74 3.23
C MET D 72 -19.22 14.92 3.32
N PHE D 73 -18.80 15.45 4.45
CA PHE D 73 -17.42 15.56 4.78
C PHE D 73 -16.93 14.23 5.42
N SER D 74 -15.91 13.61 4.81
CA SER D 74 -15.34 12.39 5.34
C SER D 74 -14.28 12.76 6.36
N THR D 75 -14.64 12.61 7.64
CA THR D 75 -13.87 13.20 8.73
C THR D 75 -13.58 12.15 9.79
N GLY D 76 -13.78 12.46 11.07
CA GLY D 76 -13.41 11.58 12.18
C GLY D 76 -12.89 12.44 13.31
N ASN D 77 -12.38 11.81 14.37
CA ASN D 77 -11.61 12.54 15.34
C ASN D 77 -10.33 12.95 14.64
N HIS D 78 -9.80 14.12 15.01
CA HIS D 78 -8.46 14.52 14.60
C HIS D 78 -7.48 13.72 15.41
N PRO D 79 -6.53 13.02 14.76
CA PRO D 79 -5.62 12.13 15.52
C PRO D 79 -4.50 12.81 16.31
N VAL D 80 -4.08 13.99 15.87
CA VAL D 80 -3.08 14.80 16.62
C VAL D 80 -3.72 15.26 17.92
N GLU D 81 -4.83 15.97 17.79
CA GLU D 81 -5.71 16.31 18.93
C GLU D 81 -5.97 15.17 19.89
N MET D 82 -6.19 13.96 19.39
CA MET D 82 -6.44 12.83 20.25
C MET D 82 -5.16 12.24 20.85
N LEU D 83 -4.22 11.81 20.01
CA LEU D 83 -3.13 10.92 20.44
C LEU D 83 -2.01 11.64 21.22
N LEU D 84 -1.87 12.94 20.98
CA LEU D 84 -0.76 13.71 21.56
C LEU D 84 -1.02 13.99 23.06
N PRO D 85 -2.19 14.53 23.42
CA PRO D 85 -2.42 14.62 24.85
C PRO D 85 -2.33 13.30 25.60
N LEU D 86 -2.81 12.21 25.00
CA LEU D 86 -2.85 10.92 25.70
C LEU D 86 -1.43 10.40 25.90
N HIS D 87 -0.51 10.72 24.98
CA HIS D 87 0.92 10.37 25.13
C HIS D 87 1.50 10.99 26.41
N HIS D 88 1.25 12.30 26.61
CA HIS D 88 1.66 12.99 27.84
C HIS D 88 1.06 12.27 29.04
N LEU D 89 -0.24 12.01 28.98
CA LEU D 89 -0.98 11.44 30.12
C LEU D 89 -0.55 10.03 30.44
N MET D 90 -0.45 9.19 29.41
CA MET D 90 0.01 7.81 29.58
C MET D 90 1.43 7.77 30.13
N GLU D 91 2.31 8.57 29.55
CA GLU D 91 3.72 8.58 30.00
C GLU D 91 3.86 9.08 31.45
N ALA D 92 2.92 9.91 31.90
CA ALA D 92 2.83 10.30 33.32
C ALA D 92 2.30 9.19 34.23
N GLY D 93 1.90 8.04 33.65
CA GLY D 93 1.36 6.89 34.40
C GLY D 93 -0.16 6.83 34.53
N PHE D 94 -0.90 7.62 33.74
CA PHE D 94 -2.39 7.61 33.76
C PHE D 94 -2.93 6.79 32.60
N ASP D 95 -3.56 5.66 32.88
CA ASP D 95 -4.10 4.80 31.83
C ASP D 95 -5.33 5.44 31.13
N VAL D 96 -5.72 4.90 29.96
CA VAL D 96 -6.88 5.39 29.21
C VAL D 96 -7.90 4.32 28.85
N ASP D 97 -9.17 4.66 29.04
CA ASP D 97 -10.24 3.86 28.49
C ASP D 97 -10.97 4.63 27.42
N VAL D 98 -11.36 3.93 26.37
CA VAL D 98 -12.05 4.55 25.23
C VAL D 98 -13.51 4.16 25.19
N ALA D 99 -14.38 5.14 25.02
CA ALA D 99 -15.81 4.86 24.92
C ALA D 99 -16.45 5.59 23.77
N THR D 100 -17.41 4.93 23.12
CA THR D 100 -18.22 5.57 22.12
C THR D 100 -19.67 5.44 22.54
N LEU D 101 -20.54 6.20 21.90
CA LEU D 101 -21.94 6.13 22.24
C LEU D 101 -22.61 4.76 22.03
N SER D 102 -22.15 3.96 21.06
CA SER D 102 -22.72 2.63 20.78
C SER D 102 -21.72 1.49 20.91
N GLY D 103 -20.48 1.80 21.31
CA GLY D 103 -19.39 0.83 21.23
C GLY D 103 -18.89 0.48 19.82
N TYR D 104 -19.23 1.30 18.82
CA TYR D 104 -18.63 1.15 17.50
C TYR D 104 -17.15 1.52 17.51
N PRO D 105 -16.37 1.01 16.55
CA PRO D 105 -14.96 1.47 16.43
C PRO D 105 -14.81 2.97 16.17
N VAL D 106 -13.70 3.53 16.67
CA VAL D 106 -13.41 4.96 16.56
C VAL D 106 -13.02 5.32 15.14
N LYS D 107 -13.52 6.49 14.70
CA LYS D 107 -13.31 6.99 13.36
C LYS D 107 -12.32 8.15 13.46
N LEU D 108 -11.14 7.97 12.89
CA LEU D 108 -10.15 9.03 12.83
C LEU D 108 -10.18 9.71 11.48
N GLU D 109 -9.70 10.97 11.48
CA GLU D 109 -9.33 11.67 10.25
C GLU D 109 -7.94 11.13 9.94
N LEU D 110 -7.85 10.02 9.19
CA LEU D 110 -6.55 9.38 8.96
C LEU D 110 -5.62 10.12 8.01
N TRP D 111 -6.21 10.93 7.13
CA TRP D 111 -5.50 11.87 6.26
C TRP D 111 -4.76 13.03 6.97
N ALA D 112 -4.96 13.15 8.29
CA ALA D 112 -4.19 14.08 9.13
C ALA D 112 -3.29 13.36 10.12
N MET D 113 -3.08 12.06 9.92
CA MET D 113 -2.18 11.30 10.77
C MET D 113 -0.75 11.74 10.42
N PRO D 114 0.02 12.14 11.44
CA PRO D 114 1.42 12.40 11.20
C PRO D 114 2.18 11.07 11.11
N THR D 115 2.40 10.60 9.89
CA THR D 115 3.01 9.27 9.62
C THR D 115 4.46 9.11 10.08
N GLU D 116 5.21 10.21 10.27
CA GLU D 116 6.62 10.16 10.67
C GLU D 116 6.88 10.70 12.09
N ASP D 117 5.86 10.75 12.96
CA ASP D 117 6.02 11.18 14.38
C ASP D 117 6.14 9.93 15.25
N GLU D 118 7.31 9.69 15.83
CA GLU D 118 7.55 8.52 16.68
C GLU D 118 6.54 8.44 17.82
N ALA D 119 6.26 9.57 18.45
CA ALA D 119 5.42 9.61 19.65
C ALA D 119 3.93 9.36 19.35
N VAL D 120 3.40 10.02 18.34
CA VAL D 120 2.00 9.86 17.96
C VAL D 120 1.72 8.43 17.44
N ILE D 121 2.63 7.87 16.65
CA ILE D 121 2.44 6.56 16.04
C ILE D 121 2.55 5.41 17.06
N SER D 122 3.46 5.49 18.03
CA SER D 122 3.60 4.42 19.02
C SER D 122 2.46 4.47 20.04
N THR D 123 1.88 5.66 20.21
CA THR D 123 0.70 5.84 21.04
C THR D 123 -0.53 5.25 20.34
N TYR D 124 -0.67 5.52 19.05
CA TYR D 124 -1.67 4.87 18.22
C TYR D 124 -1.61 3.36 18.32
N ASN D 125 -0.39 2.80 18.27
CA ASN D 125 -0.18 1.37 18.37
C ASN D 125 -0.58 0.84 19.75
N LYS D 126 -0.38 1.63 20.79
CA LYS D 126 -0.79 1.20 22.14
C LYS D 126 -2.29 1.22 22.36
N LEU D 127 -3.03 2.14 21.70
CA LEU D 127 -4.47 2.28 21.85
C LEU D 127 -5.33 1.59 20.77
N LYS D 128 -4.70 0.97 19.78
CA LYS D 128 -5.42 0.30 18.67
C LYS D 128 -6.50 -0.69 19.10
N GLU D 129 -6.19 -1.64 20.00
CA GLU D 129 -7.22 -2.56 20.57
C GLU D 129 -8.46 -1.83 21.11
N LYS D 130 -8.24 -0.76 21.87
CA LYS D 130 -9.31 -0.01 22.49
C LYS D 130 -10.05 0.90 21.52
N LEU D 131 -9.34 1.43 20.53
CA LEU D 131 -9.99 2.26 19.51
C LEU D 131 -10.87 1.42 18.61
N LYS D 132 -10.37 0.26 18.24
CA LYS D 132 -11.11 -0.67 17.40
C LYS D 132 -12.29 -1.40 18.11
N GLN D 133 -12.30 -1.41 19.45
CA GLN D 133 -13.32 -2.06 20.26
C GLN D 133 -13.54 -1.29 21.60
N PRO D 134 -14.15 -0.12 21.52
CA PRO D 134 -14.35 0.67 22.73
C PRO D 134 -15.45 0.14 23.61
N LYS D 135 -15.55 0.68 24.82
CA LYS D 135 -16.67 0.41 25.69
C LYS D 135 -17.89 1.19 25.17
N LYS D 136 -19.09 0.71 25.48
CA LYS D 136 -20.30 1.50 25.23
C LYS D 136 -20.40 2.49 26.40
N LEU D 137 -20.50 3.77 26.07
CA LEU D 137 -20.52 4.80 27.09
C LEU D 137 -21.60 4.57 28.17
N ALA D 138 -22.83 4.18 27.77
CA ALA D 138 -23.87 3.88 28.77
C ALA D 138 -23.44 2.78 29.75
N ASP D 139 -22.72 1.75 29.29
CA ASP D 139 -22.16 0.71 30.17
C ASP D 139 -21.14 1.28 31.20
N VAL D 140 -20.50 2.39 30.83
CA VAL D 140 -19.59 3.12 31.73
C VAL D 140 -20.43 3.92 32.75
N ILE D 141 -21.46 4.61 32.30
CA ILE D 141 -22.40 5.33 33.16
C ILE D 141 -23.07 4.41 34.20
N LYS D 142 -23.38 3.19 33.82
CA LYS D 142 -24.06 2.29 34.71
C LYS D 142 -23.10 1.64 35.75
N ASN D 143 -21.82 1.46 35.41
CA ASN D 143 -20.91 0.64 36.21
C ASN D 143 -19.71 1.35 36.84
N GLU D 144 -19.17 2.38 36.20
CA GLU D 144 -17.80 2.85 36.49
C GLU D 144 -17.66 4.34 36.82
N LEU D 145 -18.78 5.07 36.89
CA LEU D 145 -18.81 6.41 37.47
C LEU D 145 -19.14 6.35 39.00
N GLY D 146 -20.02 7.20 39.51
CA GLY D 146 -20.15 7.39 40.97
C GLY D 146 -19.02 8.24 41.57
N PRO D 147 -19.07 8.47 42.90
CA PRO D 147 -18.05 9.27 43.59
C PRO D 147 -16.73 8.53 43.83
N ASP D 148 -16.79 7.20 43.96
CA ASP D 148 -15.60 6.35 44.00
C ASP D 148 -15.03 6.05 42.60
N SER D 149 -15.44 6.79 41.57
CA SER D 149 -15.02 6.50 40.21
C SER D 149 -13.53 6.64 40.10
N ASP D 150 -12.85 5.64 39.54
CA ASP D 150 -11.40 5.72 39.28
C ASP D 150 -11.01 6.63 38.11
N TYR D 151 -11.99 7.30 37.47
CA TYR D 151 -11.71 8.25 36.39
C TYR D 151 -11.55 9.67 36.91
N LEU D 152 -10.41 10.27 36.58
CA LEU D 152 -10.08 11.64 36.96
C LEU D 152 -10.57 12.68 35.92
N SER D 153 -10.56 12.32 34.66
CA SER D 153 -10.96 13.25 33.62
C SER D 153 -11.76 12.56 32.50
N VAL D 154 -12.58 13.37 31.84
CA VAL D 154 -13.21 13.03 30.61
C VAL D 154 -12.48 13.80 29.53
N PHE D 155 -11.89 13.13 28.55
CA PHE D 155 -11.20 13.79 27.44
C PHE D 155 -12.04 13.63 26.16
N ILE D 156 -12.41 14.73 25.51
CA ILE D 156 -13.24 14.68 24.31
C ILE D 156 -12.50 15.34 23.13
N PRO D 157 -11.76 14.54 22.34
CA PRO D 157 -11.11 15.15 21.21
C PRO D 157 -12.06 15.75 20.18
N GLY D 158 -11.49 16.58 19.34
CA GLY D 158 -12.21 17.20 18.26
C GLY D 158 -11.87 16.52 16.96
N GLY D 159 -11.88 17.32 15.91
CA GLY D 159 -12.06 16.87 14.56
C GLY D 159 -13.54 17.12 14.31
N HIS D 160 -13.87 17.44 13.07
CA HIS D 160 -15.23 17.73 12.69
C HIS D 160 -16.29 16.66 13.00
N ALA D 161 -15.87 15.42 13.21
CA ALA D 161 -16.79 14.35 13.61
C ALA D 161 -17.40 14.59 14.99
N ALA D 162 -16.69 15.29 15.87
CA ALA D 162 -17.20 15.55 17.22
C ALA D 162 -18.58 16.27 17.26
N VAL D 163 -19.02 16.90 16.16
CA VAL D 163 -20.34 17.56 16.08
C VAL D 163 -21.52 16.61 15.69
N VAL D 164 -21.31 15.31 15.79
CA VAL D 164 -22.30 14.32 15.37
C VAL D 164 -22.53 13.40 16.57
N GLY D 165 -23.75 13.37 17.12
CA GLY D 165 -24.11 12.47 18.22
C GLY D 165 -23.66 12.94 19.60
N ILE D 166 -22.35 13.10 19.74
CA ILE D 166 -21.67 13.65 20.94
C ILE D 166 -22.28 15.00 21.41
N SER D 167 -22.81 15.78 20.45
CA SER D 167 -23.37 17.12 20.68
C SER D 167 -24.84 17.17 21.14
N GLU D 168 -25.51 16.01 21.09
CA GLU D 168 -26.93 15.92 21.42
C GLU D 168 -27.25 14.57 22.08
N SER D 169 -26.45 14.17 23.06
CA SER D 169 -26.47 12.83 23.64
C SER D 169 -26.83 12.87 25.10
N GLU D 170 -27.85 12.12 25.49
CA GLU D 170 -28.21 12.01 26.90
C GLU D 170 -27.10 11.30 27.68
N ASP D 171 -26.37 10.40 27.01
CA ASP D 171 -25.24 9.73 27.64
C ASP D 171 -24.09 10.71 27.97
N VAL D 172 -23.79 11.64 27.06
CA VAL D 172 -22.75 12.63 27.33
C VAL D 172 -23.20 13.60 28.47
N GLN D 173 -24.43 14.09 28.38
CA GLN D 173 -24.99 14.95 29.41
C GLN D 173 -24.80 14.48 30.82
N GLN D 174 -25.11 13.21 31.04
CA GLN D 174 -24.90 12.57 32.34
C GLN D 174 -23.43 12.43 32.67
N THR D 175 -22.56 12.24 31.67
CA THR D 175 -21.11 12.12 31.91
C THR D 175 -20.56 13.49 32.30
N LEU D 176 -20.96 14.54 31.57
CA LEU D 176 -20.59 15.89 31.95
C LEU D 176 -21.08 16.21 33.38
N ASP D 177 -22.36 15.96 33.67
CA ASP D 177 -22.90 16.10 35.05
C ASP D 177 -22.13 15.38 36.13
N TRP D 178 -21.80 14.12 35.95
CA TRP D 178 -20.90 13.45 36.91
C TRP D 178 -19.58 14.19 37.13
N ALA D 179 -19.05 14.85 36.10
CA ALA D 179 -17.74 15.54 36.21
C ALA D 179 -17.86 16.75 37.10
N LEU D 180 -18.78 17.64 36.74
CA LEU D 180 -19.18 18.77 37.56
C LEU D 180 -19.47 18.37 39.01
N ASP D 181 -20.41 17.44 39.20
CA ASP D 181 -20.83 17.03 40.55
C ASP D 181 -19.77 16.29 41.39
N ASN D 182 -18.60 15.95 40.85
CA ASN D 182 -17.56 15.28 41.66
C ASN D 182 -16.16 15.85 41.45
N ASP D 183 -16.07 17.10 41.02
CA ASP D 183 -14.79 17.82 40.99
C ASP D 183 -13.78 17.13 40.03
N ARG D 184 -14.28 16.75 38.85
CA ARG D 184 -13.50 15.97 37.87
C ARG D 184 -13.27 16.80 36.66
N PHE D 185 -12.16 16.50 35.96
CA PHE D 185 -11.75 17.31 34.80
C PHE D 185 -12.58 17.03 33.56
N ILE D 186 -12.61 18.01 32.68
CA ILE D 186 -13.28 17.93 31.40
C ILE D 186 -12.31 18.60 30.47
N VAL D 187 -11.80 17.84 29.50
CA VAL D 187 -10.67 18.28 28.67
C VAL D 187 -11.04 18.09 27.21
N THR D 188 -11.14 19.19 26.45
CA THR D 188 -11.66 19.18 25.08
C THR D 188 -10.80 20.03 24.14
N LEU D 189 -10.92 19.87 22.83
CA LEU D 189 -10.41 20.88 21.88
C LEU D 189 -11.05 20.83 20.49
N CYS D 190 -10.86 21.90 19.72
CA CYS D 190 -11.24 22.03 18.27
C CYS D 190 -12.78 22.16 18.12
N HIS D 191 -13.43 21.14 17.54
CA HIS D 191 -14.88 21.03 17.60
C HIS D 191 -15.40 20.20 18.76
N GLY D 192 -14.51 19.53 19.48
CA GLY D 192 -14.88 18.71 20.62
C GLY D 192 -15.79 19.34 21.66
N PRO D 193 -15.65 20.64 21.92
CA PRO D 193 -16.57 21.35 22.80
C PRO D 193 -18.03 21.30 22.36
N ALA D 194 -18.30 20.99 21.10
CA ALA D 194 -19.63 20.49 20.70
C ALA D 194 -20.23 19.52 21.73
N ALA D 195 -19.40 18.62 22.28
CA ALA D 195 -19.84 17.72 23.34
C ALA D 195 -20.61 18.43 24.46
N LEU D 196 -20.07 19.57 24.88
CA LEU D 196 -20.60 20.35 25.99
C LEU D 196 -22.02 20.88 25.72
N LEU D 197 -22.41 20.98 24.46
CA LEU D 197 -23.79 21.27 24.07
C LEU D 197 -24.83 20.32 24.68
N SER D 198 -24.43 19.07 24.88
CA SER D 198 -25.25 18.08 25.57
C SER D 198 -25.56 18.38 27.05
N ALA D 199 -24.73 19.19 27.70
CA ALA D 199 -24.97 19.58 29.10
C ALA D 199 -26.35 20.23 29.22
N GLY D 200 -26.71 21.06 28.24
CA GLY D 200 -27.98 21.78 28.26
C GLY D 200 -29.15 21.13 27.54
N LEU D 201 -29.12 19.81 27.42
CA LEU D 201 -30.15 19.06 26.69
C LEU D 201 -31.46 18.93 27.50
N ASN D 202 -32.58 19.38 26.91
CA ASN D 202 -33.93 19.36 27.54
C ASN D 202 -34.12 20.25 28.78
N ARG D 203 -33.09 20.98 29.20
CA ARG D 203 -33.15 21.90 30.34
C ARG D 203 -33.42 23.32 29.83
N GLU D 204 -33.65 24.26 30.74
CA GLU D 204 -33.77 25.66 30.36
C GLU D 204 -32.39 26.34 30.34
N LYS D 205 -31.56 26.00 31.32
CA LYS D 205 -30.22 26.54 31.49
C LYS D 205 -29.22 25.40 31.59
N SER D 206 -28.20 25.42 30.72
CA SER D 206 -27.06 24.50 30.85
C SER D 206 -26.35 24.83 32.13
N PRO D 207 -25.83 23.83 32.88
CA PRO D 207 -25.01 24.12 34.05
C PRO D 207 -23.56 24.48 33.69
N LEU D 208 -23.24 24.57 32.41
CA LEU D 208 -21.97 25.15 31.97
C LEU D 208 -22.07 26.66 31.65
N GLU D 209 -23.22 27.29 31.89
CA GLU D 209 -23.39 28.73 31.55
C GLU D 209 -22.39 29.59 32.31
N GLY D 210 -21.80 30.57 31.62
CA GLY D 210 -20.69 31.35 32.17
C GLY D 210 -19.36 30.63 32.33
N TYR D 211 -19.19 29.47 31.68
CA TYR D 211 -17.89 28.83 31.61
C TYR D 211 -17.22 29.45 30.39
N SER D 212 -15.90 29.41 30.37
CA SER D 212 -15.10 29.99 29.27
C SER D 212 -14.32 28.88 28.55
N VAL D 213 -14.24 29.03 27.23
CA VAL D 213 -13.64 28.02 26.36
C VAL D 213 -13.03 28.66 25.13
N CYS D 214 -11.93 28.08 24.65
CA CYS D 214 -11.53 28.25 23.25
C CYS D 214 -12.26 27.18 22.47
N VAL D 215 -12.78 27.54 21.31
CA VAL D 215 -13.38 26.60 20.38
C VAL D 215 -12.92 26.99 18.98
N PHE D 216 -12.91 26.05 18.06
CA PHE D 216 -12.58 26.37 16.67
C PHE D 216 -13.42 27.56 16.17
N PRO D 217 -12.81 28.52 15.43
CA PRO D 217 -13.55 29.72 15.00
C PRO D 217 -14.65 29.52 13.97
N ASP D 218 -15.81 30.12 14.23
CA ASP D 218 -16.89 30.09 13.27
C ASP D 218 -16.33 30.47 11.90
N SER D 219 -15.85 31.71 11.77
CA SER D 219 -15.49 32.34 10.47
C SER D 219 -14.53 31.49 9.60
N LEU D 220 -13.54 30.89 10.26
CA LEU D 220 -12.67 29.91 9.62
C LEU D 220 -13.43 28.77 8.96
N ASP D 221 -14.41 28.23 9.69
CA ASP D 221 -15.37 27.22 9.15
C ASP D 221 -16.37 27.77 8.13
N GLU D 222 -16.81 29.03 8.25
CA GLU D 222 -17.72 29.60 7.22
C GLU D 222 -16.98 30.23 6.04
N GLY D 223 -15.67 30.45 6.18
CA GLY D 223 -14.88 31.17 5.18
C GLY D 223 -13.77 30.35 4.56
N ALA D 224 -12.60 30.35 5.20
CA ALA D 224 -11.38 29.71 4.64
C ALA D 224 -11.63 28.27 4.24
N ASN D 225 -12.12 27.49 5.20
CA ASN D 225 -12.26 26.06 5.04
C ASN D 225 -13.11 25.67 3.81
N ILE D 226 -14.06 26.50 3.39
CA ILE D 226 -14.76 26.32 2.09
C ILE D 226 -14.01 26.88 0.84
N GLU D 227 -13.26 27.98 0.98
CA GLU D 227 -12.53 28.60 -0.14
C GLU D 227 -11.54 27.57 -0.73
N ILE D 228 -10.76 26.96 0.15
CA ILE D 228 -9.74 25.95 -0.19
C ILE D 228 -10.22 24.46 -0.37
N GLY D 229 -11.45 24.17 0.08
CA GLY D 229 -12.02 22.84 -0.06
C GLY D 229 -11.58 21.83 0.98
N TYR D 230 -11.25 22.30 2.19
CA TYR D 230 -11.14 21.43 3.38
C TYR D 230 -12.53 20.81 3.64
N LEU D 231 -13.56 21.66 3.73
CA LEU D 231 -14.95 21.21 3.71
C LEU D 231 -15.42 21.27 2.29
N PRO D 232 -16.20 20.28 1.86
CA PRO D 232 -16.86 20.35 0.55
C PRO D 232 -18.17 21.15 0.56
N GLY D 233 -18.49 21.75 1.72
CA GLY D 233 -19.69 22.55 1.88
C GLY D 233 -19.90 23.08 3.31
N ARG D 234 -20.97 23.84 3.49
CA ARG D 234 -21.24 24.48 4.77
C ARG D 234 -21.79 23.53 5.84
N LEU D 235 -21.24 23.66 7.04
CA LEU D 235 -21.85 23.09 8.21
C LEU D 235 -23.24 23.67 8.38
N LYS D 236 -24.17 22.84 8.86
CA LYS D 236 -25.55 23.27 9.12
C LYS D 236 -25.66 24.16 10.36
N TRP D 237 -24.65 24.13 11.20
CA TRP D 237 -24.62 24.96 12.37
C TRP D 237 -23.18 24.97 12.96
N LEU D 238 -22.83 26.03 13.67
CA LEU D 238 -21.45 26.28 14.08
C LEU D 238 -21.38 26.17 15.55
N VAL D 239 -20.29 25.60 16.05
CA VAL D 239 -20.16 25.25 17.44
C VAL D 239 -20.01 26.52 18.31
N ALA D 240 -19.15 27.44 17.90
CA ALA D 240 -18.89 28.67 18.67
C ALA D 240 -20.14 29.56 18.74
N ASP D 241 -20.93 29.58 17.68
CA ASP D 241 -22.24 30.23 17.69
C ASP D 241 -23.17 29.61 18.74
N LEU D 242 -23.31 28.28 18.74
CA LEU D 242 -24.28 27.61 19.63
C LEU D 242 -23.83 27.55 21.07
N LEU D 243 -22.52 27.64 21.31
CA LEU D 243 -22.03 27.68 22.69
C LEU D 243 -22.29 29.07 23.27
N THR D 244 -22.13 30.10 22.46
CA THR D 244 -22.48 31.45 22.93
C THR D 244 -24.01 31.53 23.16
N LYS D 245 -24.86 31.14 22.21
CA LYS D 245 -26.33 31.11 22.43
C LYS D 245 -26.81 30.29 23.66
N GLN D 246 -26.01 29.34 24.13
CA GLN D 246 -26.22 28.67 25.45
C GLN D 246 -25.51 29.36 26.63
N GLY D 247 -24.79 30.45 26.36
CA GLY D 247 -24.17 31.30 27.39
C GLY D 247 -22.84 30.80 27.92
N LEU D 248 -22.03 30.20 27.05
CA LEU D 248 -20.62 29.98 27.34
C LEU D 248 -19.88 31.19 26.83
N LYS D 249 -18.77 31.51 27.49
CA LYS D 249 -17.88 32.60 27.05
C LYS D 249 -16.90 32.09 25.99
N VAL D 250 -17.23 32.32 24.72
CA VAL D 250 -16.32 31.92 23.66
C VAL D 250 -15.12 32.89 23.68
N VAL D 251 -14.06 32.43 24.33
CA VAL D 251 -12.81 33.19 24.49
C VAL D 251 -12.06 33.67 23.21
N ASN D 252 -11.80 32.78 22.25
CA ASN D 252 -11.07 33.17 21.02
C ASN D 252 -12.01 33.45 19.84
N ASP D 253 -11.47 33.96 18.75
CA ASP D 253 -12.14 33.93 17.43
C ASP D 253 -11.18 33.68 16.22
N ASP D 254 -9.98 33.17 16.55
CA ASP D 254 -8.92 32.91 15.58
C ASP D 254 -8.27 31.59 15.96
N MET D 255 -7.43 31.07 15.06
CA MET D 255 -6.68 29.83 15.31
C MET D 255 -5.20 30.09 15.62
N THR D 256 -4.83 30.01 16.89
CA THR D 256 -3.46 30.37 17.35
C THR D 256 -2.73 29.34 18.23
N GLY D 257 -3.36 28.21 18.54
CA GLY D 257 -2.79 27.27 19.53
C GLY D 257 -3.10 27.64 20.98
N ARG D 258 -4.04 28.57 21.14
CA ARG D 258 -4.54 29.00 22.43
C ARG D 258 -5.10 27.80 23.21
N THR D 259 -4.70 27.66 24.49
CA THR D 259 -5.37 26.79 25.45
C THR D 259 -6.09 27.67 26.51
N LEU D 260 -6.56 27.11 27.63
CA LEU D 260 -7.33 27.86 28.66
C LEU D 260 -7.83 26.96 29.76
N LYS D 261 -7.46 27.27 31.00
CA LYS D 261 -8.07 26.68 32.20
C LYS D 261 -9.30 27.52 32.60
N ASP D 262 -10.41 26.87 32.98
CA ASP D 262 -11.54 27.54 33.65
C ASP D 262 -12.09 26.51 34.62
N ARG D 263 -11.78 26.66 35.91
CA ARG D 263 -12.04 25.66 36.93
C ARG D 263 -11.38 24.39 36.41
N LYS D 264 -12.13 23.32 36.17
CA LYS D 264 -11.54 22.11 35.63
C LYS D 264 -11.98 21.82 34.18
N LEU D 265 -12.34 22.86 33.45
CA LEU D 265 -12.66 22.76 32.06
C LEU D 265 -11.46 23.30 31.29
N LEU D 266 -10.63 22.39 30.75
CA LEU D 266 -9.47 22.81 29.96
C LEU D 266 -9.82 22.67 28.50
N THR D 267 -9.67 23.70 27.69
CA THR D 267 -9.91 23.57 26.28
C THR D 267 -8.76 24.07 25.47
N GLY D 268 -8.83 23.87 24.15
CA GLY D 268 -7.81 24.35 23.20
C GLY D 268 -8.53 24.71 21.91
N ASP D 269 -7.91 25.55 21.08
CA ASP D 269 -8.65 26.21 20.01
C ASP D 269 -8.65 25.46 18.68
N SER D 270 -7.77 24.47 18.53
CA SER D 270 -7.50 23.81 17.24
C SER D 270 -6.47 22.68 17.39
N PRO D 271 -6.10 22.01 16.27
CA PRO D 271 -4.94 21.10 16.19
C PRO D 271 -3.62 21.65 16.73
N LEU D 272 -3.35 22.93 16.51
CA LEU D 272 -2.11 23.58 16.96
C LEU D 272 -1.96 23.58 18.48
N ALA D 273 -3.09 23.49 19.19
CA ALA D 273 -3.11 23.49 20.65
C ALA D 273 -2.88 22.13 21.31
N SER D 274 -2.60 21.11 20.54
CA SER D 274 -2.62 19.74 21.07
C SER D 274 -1.58 19.49 22.14
N ASN D 275 -0.35 19.91 21.86
CA ASN D 275 0.75 19.57 22.72
C ASN D 275 0.69 20.33 24.04
N GLU D 276 0.29 21.58 23.95
CA GLU D 276 0.20 22.42 25.16
C GLU D 276 -0.92 21.91 26.06
N LEU D 277 -2.03 21.48 25.45
CA LEU D 277 -3.17 20.93 26.19
C LEU D 277 -2.81 19.66 26.96
N GLY D 278 -1.99 18.80 26.34
CA GLY D 278 -1.49 17.61 27.02
C GLY D 278 -0.63 17.90 28.24
N LYS D 279 0.30 18.86 28.09
CA LYS D 279 1.06 19.43 29.23
C LYS D 279 0.15 20.10 30.26
N LEU D 280 -0.77 20.93 29.81
CA LEU D 280 -1.74 21.56 30.72
C LEU D 280 -2.54 20.52 31.54
N ALA D 281 -3.16 19.55 30.86
CA ALA D 281 -3.96 18.52 31.51
C ALA D 281 -3.17 17.74 32.54
N VAL D 282 -1.96 17.32 32.16
CA VAL D 282 -1.12 16.52 33.06
C VAL D 282 -0.67 17.34 34.25
N ASN D 283 -0.31 18.59 34.02
CA ASN D 283 0.04 19.50 35.12
C ASN D 283 -1.11 19.62 36.12
N GLU D 284 -2.30 19.96 35.65
CA GLU D 284 -3.50 20.06 36.54
C GLU D 284 -3.91 18.78 37.32
N MET D 285 -3.76 17.62 36.70
CA MET D 285 -4.20 16.37 37.31
C MET D 285 -3.25 16.00 38.47
N LEU D 286 -1.94 16.04 38.20
CA LEU D 286 -0.90 15.81 39.23
C LEU D 286 -1.05 16.74 40.45
N ASN D 287 -1.33 18.02 40.23
CA ASN D 287 -1.65 18.98 41.31
C ASN D 287 -2.65 18.39 42.28
N ALA D 288 -3.79 17.93 41.75
CA ALA D 288 -4.87 17.41 42.59
C ALA D 288 -4.59 16.10 43.38
N ILE D 289 -3.32 15.72 43.64
CA ILE D 289 -2.99 14.72 44.68
C ILE D 289 -1.96 15.25 45.70
N ASN E 6 17.23 11.19 17.60
CA ASN E 6 18.23 11.30 18.74
C ASN E 6 18.19 10.04 19.65
N GLU E 7 16.99 9.50 19.92
CA GLU E 7 16.82 8.18 20.53
C GLU E 7 16.77 7.02 19.49
N LEU E 8 16.61 7.34 18.19
CA LEU E 8 16.56 6.31 17.13
C LEU E 8 17.87 5.55 17.01
N SER E 9 17.78 4.29 16.57
CA SER E 9 18.96 3.43 16.38
C SER E 9 19.94 4.01 15.32
N LYS E 10 21.21 4.04 15.68
CA LYS E 10 22.32 4.36 14.76
C LYS E 10 22.88 3.08 14.13
N GLN E 11 22.18 1.96 14.30
CA GLN E 11 22.62 0.72 13.67
C GLN E 11 21.99 0.59 12.28
N PRO E 12 22.81 0.27 11.27
CA PRO E 12 22.31 -0.08 9.96
C PRO E 12 21.29 -1.23 10.04
N THR E 13 20.19 -1.12 9.29
CA THR E 13 19.08 -2.10 9.20
C THR E 13 19.30 -3.20 8.13
N PRO E 14 19.22 -4.50 8.50
CA PRO E 14 19.52 -5.50 7.45
C PRO E 14 18.58 -5.44 6.23
N ASP E 15 19.13 -5.60 5.02
CA ASP E 15 18.34 -5.72 3.81
C ASP E 15 18.26 -7.20 3.56
N LYS E 16 17.06 -7.77 3.77
CA LYS E 16 16.89 -9.23 3.82
C LYS E 16 17.00 -9.90 2.44
N ALA E 17 16.89 -9.10 1.36
CA ALA E 17 17.14 -9.57 0.01
C ALA E 17 18.59 -9.99 -0.25
N GLU E 18 19.54 -9.42 0.48
CA GLU E 18 20.95 -9.69 0.23
C GLU E 18 21.74 -10.13 1.47
N ASP E 19 22.81 -10.87 1.21
CA ASP E 19 23.72 -11.30 2.24
C ASP E 19 24.60 -10.14 2.70
N ASN E 20 24.46 -9.86 4.00
CA ASN E 20 25.41 -9.06 4.75
C ASN E 20 25.38 -7.69 4.10
N ALA E 21 24.13 -7.24 3.88
CA ALA E 21 23.83 -5.96 3.26
C ALA E 21 22.93 -5.16 4.15
N PHE E 22 23.09 -3.85 4.16
CA PHE E 22 22.33 -3.02 5.07
C PHE E 22 21.78 -1.76 4.43
N PHE E 23 20.55 -1.42 4.81
CA PHE E 23 19.97 -0.12 4.51
C PHE E 23 20.55 0.81 5.53
N PRO E 24 20.45 2.13 5.32
CA PRO E 24 20.86 3.11 6.35
C PRO E 24 20.12 2.99 7.68
N SER E 25 20.74 3.53 8.72
CA SER E 25 20.24 3.43 10.09
C SER E 25 19.04 4.38 10.30
N PRO E 26 18.05 3.96 11.12
CA PRO E 26 16.86 4.81 11.38
C PRO E 26 17.18 6.23 11.90
N TYR E 27 18.21 6.38 12.74
CA TYR E 27 18.71 7.72 13.13
C TYR E 27 19.21 8.52 11.92
N SER E 28 19.98 7.86 11.04
CA SER E 28 20.49 8.49 9.79
C SER E 28 19.42 8.87 8.77
N LEU E 29 18.32 8.14 8.72
CA LEU E 29 17.20 8.48 7.84
C LEU E 29 16.44 9.71 8.32
N SER E 30 16.17 9.79 9.63
CA SER E 30 15.51 10.97 10.18
C SER E 30 16.35 12.25 10.00
N GLN E 31 17.68 12.12 9.91
CA GLN E 31 18.59 13.24 9.57
C GLN E 31 18.58 13.64 8.06
N TYR E 32 18.85 12.70 7.15
CA TYR E 32 19.07 13.03 5.71
C TYR E 32 17.92 12.84 4.73
N THR E 33 16.79 12.32 5.19
CA THR E 33 15.60 12.18 4.33
C THR E 33 14.43 12.81 5.02
N ALA E 34 13.40 13.06 4.23
CA ALA E 34 12.19 13.61 4.78
C ALA E 34 11.02 13.26 3.88
N PRO E 35 9.80 13.29 4.42
CA PRO E 35 8.61 13.00 3.60
C PRO E 35 8.30 14.04 2.52
N LYS E 36 8.73 15.29 2.69
CA LYS E 36 8.62 16.36 1.66
C LYS E 36 9.99 16.92 1.26
N THR E 37 10.14 17.38 0.01
CA THR E 37 11.30 18.14 -0.45
C THR E 37 11.06 19.64 -0.22
N ASP E 38 12.06 20.44 -0.56
CA ASP E 38 11.90 21.91 -0.61
C ASP E 38 11.43 22.46 -1.99
N PHE E 39 10.75 21.65 -2.80
CA PHE E 39 10.17 22.12 -4.06
C PHE E 39 9.15 23.24 -3.82
N ASP E 40 9.16 24.32 -4.61
CA ASP E 40 8.11 25.37 -4.53
C ASP E 40 7.63 25.85 -5.92
N GLY E 41 7.47 24.90 -6.83
CA GLY E 41 7.00 25.17 -8.18
C GLY E 41 8.10 25.26 -9.23
N VAL E 42 7.64 25.13 -10.47
CA VAL E 42 8.49 25.15 -11.66
C VAL E 42 8.47 26.56 -12.27
N GLU E 43 9.59 26.97 -12.88
CA GLU E 43 9.76 28.33 -13.40
C GLU E 43 9.23 28.51 -14.81
N HIS E 44 9.14 27.41 -15.55
CA HIS E 44 9.00 27.48 -16.99
C HIS E 44 8.11 26.40 -17.51
N LYS E 45 6.97 26.17 -16.85
CA LYS E 45 6.08 25.08 -17.29
C LYS E 45 5.51 25.36 -18.72
N GLY E 46 5.84 24.50 -19.68
CA GLY E 46 5.38 24.62 -21.08
C GLY E 46 6.28 25.48 -21.98
N ALA E 47 7.37 26.01 -21.43
CA ALA E 47 8.27 26.93 -22.17
C ALA E 47 8.89 26.41 -23.49
N TYR E 48 9.14 25.11 -23.58
CA TYR E 48 9.59 24.49 -24.84
C TYR E 48 8.42 23.66 -25.31
N LYS E 49 7.76 24.16 -26.36
CA LYS E 49 6.54 23.56 -26.91
C LYS E 49 6.88 22.58 -28.02
N ASP E 50 7.99 22.81 -28.75
CA ASP E 50 8.30 21.98 -29.93
C ASP E 50 8.51 20.52 -29.50
N GLY E 51 8.40 19.55 -30.41
CA GLY E 51 8.37 18.13 -29.97
C GLY E 51 9.66 17.32 -29.84
N LYS E 52 10.84 17.94 -29.95
CA LYS E 52 12.03 17.21 -30.40
C LYS E 52 13.02 16.86 -29.26
N TRP E 53 13.59 17.89 -28.64
CA TRP E 53 14.64 17.75 -27.70
C TRP E 53 14.24 16.94 -26.46
N LYS E 54 15.01 15.88 -26.19
CA LYS E 54 14.85 15.02 -25.03
C LYS E 54 16.10 14.99 -24.16
N VAL E 55 15.96 14.68 -22.88
CA VAL E 55 17.12 14.29 -22.07
C VAL E 55 17.31 12.76 -22.13
N LEU E 56 18.58 12.32 -22.21
CA LEU E 56 18.97 10.92 -22.00
C LEU E 56 19.40 10.82 -20.56
N MET E 57 18.70 10.03 -19.75
CA MET E 57 19.19 9.75 -18.39
C MET E 57 19.93 8.41 -18.35
N ILE E 58 21.18 8.43 -17.89
CA ILE E 58 21.96 7.22 -17.57
C ILE E 58 21.80 6.91 -16.07
N ALA E 59 21.16 5.79 -15.77
CA ALA E 59 20.72 5.46 -14.42
C ALA E 59 21.38 4.21 -13.94
N ALA E 60 21.37 4.01 -12.62
CA ALA E 60 22.05 2.89 -11.98
C ALA E 60 21.19 1.64 -12.03
N GLU E 61 21.85 0.51 -12.20
CA GLU E 61 21.20 -0.79 -12.22
C GLU E 61 21.74 -1.78 -11.15
N GLU E 62 22.74 -1.38 -10.36
CA GLU E 62 23.20 -2.18 -9.27
C GLU E 62 22.90 -1.47 -7.98
N ARG E 63 22.19 -2.12 -7.09
CA ARG E 63 21.84 -1.55 -5.79
C ARG E 63 22.94 -1.70 -4.73
N TYR E 64 23.78 -2.73 -4.80
CA TYR E 64 24.73 -3.07 -3.72
C TYR E 64 26.16 -2.69 -4.04
N VAL E 65 26.76 -1.91 -3.12
CA VAL E 65 28.19 -1.56 -3.20
C VAL E 65 29.00 -2.26 -2.08
N LEU E 66 30.00 -2.98 -2.53
CA LEU E 66 30.89 -3.69 -1.61
C LEU E 66 31.84 -2.71 -0.96
N LEU E 67 31.89 -2.78 0.36
CA LEU E 67 32.64 -1.85 1.18
C LEU E 67 33.93 -2.50 1.66
N GLU E 68 34.77 -1.69 2.27
CA GLU E 68 36.11 -2.10 2.71
C GLU E 68 36.08 -3.27 3.72
N ASN E 69 35.06 -3.28 4.59
CA ASN E 69 34.89 -4.35 5.60
C ASN E 69 34.13 -5.59 5.12
N GLY E 70 33.82 -5.68 3.82
CA GLY E 70 33.07 -6.80 3.26
C GLY E 70 31.54 -6.76 3.40
N LYS E 71 31.01 -5.77 4.12
CA LYS E 71 29.57 -5.56 4.17
C LYS E 71 29.14 -4.90 2.85
N MET E 72 27.84 -4.82 2.65
CA MET E 72 27.32 -4.16 1.46
C MET E 72 26.39 -3.10 1.87
N PHE E 73 26.52 -1.95 1.26
CA PHE E 73 25.55 -0.90 1.46
C PHE E 73 24.45 -1.17 0.48
N SER E 74 23.21 -1.24 0.97
CA SER E 74 22.01 -1.28 0.14
C SER E 74 21.59 0.13 -0.28
N THR E 75 21.79 0.45 -1.55
CA THR E 75 21.61 1.81 -2.05
C THR E 75 20.80 1.85 -3.33
N GLY E 76 21.26 2.61 -4.31
CA GLY E 76 20.51 2.85 -5.55
C GLY E 76 20.74 4.27 -6.00
N ASN E 77 20.04 4.68 -7.06
CA ASN E 77 19.93 6.09 -7.37
C ASN E 77 19.11 6.81 -6.31
N HIS E 78 19.51 8.03 -5.93
CA HIS E 78 18.71 8.87 -5.01
C HIS E 78 17.47 9.30 -5.77
N PRO E 79 16.27 9.04 -5.23
CA PRO E 79 15.05 9.38 -5.97
C PRO E 79 14.79 10.88 -6.09
N VAL E 80 15.14 11.65 -5.05
CA VAL E 80 15.01 13.11 -5.07
C VAL E 80 15.95 13.70 -6.14
N GLU E 81 17.19 13.23 -6.16
CA GLU E 81 18.16 13.70 -7.13
C GLU E 81 17.80 13.29 -8.52
N MET E 82 17.12 12.15 -8.67
CA MET E 82 16.63 11.74 -9.97
C MET E 82 15.41 12.52 -10.38
N LEU E 83 14.39 12.47 -9.52
CA LEU E 83 13.02 12.75 -9.94
C LEU E 83 12.68 14.24 -9.92
N LEU E 84 13.32 14.96 -9.01
CA LEU E 84 13.12 16.40 -8.87
C LEU E 84 13.78 17.20 -10.03
N PRO E 85 15.09 16.97 -10.33
CA PRO E 85 15.59 17.58 -11.58
C PRO E 85 14.81 17.23 -12.83
N LEU E 86 14.23 16.04 -12.88
CA LEU E 86 13.45 15.64 -14.04
C LEU E 86 12.09 16.33 -14.02
N HIS E 87 11.54 16.61 -12.83
CA HIS E 87 10.22 17.27 -12.77
C HIS E 87 10.28 18.63 -13.49
N HIS E 88 11.17 19.49 -13.02
CA HIS E 88 11.50 20.78 -13.66
C HIS E 88 11.68 20.70 -15.20
N LEU E 89 12.35 19.65 -15.69
CA LEU E 89 12.65 19.45 -17.12
C LEU E 89 11.48 18.95 -17.97
N MET E 90 10.80 17.95 -17.44
CA MET E 90 9.59 17.42 -18.04
C MET E 90 8.48 18.47 -18.12
N GLU E 91 8.26 19.19 -17.01
CA GLU E 91 7.32 20.31 -16.96
C GLU E 91 7.62 21.33 -18.04
N ALA E 92 8.91 21.65 -18.19
CA ALA E 92 9.38 22.59 -19.18
C ALA E 92 9.18 22.17 -20.64
N GLY E 93 8.67 20.95 -20.85
CA GLY E 93 8.42 20.38 -22.18
C GLY E 93 9.47 19.44 -22.81
N PHE E 94 10.42 18.92 -22.01
CA PHE E 94 11.42 17.90 -22.49
C PHE E 94 11.07 16.47 -22.05
N ASP E 95 10.92 15.54 -22.99
CA ASP E 95 10.74 14.13 -22.62
C ASP E 95 12.09 13.45 -22.18
N VAL E 96 12.01 12.29 -21.55
CA VAL E 96 13.14 11.60 -20.98
C VAL E 96 13.17 10.20 -21.50
N ASP E 97 14.35 9.72 -21.90
CA ASP E 97 14.58 8.29 -22.12
C ASP E 97 15.57 7.75 -21.11
N VAL E 98 15.18 6.69 -20.41
CA VAL E 98 16.03 6.06 -19.40
C VAL E 98 16.88 4.96 -20.04
N ALA E 99 18.16 4.93 -19.69
CA ALA E 99 19.07 3.86 -20.12
C ALA E 99 19.89 3.33 -18.92
N THR E 100 20.11 2.02 -18.90
CA THR E 100 21.07 1.42 -18.00
C THR E 100 22.06 0.69 -18.90
N LEU E 101 23.18 0.28 -18.30
CA LEU E 101 24.26 -0.41 -19.03
C LEU E 101 23.91 -1.76 -19.62
N SER E 102 22.95 -2.48 -19.03
CA SER E 102 22.49 -3.76 -19.56
C SER E 102 21.00 -3.82 -19.92
N GLY E 103 20.25 -2.77 -19.62
CA GLY E 103 18.80 -2.83 -19.70
C GLY E 103 18.13 -3.48 -18.48
N TYR E 104 18.85 -3.65 -17.39
CA TYR E 104 18.24 -4.15 -16.16
C TYR E 104 17.43 -3.02 -15.54
N PRO E 105 16.40 -3.35 -14.76
CA PRO E 105 15.62 -2.35 -14.05
C PRO E 105 16.49 -1.38 -13.20
N VAL E 106 16.11 -0.09 -13.23
CA VAL E 106 16.73 0.98 -12.48
C VAL E 106 16.57 0.77 -11.01
N LYS E 107 17.64 0.98 -10.24
CA LYS E 107 17.58 0.73 -8.78
C LYS E 107 17.54 2.02 -8.01
N LEU E 108 16.42 2.27 -7.32
CA LEU E 108 16.28 3.45 -6.49
C LEU E 108 16.57 3.16 -5.01
N GLU E 109 16.97 4.21 -4.30
CA GLU E 109 17.05 4.24 -2.84
C GLU E 109 15.61 4.55 -2.35
N LEU E 110 14.77 3.52 -2.21
CA LEU E 110 13.36 3.71 -1.81
C LEU E 110 13.20 4.18 -0.34
N TRP E 111 14.18 3.84 0.50
CA TRP E 111 14.28 4.39 1.86
C TRP E 111 14.48 5.91 1.95
N ALA E 112 14.84 6.57 0.84
CA ALA E 112 14.85 8.03 0.78
C ALA E 112 13.71 8.59 -0.07
N MET E 113 12.72 7.78 -0.40
CA MET E 113 11.62 8.24 -1.23
C MET E 113 10.74 9.17 -0.37
N PRO E 114 10.53 10.45 -0.82
CA PRO E 114 9.67 11.35 -0.09
C PRO E 114 8.22 11.14 -0.52
N THR E 115 7.51 10.36 0.29
CA THR E 115 6.20 9.78 -0.04
C THR E 115 5.05 10.77 -0.06
N GLU E 116 5.15 11.82 0.77
CA GLU E 116 4.15 12.88 0.89
C GLU E 116 4.44 14.09 -0.02
N ASP E 117 5.58 14.14 -0.70
CA ASP E 117 5.86 15.16 -1.73
C ASP E 117 5.25 14.69 -3.06
N GLU E 118 4.13 15.27 -3.48
CA GLU E 118 3.41 14.71 -4.64
C GLU E 118 3.95 15.17 -6.01
N ALA E 119 4.75 16.24 -6.05
CA ALA E 119 5.47 16.61 -7.31
C ALA E 119 6.42 15.48 -7.78
N VAL E 120 7.29 15.08 -6.83
CA VAL E 120 8.20 13.93 -6.93
C VAL E 120 7.48 12.62 -7.23
N ILE E 121 6.38 12.33 -6.51
CA ILE E 121 5.65 11.04 -6.65
C ILE E 121 4.91 10.95 -7.99
N SER E 122 4.28 12.03 -8.44
CA SER E 122 3.68 12.04 -9.80
C SER E 122 4.74 11.79 -10.88
N THR E 123 5.93 12.37 -10.72
CA THR E 123 7.01 12.15 -11.71
C THR E 123 7.47 10.67 -11.72
N TYR E 124 7.69 10.11 -10.54
CA TYR E 124 7.94 8.67 -10.39
C TYR E 124 6.88 7.84 -11.10
N ASN E 125 5.61 8.14 -10.88
CA ASN E 125 4.52 7.40 -11.53
C ASN E 125 4.53 7.54 -13.03
N LYS E 126 4.91 8.72 -13.54
CA LYS E 126 5.09 8.88 -15.00
C LYS E 126 6.20 8.00 -15.57
N LEU E 127 7.30 7.85 -14.82
CA LEU E 127 8.51 7.13 -15.30
C LEU E 127 8.61 5.64 -14.96
N LYS E 128 7.82 5.15 -13.98
CA LYS E 128 7.76 3.72 -13.58
C LYS E 128 7.97 2.72 -14.72
N GLU E 129 7.25 2.90 -15.83
CA GLU E 129 7.32 1.96 -16.97
C GLU E 129 8.74 1.91 -17.58
N LYS E 130 9.33 3.08 -17.83
CA LYS E 130 10.65 3.19 -18.40
C LYS E 130 11.75 2.75 -17.42
N LEU E 131 11.59 3.14 -16.15
CA LEU E 131 12.48 2.73 -15.09
C LEU E 131 12.57 1.21 -14.84
N LYS E 132 11.48 0.47 -15.09
CA LYS E 132 11.44 -1.00 -14.97
C LYS E 132 11.86 -1.73 -16.23
N GLN E 133 11.77 -1.07 -17.39
CA GLN E 133 12.31 -1.57 -18.67
C GLN E 133 13.07 -0.53 -19.39
N PRO E 134 14.26 -0.22 -18.90
CA PRO E 134 15.05 0.82 -19.56
C PRO E 134 15.60 0.39 -20.90
N LYS E 135 16.06 1.35 -21.69
CA LYS E 135 16.93 1.03 -22.84
C LYS E 135 18.35 0.58 -22.39
N LYS E 136 19.00 -0.15 -23.29
CA LYS E 136 20.36 -0.55 -23.11
C LYS E 136 21.24 0.58 -23.69
N LEU E 137 22.08 1.17 -22.88
CA LEU E 137 22.94 2.26 -23.36
C LEU E 137 23.77 1.93 -24.66
N ALA E 138 24.19 0.69 -24.87
CA ALA E 138 24.91 0.38 -26.10
C ALA E 138 23.99 0.56 -27.34
N ASP E 139 22.73 0.11 -27.23
CA ASP E 139 21.71 0.33 -28.28
C ASP E 139 21.50 1.83 -28.57
N VAL E 140 21.46 2.65 -27.52
CA VAL E 140 21.35 4.08 -27.69
C VAL E 140 22.57 4.57 -28.47
N ILE E 141 23.77 4.23 -28.03
CA ILE E 141 24.98 4.73 -28.66
C ILE E 141 24.96 4.39 -30.13
N LYS E 142 24.62 3.15 -30.45
CA LYS E 142 24.64 2.65 -31.81
C LYS E 142 23.60 3.34 -32.72
N ASN E 143 22.41 3.69 -32.17
CA ASN E 143 21.28 4.21 -32.97
C ASN E 143 20.85 5.64 -32.74
N GLU E 144 20.84 6.15 -31.53
CA GLU E 144 20.23 7.45 -31.24
C GLU E 144 21.20 8.58 -30.93
N LEU E 145 22.51 8.43 -31.19
CA LEU E 145 23.48 9.52 -30.94
C LEU E 145 23.93 10.23 -32.24
N GLY E 146 25.23 10.52 -32.42
CA GLY E 146 25.71 11.28 -33.57
C GLY E 146 25.33 12.77 -33.47
N PRO E 147 25.74 13.55 -34.46
CA PRO E 147 25.50 14.99 -34.45
C PRO E 147 24.01 15.39 -34.51
N ASP E 148 23.16 14.56 -35.11
CA ASP E 148 21.72 14.87 -35.23
C ASP E 148 20.82 14.27 -34.11
N SER E 149 21.42 13.70 -33.07
CA SER E 149 20.66 13.14 -32.00
C SER E 149 19.55 14.12 -31.50
N ASP E 150 18.39 13.57 -31.13
CA ASP E 150 17.38 14.34 -30.43
C ASP E 150 17.73 14.62 -28.94
N TYR E 151 18.80 14.03 -28.40
CA TYR E 151 19.19 14.33 -27.02
C TYR E 151 19.97 15.65 -26.88
N LEU E 152 19.45 16.56 -26.06
CA LEU E 152 20.09 17.86 -25.80
C LEU E 152 21.00 17.76 -24.58
N SER E 153 20.73 16.73 -23.75
CA SER E 153 21.32 16.57 -22.45
C SER E 153 21.46 15.15 -22.02
N VAL E 154 22.46 14.90 -21.22
CA VAL E 154 22.59 13.60 -20.65
C VAL E 154 22.60 13.85 -19.16
N PHE E 155 21.72 13.14 -18.45
CA PHE E 155 21.47 13.39 -17.03
C PHE E 155 21.93 12.15 -16.25
N ILE E 156 22.74 12.36 -15.22
CA ILE E 156 23.28 11.25 -14.41
C ILE E 156 23.05 11.54 -12.94
N PRO E 157 21.90 11.13 -12.41
CA PRO E 157 21.66 11.37 -10.99
C PRO E 157 22.53 10.52 -10.09
N GLY E 158 22.65 10.96 -8.85
CA GLY E 158 23.53 10.32 -7.88
C GLY E 158 22.78 9.28 -7.06
N GLY E 159 23.05 9.28 -5.76
CA GLY E 159 22.89 8.09 -4.93
C GLY E 159 24.22 7.34 -4.94
N HIS E 160 24.56 6.66 -3.85
CA HIS E 160 25.82 5.91 -3.84
C HIS E 160 25.99 4.79 -4.91
N ALA E 161 24.91 4.33 -5.56
CA ALA E 161 24.99 3.30 -6.63
C ALA E 161 25.69 3.75 -7.90
N ALA E 162 25.76 5.05 -8.15
CA ALA E 162 26.42 5.54 -9.37
C ALA E 162 27.94 5.35 -9.29
N VAL E 163 28.47 4.91 -8.14
CA VAL E 163 29.85 4.42 -8.10
C VAL E 163 30.06 3.01 -8.68
N VAL E 164 28.97 2.31 -9.07
CA VAL E 164 29.12 0.93 -9.54
C VAL E 164 28.83 0.87 -11.01
N GLY E 165 29.78 0.35 -11.79
CA GLY E 165 29.59 0.15 -13.21
C GLY E 165 29.68 1.43 -14.04
N ILE E 166 28.80 2.41 -13.78
CA ILE E 166 28.82 3.63 -14.56
C ILE E 166 30.09 4.50 -14.39
N SER E 167 30.90 4.21 -13.38
CA SER E 167 32.18 4.87 -13.14
C SER E 167 33.35 4.27 -13.87
N GLU E 168 33.09 3.21 -14.64
CA GLU E 168 34.13 2.44 -15.36
C GLU E 168 33.55 1.71 -16.60
N SER E 169 32.79 2.45 -17.41
CA SER E 169 32.02 1.91 -18.52
C SER E 169 32.50 2.51 -19.81
N GLU E 170 32.84 1.68 -20.77
CA GLU E 170 33.18 2.17 -22.10
C GLU E 170 32.03 2.90 -22.79
N ASP E 171 30.79 2.45 -22.53
CA ASP E 171 29.56 3.10 -23.02
C ASP E 171 29.35 4.48 -22.43
N VAL E 172 29.57 4.65 -21.11
CA VAL E 172 29.47 5.98 -20.54
C VAL E 172 30.52 6.86 -21.17
N GLN E 173 31.74 6.33 -21.39
CA GLN E 173 32.82 7.07 -22.06
C GLN E 173 32.41 7.56 -23.43
N GLN E 174 31.89 6.66 -24.25
CA GLN E 174 31.43 7.07 -25.58
C GLN E 174 30.32 8.11 -25.60
N THR E 175 29.46 8.05 -24.57
CA THR E 175 28.33 8.94 -24.43
C THR E 175 28.82 10.32 -23.99
N LEU E 176 29.75 10.39 -23.05
CA LEU E 176 30.27 11.68 -22.64
C LEU E 176 31.12 12.27 -23.75
N ASP E 177 31.77 11.44 -24.55
CA ASP E 177 32.45 11.91 -25.74
C ASP E 177 31.50 12.57 -26.74
N TRP E 178 30.34 11.96 -26.94
CA TRP E 178 29.36 12.48 -27.86
C TRP E 178 28.86 13.81 -27.34
N ALA E 179 28.71 13.95 -26.03
CA ALA E 179 28.23 15.20 -25.44
C ALA E 179 29.24 16.35 -25.61
N LEU E 180 30.51 16.10 -25.37
CA LEU E 180 31.55 17.11 -25.63
C LEU E 180 31.63 17.48 -27.10
N ASP E 181 31.71 16.46 -27.93
CA ASP E 181 31.87 16.62 -29.35
C ASP E 181 30.72 17.29 -30.07
N ASN E 182 29.50 17.24 -29.51
CA ASN E 182 28.33 17.86 -30.12
C ASN E 182 27.62 18.92 -29.31
N ASP E 183 28.32 19.53 -28.38
CA ASP E 183 27.83 20.73 -27.66
C ASP E 183 26.57 20.50 -26.80
N ARG E 184 26.44 19.31 -26.25
CA ARG E 184 25.28 18.92 -25.47
C ARG E 184 25.60 19.05 -23.99
N PHE E 185 24.59 18.96 -23.13
CA PHE E 185 24.82 19.21 -21.72
C PHE E 185 25.15 17.91 -21.02
N ILE E 186 25.96 18.00 -19.98
CA ILE E 186 26.18 16.91 -19.07
C ILE E 186 25.75 17.39 -17.68
N VAL E 187 24.64 16.85 -17.17
CA VAL E 187 24.04 17.28 -15.91
C VAL E 187 24.16 16.16 -14.86
N THR E 188 24.65 16.45 -13.67
CA THR E 188 24.88 15.38 -12.70
C THR E 188 25.02 15.91 -11.28
N LEU E 189 24.69 15.12 -10.25
CA LEU E 189 24.98 15.54 -8.87
C LEU E 189 25.24 14.41 -7.88
N CYS E 190 25.78 14.78 -6.70
CA CYS E 190 26.04 13.88 -5.52
C CYS E 190 27.22 12.92 -5.75
N HIS E 191 26.94 11.62 -5.93
CA HIS E 191 27.94 10.68 -6.39
C HIS E 191 27.80 10.44 -7.89
N GLY E 192 26.83 11.09 -8.54
CA GLY E 192 26.72 11.09 -9.99
C GLY E 192 28.00 11.37 -10.76
N PRO E 193 28.78 12.37 -10.34
CA PRO E 193 29.97 12.65 -11.11
C PRO E 193 31.01 11.53 -11.09
N ALA E 194 30.75 10.45 -10.35
CA ALA E 194 31.48 9.21 -10.50
C ALA E 194 31.46 8.73 -11.94
N ALA E 195 30.33 8.97 -12.62
CA ALA E 195 30.19 8.68 -14.02
C ALA E 195 31.22 9.35 -14.87
N LEU E 196 31.63 10.55 -14.47
CA LEU E 196 32.63 11.31 -15.21
C LEU E 196 34.01 10.64 -15.28
N LEU E 197 34.33 9.78 -14.30
CA LEU E 197 35.55 8.97 -14.32
C LEU E 197 35.61 8.07 -15.56
N SER E 198 34.49 7.63 -16.10
CA SER E 198 34.50 6.81 -17.31
C SER E 198 35.18 7.51 -18.48
N ALA E 199 35.14 8.85 -18.49
CA ALA E 199 35.84 9.60 -19.56
C ALA E 199 37.35 9.40 -19.57
N GLY E 200 37.94 9.16 -18.40
CA GLY E 200 39.38 8.83 -18.25
C GLY E 200 39.81 7.38 -18.52
N LEU E 201 38.84 6.53 -18.84
CA LEU E 201 39.09 5.10 -18.96
C LEU E 201 39.97 4.77 -20.16
N ASN E 202 41.08 4.07 -19.87
CA ASN E 202 42.08 3.65 -20.90
C ASN E 202 42.72 4.81 -21.67
N ARG E 203 42.92 5.91 -20.96
CA ARG E 203 43.41 7.17 -21.49
C ARG E 203 44.34 7.79 -20.43
N GLU E 204 45.45 8.42 -20.83
CA GLU E 204 46.27 9.17 -19.89
C GLU E 204 45.61 10.46 -19.42
N LYS E 205 44.84 11.12 -20.28
CA LYS E 205 44.24 12.40 -19.95
C LYS E 205 42.74 12.28 -20.22
N SER E 206 41.92 12.63 -19.24
CA SER E 206 40.45 12.72 -19.42
C SER E 206 40.17 13.94 -20.27
N PRO E 207 39.22 13.85 -21.23
CA PRO E 207 38.83 15.06 -21.96
C PRO E 207 38.15 16.09 -21.06
N LEU E 208 37.79 15.67 -19.84
CA LEU E 208 37.27 16.53 -18.81
C LEU E 208 38.33 17.18 -17.90
N GLU E 209 39.62 16.87 -18.07
CA GLU E 209 40.67 17.54 -17.29
C GLU E 209 40.44 19.06 -17.32
N GLY E 210 40.55 19.67 -16.15
CA GLY E 210 40.35 21.10 -15.98
C GLY E 210 38.93 21.58 -15.68
N TYR E 211 37.93 20.72 -15.79
CA TYR E 211 36.57 21.12 -15.50
C TYR E 211 36.31 21.22 -14.00
N SER E 212 35.51 22.21 -13.63
CA SER E 212 35.14 22.39 -12.24
C SER E 212 33.82 21.68 -11.97
N VAL E 213 33.74 21.05 -10.82
CA VAL E 213 32.53 20.31 -10.44
C VAL E 213 32.28 20.37 -8.93
N CYS E 214 31.00 20.28 -8.59
CA CYS E 214 30.52 19.92 -7.25
C CYS E 214 30.35 18.41 -7.11
N VAL E 215 30.79 17.88 -5.98
CA VAL E 215 30.73 16.45 -5.70
C VAL E 215 30.44 16.33 -4.22
N PHE E 216 29.78 15.26 -3.83
CA PHE E 216 29.63 14.91 -2.44
C PHE E 216 31.01 14.77 -1.77
N PRO E 217 31.19 15.34 -0.56
CA PRO E 217 32.54 15.44 -0.04
C PRO E 217 33.06 14.22 0.64
N ASP E 218 34.37 14.02 0.56
CA ASP E 218 35.03 12.87 1.19
C ASP E 218 34.98 12.89 2.72
N SER E 219 34.97 14.06 3.33
CA SER E 219 34.94 14.14 4.80
C SER E 219 33.70 13.39 5.33
N LEU E 220 32.51 13.78 4.85
CA LEU E 220 31.23 13.12 5.16
C LEU E 220 31.18 11.59 4.93
N ASP E 221 31.65 11.12 3.79
CA ASP E 221 31.69 9.68 3.51
C ASP E 221 32.67 8.89 4.38
N GLU E 222 33.85 9.45 4.65
CA GLU E 222 34.79 8.82 5.60
C GLU E 222 34.42 9.06 7.08
N GLY E 223 33.72 10.16 7.35
CA GLY E 223 33.59 10.67 8.71
C GLY E 223 32.23 10.47 9.31
N ALA E 224 31.26 11.30 8.93
CA ALA E 224 29.95 11.37 9.62
C ALA E 224 29.02 10.21 9.30
N ASN E 225 28.91 9.89 8.01
CA ASN E 225 28.05 8.80 7.50
C ASN E 225 28.35 7.46 8.14
N ILE E 226 29.62 7.17 8.44
CA ILE E 226 29.97 5.97 9.21
C ILE E 226 29.57 6.10 10.68
N GLU E 227 29.99 7.19 11.35
CA GLU E 227 29.72 7.43 12.78
C GLU E 227 28.22 7.23 13.11
N ILE E 228 27.32 7.71 12.23
CA ILE E 228 25.86 7.65 12.46
C ILE E 228 25.08 6.55 11.70
N GLY E 229 25.80 5.65 11.03
CA GLY E 229 25.22 4.48 10.41
C GLY E 229 24.48 4.61 9.08
N TYR E 230 24.72 5.68 8.33
CA TYR E 230 24.24 5.73 6.94
C TYR E 230 24.92 4.62 6.13
N LEU E 231 26.24 4.61 6.10
CA LEU E 231 27.01 3.49 5.56
C LEU E 231 27.34 2.55 6.73
N PRO E 232 27.43 1.24 6.46
CA PRO E 232 27.94 0.28 7.41
C PRO E 232 29.43 0.01 7.21
N GLY E 233 30.12 0.86 6.46
CA GLY E 233 31.51 0.61 6.10
C GLY E 233 32.08 1.71 5.24
N ARG E 234 33.40 1.72 5.17
CA ARG E 234 34.14 2.71 4.36
C ARG E 234 34.11 2.33 2.90
N LEU E 235 33.80 3.31 2.04
CA LEU E 235 33.96 3.12 0.60
C LEU E 235 35.42 2.82 0.28
N LYS E 236 35.65 1.78 -0.53
CA LYS E 236 36.96 1.40 -1.08
C LYS E 236 37.70 2.50 -1.86
N TRP E 237 36.97 3.46 -2.40
CA TRP E 237 37.57 4.66 -2.98
C TRP E 237 36.56 5.79 -2.93
N LEU E 238 37.04 7.03 -2.97
CA LEU E 238 36.22 8.22 -2.76
C LEU E 238 36.12 8.96 -4.06
N VAL E 239 34.96 9.55 -4.34
CA VAL E 239 34.65 10.10 -5.65
C VAL E 239 35.39 11.41 -5.92
N ALA E 240 35.24 12.36 -5.02
CA ALA E 240 35.92 13.68 -5.13
C ALA E 240 37.43 13.52 -5.34
N ASP E 241 38.01 12.58 -4.62
CA ASP E 241 39.42 12.28 -4.70
C ASP E 241 39.84 11.75 -6.07
N LEU E 242 39.09 10.79 -6.61
CA LEU E 242 39.47 10.19 -7.88
C LEU E 242 39.30 11.19 -9.04
N LEU E 243 38.27 12.06 -8.93
CA LEU E 243 38.05 13.17 -9.87
C LEU E 243 39.19 14.15 -9.86
N THR E 244 39.62 14.54 -8.66
CA THR E 244 40.81 15.34 -8.46
C THR E 244 42.01 14.69 -9.14
N LYS E 245 42.25 13.42 -8.87
CA LYS E 245 43.37 12.74 -9.53
C LYS E 245 43.30 12.67 -11.07
N GLN E 246 42.11 12.80 -11.66
CA GLN E 246 41.95 12.92 -13.11
C GLN E 246 42.07 14.37 -13.60
N GLY E 247 42.26 15.31 -12.66
CA GLY E 247 42.42 16.73 -13.00
C GLY E 247 41.14 17.55 -13.14
N LEU E 248 40.00 17.06 -12.66
CA LEU E 248 38.84 17.96 -12.48
C LEU E 248 39.11 18.78 -11.22
N LYS E 249 38.57 19.99 -11.17
CA LYS E 249 38.71 20.87 -10.00
C LYS E 249 37.48 20.71 -9.13
N VAL E 250 37.63 20.03 -7.99
CA VAL E 250 36.52 19.87 -7.05
C VAL E 250 36.41 21.12 -6.17
N VAL E 251 35.32 21.84 -6.35
CA VAL E 251 35.19 23.15 -5.79
C VAL E 251 34.75 23.23 -4.33
N ASN E 252 34.18 22.16 -3.78
CA ASN E 252 33.56 22.22 -2.45
C ASN E 252 34.22 21.21 -1.55
N ASP E 253 34.22 21.49 -0.24
CA ASP E 253 34.56 20.49 0.80
C ASP E 253 33.36 20.13 1.72
N ASP E 254 32.21 20.78 1.53
CA ASP E 254 31.08 20.64 2.44
C ASP E 254 29.75 20.52 1.69
N MET E 255 28.68 20.22 2.42
CA MET E 255 27.38 19.85 1.85
C MET E 255 26.39 20.96 2.18
N THR E 256 25.95 21.71 1.17
CA THR E 256 25.17 22.92 1.37
C THR E 256 24.08 23.22 0.34
N GLY E 257 23.83 22.36 -0.66
CA GLY E 257 22.90 22.71 -1.77
C GLY E 257 23.47 23.51 -2.96
N ARG E 258 24.81 23.62 -2.99
CA ARG E 258 25.55 24.38 -4.01
C ARG E 258 25.46 23.72 -5.39
N THR E 259 25.06 24.50 -6.40
CA THR E 259 25.16 24.09 -7.81
C THR E 259 26.33 24.80 -8.43
N LEU E 260 26.64 24.48 -9.70
CA LEU E 260 27.76 25.08 -10.45
C LEU E 260 27.58 24.87 -11.94
N LYS E 261 28.06 25.83 -12.73
CA LYS E 261 28.08 25.75 -14.18
C LYS E 261 29.54 25.93 -14.62
N ASP E 262 29.98 25.13 -15.58
CA ASP E 262 31.28 25.25 -16.20
C ASP E 262 31.08 24.80 -17.64
N ARG E 263 30.94 25.79 -18.50
CA ARG E 263 30.43 25.62 -19.85
C ARG E 263 29.15 24.81 -19.77
N LYS E 264 29.09 23.63 -20.37
CA LYS E 264 27.85 22.84 -20.41
C LYS E 264 27.84 21.66 -19.44
N LEU E 265 28.77 21.69 -18.48
CA LEU E 265 28.77 20.73 -17.39
C LEU E 265 28.09 21.32 -16.14
N LEU E 266 26.91 20.82 -15.79
CA LEU E 266 26.17 21.31 -14.62
C LEU E 266 26.13 20.29 -13.50
N THR E 267 26.66 20.66 -12.34
CA THR E 267 26.73 19.77 -11.21
C THR E 267 26.04 20.37 -9.97
N GLY E 268 25.72 19.51 -9.00
CA GLY E 268 25.22 19.88 -7.66
C GLY E 268 25.94 19.04 -6.62
N ASP E 269 25.94 19.46 -5.35
CA ASP E 269 26.78 18.78 -4.33
C ASP E 269 26.14 17.63 -3.58
N SER E 270 24.81 17.48 -3.68
CA SER E 270 24.01 16.63 -2.75
C SER E 270 22.51 16.67 -3.08
N PRO E 271 21.67 15.85 -2.40
CA PRO E 271 20.22 15.95 -2.63
C PRO E 271 19.63 17.34 -2.37
N LEU E 272 20.27 18.10 -1.47
CA LEU E 272 19.89 19.50 -1.22
C LEU E 272 19.90 20.30 -2.51
N ALA E 273 20.93 20.07 -3.32
CA ALA E 273 21.10 20.77 -4.61
C ALA E 273 20.03 20.49 -5.63
N SER E 274 19.16 19.53 -5.36
CA SER E 274 18.40 18.90 -6.43
C SER E 274 17.49 19.90 -7.09
N ASN E 275 16.82 20.70 -6.28
CA ASN E 275 15.86 21.68 -6.79
C ASN E 275 16.54 22.77 -7.61
N GLU E 276 17.63 23.31 -7.07
CA GLU E 276 18.34 24.39 -7.73
C GLU E 276 18.93 23.89 -9.06
N LEU E 277 19.52 22.69 -9.05
CA LEU E 277 20.09 22.10 -10.29
C LEU E 277 19.06 21.84 -11.40
N GLY E 278 17.87 21.37 -11.03
CA GLY E 278 16.76 21.27 -11.99
C GLY E 278 16.39 22.63 -12.59
N LYS E 279 16.40 23.68 -11.75
CA LYS E 279 16.15 25.05 -12.21
C LYS E 279 17.23 25.40 -13.20
N LEU E 280 18.48 25.19 -12.77
CA LEU E 280 19.66 25.52 -13.59
C LEU E 280 19.70 24.76 -14.93
N ALA E 281 19.31 23.48 -14.94
CA ALA E 281 19.31 22.70 -16.17
C ALA E 281 18.27 23.22 -17.18
N VAL E 282 17.08 23.49 -16.70
CA VAL E 282 16.01 24.02 -17.54
C VAL E 282 16.43 25.36 -18.14
N ASN E 283 16.97 26.22 -17.29
CA ASN E 283 17.35 27.55 -17.74
C ASN E 283 18.40 27.46 -18.84
N GLU E 284 19.50 26.75 -18.61
CA GLU E 284 20.59 26.71 -19.62
C GLU E 284 20.13 26.03 -20.88
N MET E 285 19.35 24.97 -20.74
CA MET E 285 18.79 24.28 -21.90
C MET E 285 17.95 25.25 -22.75
N LEU E 286 17.02 25.96 -22.10
CA LEU E 286 16.17 26.94 -22.78
C LEU E 286 16.97 28.09 -23.34
N ASN E 287 17.83 28.70 -22.53
CA ASN E 287 18.79 29.73 -23.01
C ASN E 287 19.51 29.26 -24.26
N ALA E 288 20.03 28.02 -24.22
CA ALA E 288 20.76 27.39 -25.35
C ALA E 288 19.92 27.16 -26.62
N ILE E 289 18.63 26.88 -26.46
CA ILE E 289 17.72 26.74 -27.61
C ILE E 289 17.50 28.12 -28.27
N GLN E 290 17.42 29.19 -27.48
CA GLN E 290 17.22 30.52 -28.03
C GLN E 290 18.40 31.01 -28.89
N ASN E 291 19.64 30.59 -28.57
CA ASN E 291 20.81 30.88 -29.45
C ASN E 291 20.73 30.17 -30.81
N LYS E 292 20.16 28.97 -30.81
CA LYS E 292 20.09 28.11 -32.02
C LYS E 292 19.05 28.58 -33.05
N LEU F 8 0.89 -19.03 8.84
CA LEU F 8 1.19 -19.33 7.39
C LEU F 8 0.32 -18.47 6.49
N SER F 9 0.71 -18.37 5.21
CA SER F 9 0.01 -17.56 4.22
C SER F 9 0.39 -17.93 2.79
N LYS F 10 -0.53 -17.66 1.87
CA LYS F 10 -0.37 -18.06 0.49
C LYS F 10 -0.04 -16.90 -0.44
N GLN F 11 -0.03 -15.68 0.12
CA GLN F 11 0.23 -14.44 -0.62
C GLN F 11 1.73 -14.11 -0.66
N PRO F 12 2.23 -13.67 -1.84
CA PRO F 12 3.61 -13.20 -1.98
C PRO F 12 3.97 -12.03 -1.04
N THR F 13 5.15 -12.11 -0.44
CA THR F 13 5.63 -11.21 0.59
C THR F 13 6.35 -10.00 -0.04
N PRO F 14 5.96 -8.76 0.28
CA PRO F 14 6.73 -7.66 -0.34
C PRO F 14 8.23 -7.63 0.04
N ASP F 15 9.06 -7.34 -0.95
CA ASP F 15 10.50 -7.05 -0.80
C ASP F 15 10.60 -5.53 -0.60
N LYS F 16 10.89 -5.10 0.63
CA LYS F 16 11.08 -3.67 0.96
C LYS F 16 12.04 -2.90 0.03
N ALA F 17 13.13 -3.55 -0.42
CA ALA F 17 14.19 -2.87 -1.14
C ALA F 17 13.78 -2.43 -2.54
N GLU F 18 12.78 -3.09 -3.12
CA GLU F 18 12.34 -2.78 -4.48
C GLU F 18 10.88 -2.31 -4.52
N ASP F 19 10.51 -1.62 -5.58
CA ASP F 19 9.15 -1.19 -5.81
C ASP F 19 8.36 -2.35 -6.37
N ASN F 20 7.18 -2.63 -5.77
CA ASN F 20 6.21 -3.57 -6.33
C ASN F 20 6.88 -4.91 -6.72
N ALA F 21 7.67 -5.41 -5.79
CA ALA F 21 8.40 -6.64 -5.97
C ALA F 21 8.07 -7.55 -4.82
N PHE F 22 8.12 -8.86 -5.09
CA PHE F 22 7.74 -9.82 -4.06
C PHE F 22 8.63 -11.02 -3.94
N PHE F 23 8.76 -11.48 -2.71
CA PHE F 23 9.33 -12.77 -2.42
C PHE F 23 8.24 -13.82 -2.60
N PRO F 24 8.63 -15.09 -2.64
CA PRO F 24 7.66 -16.14 -2.54
C PRO F 24 6.89 -16.14 -1.21
N SER F 25 5.71 -16.73 -1.26
CA SER F 25 4.78 -16.75 -0.13
C SER F 25 5.36 -17.67 0.93
N PRO F 26 5.05 -17.44 2.22
CA PRO F 26 5.42 -18.39 3.30
C PRO F 26 5.06 -19.86 3.02
N TYR F 27 3.84 -20.07 2.55
CA TYR F 27 3.37 -21.40 2.18
C TYR F 27 4.27 -22.02 1.12
N SER F 28 4.55 -21.30 0.05
CA SER F 28 5.38 -21.85 -1.02
C SER F 28 6.80 -22.20 -0.56
N LEU F 29 7.34 -21.37 0.34
CA LEU F 29 8.69 -21.58 0.91
C LEU F 29 8.75 -22.89 1.71
N SER F 30 7.70 -23.11 2.53
CA SER F 30 7.51 -24.38 3.26
C SER F 30 7.48 -25.61 2.36
N GLN F 31 7.00 -25.48 1.12
CA GLN F 31 7.00 -26.62 0.13
C GLN F 31 8.24 -26.76 -0.78
N TYR F 32 8.87 -25.68 -1.22
CA TYR F 32 10.05 -25.83 -2.12
C TYR F 32 11.39 -25.50 -1.48
N THR F 33 11.38 -25.10 -0.21
CA THR F 33 12.62 -24.96 0.54
C THR F 33 12.67 -25.92 1.73
N ALA F 34 13.90 -26.28 2.10
CA ALA F 34 14.14 -27.04 3.29
C ALA F 34 15.35 -26.45 4.04
N PRO F 35 15.32 -26.48 5.38
CA PRO F 35 16.56 -26.17 6.10
C PRO F 35 17.78 -27.02 5.70
N LYS F 36 17.57 -28.25 5.28
CA LYS F 36 18.65 -29.12 4.76
C LYS F 36 18.32 -29.66 3.38
N THR F 37 19.36 -29.99 2.62
CA THR F 37 19.21 -30.66 1.34
C THR F 37 19.30 -32.16 1.52
N ASP F 38 19.07 -32.88 0.42
CA ASP F 38 19.19 -34.34 0.38
C ASP F 38 20.63 -34.87 0.33
N PHE F 39 21.67 -34.04 0.57
CA PHE F 39 23.08 -34.44 0.34
C PHE F 39 23.66 -35.34 1.43
N ASP F 40 24.47 -36.33 1.03
CA ASP F 40 25.21 -37.19 2.00
C ASP F 40 26.47 -37.85 1.41
N GLY F 41 27.54 -37.08 1.30
CA GLY F 41 28.84 -37.56 0.81
C GLY F 41 29.08 -37.30 -0.66
N VAL F 42 30.36 -37.33 -1.04
CA VAL F 42 30.83 -37.09 -2.41
C VAL F 42 31.61 -38.32 -2.92
N GLU F 43 31.37 -38.69 -4.17
CA GLU F 43 31.89 -39.96 -4.66
C GLU F 43 33.40 -40.00 -4.84
N HIS F 44 34.01 -38.90 -5.26
CA HIS F 44 35.38 -38.91 -5.76
C HIS F 44 36.29 -37.87 -5.12
N LYS F 45 36.32 -37.77 -3.79
CA LYS F 45 37.24 -36.80 -3.15
C LYS F 45 38.69 -36.94 -3.61
N GLY F 46 39.38 -35.82 -3.73
CA GLY F 46 40.80 -35.79 -4.10
C GLY F 46 41.13 -36.20 -5.54
N ALA F 47 40.13 -36.65 -6.30
CA ALA F 47 40.39 -37.40 -7.52
C ALA F 47 41.27 -36.64 -8.53
N TYR F 48 41.01 -35.34 -8.69
CA TYR F 48 41.84 -34.48 -9.54
C TYR F 48 42.90 -33.82 -8.70
N LYS F 49 44.15 -34.11 -9.00
CA LYS F 49 45.24 -33.58 -8.22
C LYS F 49 46.15 -32.59 -8.97
N ASP F 50 46.16 -32.60 -10.31
CA ASP F 50 47.08 -31.72 -11.08
C ASP F 50 46.85 -30.19 -10.90
N GLY F 51 45.64 -29.81 -10.49
CA GLY F 51 45.34 -28.42 -10.10
C GLY F 51 45.19 -27.35 -11.18
N LYS F 52 45.12 -27.76 -12.45
CA LYS F 52 44.99 -26.81 -13.56
C LYS F 52 43.53 -26.69 -14.02
N TRP F 53 42.89 -27.80 -14.39
CA TRP F 53 41.49 -27.76 -14.86
C TRP F 53 40.54 -27.10 -13.86
N LYS F 54 39.67 -26.21 -14.37
CA LYS F 54 38.75 -25.37 -13.55
C LYS F 54 37.34 -25.23 -14.15
N VAL F 55 36.39 -24.87 -13.28
CA VAL F 55 34.99 -24.63 -13.65
C VAL F 55 34.76 -23.12 -13.80
N LEU F 56 34.15 -22.71 -14.92
CA LEU F 56 33.70 -21.32 -15.12
C LEU F 56 32.19 -21.25 -14.88
N MET F 57 31.82 -20.74 -13.73
CA MET F 57 30.43 -20.46 -13.47
C MET F 57 30.09 -19.07 -14.04
N ILE F 58 29.07 -19.04 -14.91
CA ILE F 58 28.33 -17.81 -15.24
C ILE F 58 27.09 -17.75 -14.36
N ALA F 59 26.93 -16.62 -13.64
CA ALA F 59 25.94 -16.47 -12.59
C ALA F 59 25.10 -15.24 -12.86
N ALA F 60 23.93 -15.20 -12.25
CA ALA F 60 22.95 -14.13 -12.43
C ALA F 60 23.34 -12.93 -11.63
N GLU F 61 23.26 -11.76 -12.25
CA GLU F 61 23.51 -10.49 -11.50
C GLU F 61 22.32 -9.60 -11.35
N GLU F 62 21.21 -9.93 -12.00
CA GLU F 62 19.96 -9.22 -11.78
C GLU F 62 19.02 -10.12 -11.00
N ARG F 63 18.44 -9.57 -9.94
CA ARG F 63 17.55 -10.29 -9.01
C ARG F 63 16.07 -10.18 -9.43
N TYR F 64 15.64 -9.04 -10.00
CA TYR F 64 14.22 -8.72 -10.32
C TYR F 64 13.77 -9.09 -11.74
N VAL F 65 12.73 -9.92 -11.82
CA VAL F 65 12.19 -10.43 -13.07
C VAL F 65 10.84 -9.77 -13.27
N LEU F 66 10.71 -8.98 -14.34
CA LEU F 66 9.47 -8.26 -14.59
C LEU F 66 8.42 -9.18 -15.19
N LEU F 67 7.22 -9.15 -14.61
CA LEU F 67 6.12 -10.07 -15.03
C LEU F 67 5.00 -9.37 -15.80
N GLU F 68 4.13 -10.19 -16.42
CA GLU F 68 2.95 -9.73 -17.22
C GLU F 68 2.00 -8.78 -16.47
N ASN F 69 1.86 -8.98 -15.17
CA ASN F 69 1.03 -8.09 -14.35
C ASN F 69 1.77 -6.84 -13.79
N GLY F 70 2.98 -6.55 -14.27
CA GLY F 70 3.73 -5.35 -13.83
C GLY F 70 4.51 -5.47 -12.51
N LYS F 71 4.35 -6.60 -11.80
CA LYS F 71 5.01 -6.83 -10.53
C LYS F 71 6.32 -7.49 -10.84
N MET F 72 7.25 -7.48 -9.88
CA MET F 72 8.51 -8.18 -10.07
C MET F 72 8.64 -9.32 -9.06
N PHE F 73 9.17 -10.44 -9.56
CA PHE F 73 9.58 -11.52 -8.72
C PHE F 73 10.98 -11.22 -8.16
N SER F 74 11.11 -11.32 -6.83
CA SER F 74 12.39 -11.15 -6.15
C SER F 74 13.07 -12.49 -6.03
N THR F 75 14.08 -12.69 -6.87
CA THR F 75 14.63 -14.03 -7.06
C THR F 75 16.16 -14.03 -7.01
N GLY F 76 16.82 -14.75 -7.91
CA GLY F 76 18.29 -14.88 -7.86
C GLY F 76 18.67 -16.18 -8.53
N ASN F 77 19.96 -16.53 -8.49
CA ASN F 77 20.32 -17.91 -8.74
C ASN F 77 19.82 -18.72 -7.54
N HIS F 78 19.47 -19.98 -7.77
CA HIS F 78 19.03 -20.85 -6.67
C HIS F 78 20.30 -21.37 -5.93
N PRO F 79 20.38 -21.12 -4.60
CA PRO F 79 21.59 -21.51 -3.83
C PRO F 79 21.91 -23.02 -3.79
N VAL F 80 20.89 -23.89 -3.76
CA VAL F 80 21.11 -25.33 -3.79
C VAL F 80 21.66 -25.74 -5.16
N GLU F 81 20.90 -25.40 -6.20
CA GLU F 81 21.31 -25.63 -7.57
C GLU F 81 22.72 -25.20 -7.87
N MET F 82 23.16 -24.10 -7.28
CA MET F 82 24.47 -23.58 -7.53
C MET F 82 25.53 -24.26 -6.69
N LEU F 83 25.32 -24.27 -5.37
CA LEU F 83 26.38 -24.58 -4.44
C LEU F 83 26.61 -26.07 -4.27
N LEU F 84 25.54 -26.87 -4.43
CA LEU F 84 25.64 -28.33 -4.25
C LEU F 84 26.53 -28.96 -5.33
N PRO F 85 26.31 -28.66 -6.62
CA PRO F 85 27.23 -29.17 -7.64
C PRO F 85 28.66 -28.69 -7.49
N LEU F 86 28.84 -27.43 -7.09
CA LEU F 86 30.18 -26.91 -6.86
C LEU F 86 30.89 -27.61 -5.69
N HIS F 87 30.14 -28.03 -4.67
CA HIS F 87 30.72 -28.78 -3.56
C HIS F 87 31.31 -30.09 -4.07
N HIS F 88 30.55 -30.78 -4.92
CA HIS F 88 31.02 -32.03 -5.54
C HIS F 88 32.29 -31.82 -6.37
N LEU F 89 32.35 -30.70 -7.07
CA LEU F 89 33.45 -30.38 -7.97
C LEU F 89 34.67 -29.91 -7.20
N MET F 90 34.43 -29.15 -6.13
CA MET F 90 35.51 -28.60 -5.32
C MET F 90 36.18 -29.69 -4.48
N GLU F 91 35.36 -30.56 -3.90
CA GLU F 91 35.88 -31.69 -3.17
C GLU F 91 36.67 -32.64 -4.09
N ALA F 92 36.22 -32.78 -5.33
CA ALA F 92 36.96 -33.56 -6.33
C ALA F 92 38.25 -32.90 -6.84
N GLY F 93 38.53 -31.65 -6.41
CA GLY F 93 39.80 -30.96 -6.70
C GLY F 93 39.81 -29.93 -7.83
N PHE F 94 38.67 -29.70 -8.47
CA PHE F 94 38.53 -28.64 -9.47
C PHE F 94 38.23 -27.32 -8.75
N ASP F 95 38.99 -26.26 -9.09
CA ASP F 95 38.70 -24.93 -8.58
C ASP F 95 37.54 -24.27 -9.39
N VAL F 96 36.90 -23.27 -8.82
CA VAL F 96 35.73 -22.55 -9.43
C VAL F 96 36.05 -21.07 -9.62
N ASP F 97 35.80 -20.54 -10.80
CA ASP F 97 35.85 -19.10 -11.03
C ASP F 97 34.44 -18.56 -11.40
N VAL F 98 34.12 -17.36 -10.92
CA VAL F 98 32.76 -16.85 -11.03
C VAL F 98 32.72 -15.70 -12.00
N ALA F 99 31.71 -15.67 -12.85
CA ALA F 99 31.54 -14.56 -13.78
C ALA F 99 30.10 -14.16 -13.94
N THR F 100 29.88 -12.86 -13.94
CA THR F 100 28.62 -12.27 -14.28
C THR F 100 28.91 -11.40 -15.56
N LEU F 101 27.86 -11.02 -16.31
CA LEU F 101 28.01 -10.28 -17.57
C LEU F 101 28.65 -8.89 -17.42
N SER F 102 28.45 -8.25 -16.27
CA SER F 102 28.99 -6.92 -15.96
C SER F 102 29.95 -6.89 -14.76
N GLY F 103 30.16 -8.01 -14.10
CA GLY F 103 30.97 -7.99 -12.86
C GLY F 103 30.27 -7.45 -11.64
N TYR F 104 28.95 -7.37 -11.68
CA TYR F 104 28.22 -7.00 -10.48
C TYR F 104 28.10 -8.22 -9.56
N PRO F 105 27.84 -8.00 -8.26
CA PRO F 105 27.64 -9.11 -7.35
C PRO F 105 26.56 -10.09 -7.80
N VAL F 106 26.88 -11.37 -7.65
CA VAL F 106 25.98 -12.46 -7.89
C VAL F 106 24.82 -12.36 -6.89
N LYS F 107 23.58 -12.50 -7.40
CA LYS F 107 22.34 -12.42 -6.63
C LYS F 107 21.72 -13.81 -6.36
N LEU F 108 21.45 -14.11 -5.10
CA LEU F 108 20.93 -15.43 -4.75
C LEU F 108 19.51 -15.31 -4.22
N GLU F 109 18.72 -16.36 -4.47
CA GLU F 109 17.42 -16.54 -3.80
C GLU F 109 17.75 -16.97 -2.36
N LEU F 110 17.96 -15.98 -1.50
CA LEU F 110 18.46 -16.26 -0.15
C LEU F 110 17.46 -16.92 0.78
N TRP F 111 16.19 -16.76 0.43
CA TRP F 111 15.06 -17.51 1.00
C TRP F 111 15.05 -19.01 0.68
N ALA F 112 15.91 -19.50 -0.17
CA ALA F 112 16.03 -20.95 -0.37
C ALA F 112 17.37 -21.47 0.15
N MET F 113 18.11 -20.65 0.88
CA MET F 113 19.38 -21.08 1.41
C MET F 113 19.04 -22.08 2.51
N PRO F 114 19.46 -23.36 2.33
CA PRO F 114 19.36 -24.31 3.42
C PRO F 114 20.33 -23.95 4.59
N THR F 115 19.79 -23.21 5.57
CA THR F 115 20.54 -22.63 6.68
C THR F 115 21.29 -23.66 7.50
N GLU F 116 20.66 -24.80 7.77
CA GLU F 116 21.23 -25.86 8.62
C GLU F 116 22.09 -26.89 7.88
N ASP F 117 22.54 -26.58 6.66
CA ASP F 117 23.33 -27.55 5.86
C ASP F 117 24.81 -27.21 5.89
N GLU F 118 25.56 -27.99 6.67
CA GLU F 118 26.99 -27.80 6.92
C GLU F 118 27.76 -27.80 5.61
N ALA F 119 27.44 -28.74 4.72
CA ALA F 119 28.09 -28.83 3.40
C ALA F 119 27.82 -27.65 2.45
N VAL F 120 26.55 -27.25 2.28
CA VAL F 120 26.24 -26.11 1.41
C VAL F 120 26.80 -24.81 2.00
N ILE F 121 26.64 -24.62 3.31
CA ILE F 121 27.09 -23.40 3.99
C ILE F 121 28.64 -23.24 3.98
N SER F 122 29.37 -24.34 3.96
CA SER F 122 30.83 -24.28 3.94
C SER F 122 31.32 -23.90 2.52
N THR F 123 30.66 -24.44 1.50
CA THR F 123 30.87 -24.06 0.11
C THR F 123 30.60 -22.56 -0.10
N TYR F 124 29.56 -22.05 0.53
CA TYR F 124 29.19 -20.64 0.39
C TYR F 124 30.22 -19.71 1.00
N ASN F 125 30.68 -20.03 2.20
CA ASN F 125 31.75 -19.24 2.87
C ASN F 125 33.06 -19.22 2.04
N LYS F 126 33.42 -20.36 1.45
CA LYS F 126 34.58 -20.44 0.55
C LYS F 126 34.43 -19.61 -0.71
N LEU F 127 33.23 -19.64 -1.33
CA LEU F 127 32.89 -18.88 -2.54
C LEU F 127 32.42 -17.42 -2.35
N LYS F 128 32.12 -17.04 -1.11
CA LYS F 128 31.64 -15.68 -0.76
C LYS F 128 32.47 -14.56 -1.43
N GLU F 129 33.79 -14.58 -1.26
CA GLU F 129 34.62 -13.54 -1.85
C GLU F 129 34.36 -13.39 -3.36
N LYS F 130 34.26 -14.50 -4.07
CA LYS F 130 34.08 -14.45 -5.50
C LYS F 130 32.66 -14.07 -5.92
N LEU F 131 31.67 -14.45 -5.13
CA LEU F 131 30.27 -14.13 -5.46
C LEU F 131 29.98 -12.64 -5.33
N LYS F 132 30.64 -11.99 -4.37
CA LYS F 132 30.49 -10.54 -4.13
C LYS F 132 31.35 -9.68 -5.09
N GLN F 133 32.40 -10.26 -5.67
CA GLN F 133 33.29 -9.62 -6.67
C GLN F 133 33.60 -10.59 -7.81
N PRO F 134 32.62 -10.85 -8.69
CA PRO F 134 32.89 -11.76 -9.79
C PRO F 134 33.78 -11.15 -10.83
N LYS F 135 34.29 -11.97 -11.73
CA LYS F 135 34.92 -11.48 -12.97
C LYS F 135 33.85 -11.05 -14.00
N LYS F 136 34.24 -10.18 -14.91
CA LYS F 136 33.35 -9.73 -15.96
C LYS F 136 33.51 -10.69 -17.13
N LEU F 137 32.41 -11.30 -17.53
CA LEU F 137 32.48 -12.32 -18.54
C LEU F 137 33.25 -11.90 -19.80
N ALA F 138 33.11 -10.65 -20.22
CA ALA F 138 33.80 -10.14 -21.42
C ALA F 138 35.34 -10.13 -21.23
N ASP F 139 35.80 -9.94 -20.00
CA ASP F 139 37.23 -10.03 -19.67
C ASP F 139 37.69 -11.49 -19.58
N VAL F 140 36.77 -12.41 -19.29
CA VAL F 140 37.08 -13.83 -19.38
C VAL F 140 37.19 -14.21 -20.85
N ILE F 141 36.22 -13.81 -21.67
CA ILE F 141 36.24 -14.13 -23.11
C ILE F 141 37.52 -13.71 -23.80
N LYS F 142 38.04 -12.55 -23.40
CA LYS F 142 39.20 -11.96 -23.99
C LYS F 142 40.52 -12.63 -23.56
N ASN F 143 40.80 -12.76 -22.27
CA ASN F 143 42.14 -13.17 -21.78
C ASN F 143 42.32 -14.67 -21.48
N GLU F 144 41.24 -15.43 -21.21
CA GLU F 144 41.41 -16.77 -20.59
C GLU F 144 40.52 -17.87 -21.15
N LEU F 145 40.06 -17.67 -22.38
CA LEU F 145 39.52 -18.75 -23.18
C LEU F 145 40.57 -19.12 -24.23
N GLY F 146 40.15 -19.45 -25.46
CA GLY F 146 41.03 -20.03 -26.45
C GLY F 146 41.22 -21.54 -26.27
N PRO F 147 42.14 -22.14 -27.06
CA PRO F 147 42.37 -23.59 -27.02
C PRO F 147 43.05 -24.10 -25.73
N ASP F 148 44.05 -23.38 -25.24
CA ASP F 148 44.83 -23.80 -24.05
C ASP F 148 44.22 -23.28 -22.73
N SER F 149 42.90 -23.04 -22.71
CA SER F 149 42.20 -22.48 -21.57
C SER F 149 42.11 -23.52 -20.45
N ASP F 150 42.36 -23.09 -19.22
CA ASP F 150 42.19 -23.95 -18.04
C ASP F 150 40.74 -24.37 -17.74
N TYR F 151 39.76 -23.73 -18.37
CA TYR F 151 38.36 -24.02 -18.07
C TYR F 151 37.93 -25.31 -18.77
N LEU F 152 37.46 -26.27 -17.97
CA LEU F 152 37.04 -27.58 -18.43
C LEU F 152 35.56 -27.62 -18.67
N SER F 153 34.80 -27.03 -17.76
CA SER F 153 33.35 -26.91 -17.83
C SER F 153 32.89 -25.47 -17.73
N VAL F 154 31.68 -25.20 -18.24
CA VAL F 154 30.98 -23.96 -17.94
C VAL F 154 29.68 -24.37 -17.27
N PHE F 155 29.47 -23.82 -16.06
CA PHE F 155 28.35 -24.15 -15.17
C PHE F 155 27.37 -22.94 -15.11
N ILE F 156 26.13 -23.13 -15.53
CA ILE F 156 25.13 -22.06 -15.53
C ILE F 156 24.02 -22.46 -14.59
N PRO F 157 24.17 -22.20 -13.28
CA PRO F 157 23.08 -22.56 -12.39
C PRO F 157 21.78 -21.85 -12.72
N GLY F 158 20.71 -22.38 -12.16
CA GLY F 158 19.38 -21.87 -12.35
C GLY F 158 18.93 -21.04 -11.19
N GLY F 159 17.64 -21.12 -10.87
CA GLY F 159 16.89 -20.07 -10.21
C GLY F 159 16.24 -19.27 -11.34
N HIS F 160 15.13 -18.59 -11.05
CA HIS F 160 14.39 -17.85 -12.06
C HIS F 160 15.16 -16.68 -12.70
N ALA F 161 16.13 -16.12 -11.99
CA ALA F 161 16.94 -14.99 -12.47
C ALA F 161 17.84 -15.33 -13.64
N ALA F 162 18.05 -16.61 -13.92
CA ALA F 162 18.79 -17.02 -15.11
C ALA F 162 18.06 -16.63 -16.43
N VAL F 163 16.77 -16.39 -16.35
CA VAL F 163 15.98 -15.80 -17.44
C VAL F 163 16.53 -14.43 -17.96
N VAL F 164 17.13 -13.64 -17.07
CA VAL F 164 17.43 -12.23 -17.35
C VAL F 164 18.87 -12.07 -17.85
N GLY F 165 19.03 -11.47 -19.05
CA GLY F 165 20.34 -11.03 -19.52
C GLY F 165 21.13 -12.15 -20.15
N ILE F 166 21.49 -13.16 -19.34
CA ILE F 166 22.24 -14.36 -19.82
C ILE F 166 21.49 -15.18 -20.88
N SER F 167 20.18 -14.97 -21.01
CA SER F 167 19.37 -15.59 -22.05
C SER F 167 19.31 -14.83 -23.38
N GLU F 168 20.02 -13.71 -23.49
CA GLU F 168 20.08 -12.93 -24.72
C GLU F 168 21.39 -12.10 -24.78
N SER F 169 22.49 -12.71 -24.40
CA SER F 169 23.76 -12.01 -24.29
C SER F 169 24.74 -12.55 -25.34
N GLU F 170 25.48 -11.67 -26.01
CA GLU F 170 26.48 -12.08 -26.99
C GLU F 170 27.77 -12.60 -26.33
N ASP F 171 27.98 -12.31 -25.06
CA ASP F 171 29.08 -12.92 -24.32
C ASP F 171 28.77 -14.38 -23.93
N VAL F 172 27.52 -14.68 -23.57
CA VAL F 172 27.10 -16.06 -23.37
C VAL F 172 27.19 -16.81 -24.68
N GLN F 173 26.70 -16.24 -25.79
CA GLN F 173 26.89 -16.82 -27.14
C GLN F 173 28.33 -17.24 -27.43
N GLN F 174 29.24 -16.28 -27.40
CA GLN F 174 30.67 -16.56 -27.61
C GLN F 174 31.24 -17.56 -26.61
N THR F 175 30.63 -17.74 -25.44
CA THR F 175 31.17 -18.67 -24.43
C THR F 175 30.75 -20.10 -24.74
N LEU F 176 29.50 -20.30 -25.13
CA LEU F 176 29.02 -21.62 -25.58
C LEU F 176 29.79 -22.07 -26.85
N ASP F 177 29.78 -21.22 -27.89
CA ASP F 177 30.64 -21.40 -29.09
C ASP F 177 32.04 -21.94 -28.79
N TRP F 178 32.76 -21.30 -27.88
CA TRP F 178 34.06 -21.82 -27.40
C TRP F 178 33.97 -23.22 -26.82
N ALA F 179 32.91 -23.50 -26.07
CA ALA F 179 32.74 -24.80 -25.44
C ALA F 179 32.48 -25.90 -26.45
N LEU F 180 31.63 -25.61 -27.43
CA LEU F 180 31.40 -26.53 -28.53
C LEU F 180 32.65 -26.73 -29.40
N ASP F 181 33.42 -25.67 -29.63
CA ASP F 181 34.59 -25.71 -30.52
C ASP F 181 35.84 -26.28 -29.88
N ASN F 182 35.85 -26.50 -28.58
CA ASN F 182 37.04 -27.03 -27.92
C ASN F 182 36.74 -28.25 -27.05
N ASP F 183 35.60 -28.92 -27.28
CA ASP F 183 35.30 -30.17 -26.58
C ASP F 183 35.33 -29.87 -25.07
N ARG F 184 34.58 -28.87 -24.64
CA ARG F 184 34.47 -28.52 -23.21
C ARG F 184 33.05 -28.77 -22.75
N PHE F 185 32.83 -28.94 -21.44
CA PHE F 185 31.51 -29.34 -20.89
C PHE F 185 30.62 -28.13 -20.66
N ILE F 186 29.31 -28.32 -20.75
CA ILE F 186 28.30 -27.30 -20.41
C ILE F 186 27.37 -27.96 -19.38
N VAL F 187 27.28 -27.39 -18.19
CA VAL F 187 26.46 -27.97 -17.13
C VAL F 187 25.48 -26.93 -16.64
N THR F 188 24.20 -27.28 -16.53
CA THR F 188 23.12 -26.31 -16.26
C THR F 188 21.85 -27.00 -15.69
N LEU F 189 21.03 -26.30 -14.89
CA LEU F 189 19.74 -26.84 -14.51
C LEU F 189 18.67 -25.80 -14.17
N CYS F 190 17.40 -26.22 -14.23
CA CYS F 190 16.21 -25.44 -13.79
C CYS F 190 15.74 -24.44 -14.89
N HIS F 191 15.94 -23.14 -14.68
CA HIS F 191 15.81 -22.16 -15.72
C HIS F 191 17.19 -21.77 -16.24
N GLY F 192 18.22 -22.46 -15.81
CA GLY F 192 19.55 -22.24 -16.32
C GLY F 192 19.70 -22.46 -17.81
N PRO F 193 18.97 -23.47 -18.37
CA PRO F 193 18.97 -23.69 -19.82
C PRO F 193 18.56 -22.47 -20.64
N ALA F 194 17.78 -21.56 -20.04
CA ALA F 194 17.52 -20.26 -20.65
C ALA F 194 18.79 -19.56 -21.16
N ALA F 195 19.94 -19.83 -20.57
CA ALA F 195 21.21 -19.35 -21.13
C ALA F 195 21.57 -19.93 -22.52
N LEU F 196 21.01 -21.09 -22.84
CA LEU F 196 21.30 -21.73 -24.12
C LEU F 196 20.56 -21.03 -25.27
N LEU F 197 19.61 -20.18 -24.94
CA LEU F 197 18.92 -19.37 -25.93
C LEU F 197 19.86 -18.42 -26.65
N SER F 198 20.91 -18.00 -25.96
CA SER F 198 21.94 -17.14 -26.54
C SER F 198 22.80 -17.78 -27.63
N ALA F 199 22.68 -19.08 -27.84
CA ALA F 199 23.44 -19.75 -28.89
C ALA F 199 22.89 -19.33 -30.25
N GLY F 200 21.56 -19.25 -30.37
CA GLY F 200 20.91 -18.86 -31.62
C GLY F 200 20.61 -17.38 -31.80
N LEU F 201 21.42 -16.52 -31.20
CA LEU F 201 21.19 -15.08 -31.26
C LEU F 201 21.72 -14.51 -32.60
N ASN F 202 20.91 -13.68 -33.28
CA ASN F 202 21.24 -13.11 -34.60
C ASN F 202 21.72 -14.21 -35.57
N ARG F 203 21.00 -15.33 -35.58
CA ARG F 203 21.35 -16.53 -36.35
C ARG F 203 20.09 -17.24 -36.77
N GLU F 204 20.17 -17.89 -37.94
CA GLU F 204 19.10 -18.75 -38.44
C GLU F 204 19.00 -20.05 -37.60
N LYS F 205 20.15 -20.57 -37.16
CA LYS F 205 20.22 -21.87 -36.50
C LYS F 205 21.25 -21.90 -35.35
N SER F 206 20.77 -22.20 -34.14
CA SER F 206 21.61 -22.41 -32.98
C SER F 206 22.50 -23.61 -33.21
N PRO F 207 23.82 -23.51 -32.98
CA PRO F 207 24.65 -24.73 -32.96
C PRO F 207 24.32 -25.77 -31.88
N LEU F 208 23.11 -25.74 -31.33
CA LEU F 208 22.62 -26.71 -30.36
C LEU F 208 21.33 -27.39 -30.83
N GLU F 209 20.98 -27.29 -32.12
CA GLU F 209 19.76 -27.93 -32.62
C GLU F 209 19.83 -29.46 -32.40
N GLY F 210 18.70 -30.07 -32.02
CA GLY F 210 18.63 -31.51 -31.69
C GLY F 210 19.68 -31.99 -30.70
N TYR F 211 19.98 -31.15 -29.70
CA TYR F 211 20.68 -31.55 -28.48
C TYR F 211 19.53 -31.78 -27.51
N SER F 212 19.77 -32.58 -26.47
CA SER F 212 18.71 -32.99 -25.55
C SER F 212 18.97 -32.50 -24.12
N VAL F 213 17.93 -31.90 -23.52
CA VAL F 213 18.00 -31.25 -22.22
C VAL F 213 16.74 -31.49 -21.42
N CYS F 214 16.91 -31.62 -20.10
CA CYS F 214 15.84 -31.39 -19.14
C CYS F 214 15.77 -29.91 -18.79
N VAL F 215 14.56 -29.45 -18.53
CA VAL F 215 14.27 -28.05 -18.35
C VAL F 215 13.13 -28.01 -17.37
N PHE F 216 12.98 -26.89 -16.65
CA PHE F 216 11.86 -26.77 -15.75
C PHE F 216 10.59 -26.77 -16.59
N PRO F 217 9.52 -27.45 -16.12
CA PRO F 217 8.36 -27.62 -17.00
C PRO F 217 7.46 -26.38 -17.06
N ASP F 218 6.84 -26.17 -18.21
CA ASP F 218 6.04 -24.99 -18.41
C ASP F 218 4.77 -25.00 -17.57
N SER F 219 4.24 -26.20 -17.28
CA SER F 219 3.00 -26.33 -16.48
C SER F 219 3.11 -25.76 -15.06
N LEU F 220 4.29 -25.93 -14.46
CA LEU F 220 4.54 -25.45 -13.13
C LEU F 220 4.66 -23.93 -13.04
N ASP F 221 5.41 -23.33 -13.98
CA ASP F 221 5.51 -21.86 -14.10
C ASP F 221 4.17 -21.20 -14.41
N GLU F 222 3.35 -21.80 -15.27
CA GLU F 222 1.98 -21.28 -15.55
C GLU F 222 0.92 -21.59 -14.46
N GLY F 223 1.06 -22.71 -13.74
CA GLY F 223 -0.04 -23.13 -12.88
C GLY F 223 0.26 -23.13 -11.39
N ALA F 224 0.86 -24.26 -10.95
CA ALA F 224 1.23 -24.47 -9.55
C ALA F 224 1.96 -23.25 -8.93
N ASN F 225 3.08 -22.82 -9.52
CA ASN F 225 3.84 -21.66 -9.00
C ASN F 225 2.96 -20.41 -8.83
N ILE F 226 1.93 -20.23 -9.65
CA ILE F 226 1.04 -19.08 -9.48
C ILE F 226 -0.04 -19.37 -8.45
N GLU F 227 -0.70 -20.52 -8.58
CA GLU F 227 -1.75 -20.92 -7.65
C GLU F 227 -1.26 -20.69 -6.22
N ILE F 228 -0.08 -21.24 -5.90
CA ILE F 228 0.45 -21.23 -4.52
C ILE F 228 1.30 -20.02 -4.12
N GLY F 229 1.44 -19.04 -5.00
CA GLY F 229 2.14 -17.78 -4.64
C GLY F 229 3.67 -17.80 -4.57
N TYR F 230 4.31 -18.73 -5.27
CA TYR F 230 5.75 -18.72 -5.48
C TYR F 230 6.08 -17.53 -6.36
N LEU F 231 5.31 -17.38 -7.44
CA LEU F 231 5.35 -16.22 -8.30
C LEU F 231 4.20 -15.28 -7.96
N PRO F 232 4.49 -13.97 -7.93
CA PRO F 232 3.44 -12.97 -7.82
C PRO F 232 2.73 -12.61 -9.15
N GLY F 233 3.16 -13.20 -10.25
CA GLY F 233 2.50 -13.04 -11.55
C GLY F 233 3.10 -13.97 -12.59
N ARG F 234 2.75 -13.73 -13.86
CA ARG F 234 3.05 -14.67 -14.94
C ARG F 234 4.26 -14.23 -15.75
N LEU F 235 5.14 -15.16 -16.09
CA LEU F 235 6.32 -14.83 -16.92
C LEU F 235 5.92 -14.38 -18.33
N LYS F 236 6.74 -13.55 -18.97
CA LYS F 236 6.45 -13.03 -20.31
C LYS F 236 6.64 -14.11 -21.34
N TRP F 237 7.51 -15.06 -21.04
CA TRP F 237 7.82 -16.18 -21.93
C TRP F 237 8.40 -17.31 -21.10
N LEU F 238 8.54 -18.49 -21.73
CA LEU F 238 8.85 -19.78 -21.07
C LEU F 238 9.98 -20.50 -21.76
N VAL F 239 10.80 -21.14 -20.95
CA VAL F 239 12.14 -21.55 -21.34
C VAL F 239 12.14 -22.79 -22.22
N ALA F 240 11.30 -23.75 -21.84
CA ALA F 240 11.18 -24.98 -22.60
C ALA F 240 10.54 -24.71 -23.96
N ASP F 241 9.48 -23.91 -23.95
CA ASP F 241 8.82 -23.48 -25.18
C ASP F 241 9.83 -22.87 -26.21
N LEU F 242 10.59 -21.87 -25.76
CA LEU F 242 11.53 -21.19 -26.63
C LEU F 242 12.69 -22.06 -27.05
N LEU F 243 13.13 -22.93 -26.15
CA LEU F 243 14.23 -23.86 -26.47
C LEU F 243 13.80 -24.93 -27.48
N THR F 244 12.54 -25.34 -27.40
CA THR F 244 11.92 -26.18 -28.42
C THR F 244 11.86 -25.38 -29.74
N LYS F 245 11.23 -24.20 -29.76
CA LYS F 245 11.22 -23.30 -30.96
C LYS F 245 12.60 -23.04 -31.59
N GLN F 246 13.68 -23.19 -30.81
CA GLN F 246 15.05 -23.21 -31.33
C GLN F 246 15.53 -24.59 -31.75
N GLY F 247 14.69 -25.61 -31.56
CA GLY F 247 14.98 -26.97 -32.01
C GLY F 247 15.82 -27.84 -31.08
N LEU F 248 15.64 -27.66 -29.77
CA LEU F 248 16.25 -28.55 -28.78
C LEU F 248 15.16 -29.53 -28.28
N LYS F 249 15.60 -30.72 -27.92
CA LYS F 249 14.70 -31.76 -27.42
C LYS F 249 14.53 -31.57 -25.92
N VAL F 250 13.37 -31.04 -25.54
CA VAL F 250 12.97 -30.94 -24.14
C VAL F 250 12.50 -32.32 -23.77
N VAL F 251 13.31 -33.04 -22.98
CA VAL F 251 13.05 -34.45 -22.69
C VAL F 251 11.99 -34.69 -21.59
N ASN F 252 11.74 -33.68 -20.75
CA ASN F 252 10.85 -33.86 -19.62
C ASN F 252 9.63 -32.99 -19.74
N ASP F 253 8.61 -33.35 -18.96
CA ASP F 253 7.43 -32.55 -18.78
C ASP F 253 7.06 -32.42 -17.30
N ASP F 254 7.95 -32.84 -16.41
CA ASP F 254 7.69 -32.88 -14.97
C ASP F 254 8.97 -32.60 -14.13
N MET F 255 8.77 -32.29 -12.83
CA MET F 255 9.85 -32.01 -11.86
C MET F 255 10.14 -33.25 -11.02
N THR F 256 11.26 -33.94 -11.32
CA THR F 256 11.58 -35.24 -10.69
C THR F 256 13.03 -35.45 -10.25
N GLY F 257 13.88 -34.44 -10.32
CA GLY F 257 15.33 -34.63 -10.11
C GLY F 257 16.02 -35.49 -11.16
N ARG F 258 15.46 -35.51 -12.36
CA ARG F 258 16.02 -36.26 -13.47
C ARG F 258 17.18 -35.48 -14.07
N THR F 259 18.25 -36.18 -14.41
CA THR F 259 19.41 -35.61 -15.08
C THR F 259 19.52 -36.17 -16.51
N LEU F 260 20.50 -35.69 -17.27
CA LEU F 260 20.71 -36.13 -18.64
C LEU F 260 22.01 -35.65 -19.28
N LYS F 261 22.78 -36.60 -19.77
CA LYS F 261 24.00 -36.32 -20.52
C LYS F 261 23.73 -36.58 -22.00
N ASP F 262 23.53 -35.51 -22.76
CA ASP F 262 23.67 -35.57 -24.20
C ASP F 262 25.05 -35.04 -24.54
N ARG F 263 25.91 -35.88 -25.11
CA ARG F 263 27.29 -35.51 -25.50
C ARG F 263 27.95 -34.88 -24.27
N LYS F 264 28.56 -33.68 -24.37
CA LYS F 264 29.07 -32.95 -23.19
C LYS F 264 28.14 -31.88 -22.59
N LEU F 265 26.87 -31.86 -23.01
CA LEU F 265 25.84 -31.03 -22.37
C LEU F 265 25.12 -31.76 -21.21
N LEU F 266 25.58 -31.50 -19.99
CA LEU F 266 25.01 -32.16 -18.78
C LEU F 266 23.95 -31.23 -18.20
N THR F 267 22.76 -31.75 -17.94
CA THR F 267 21.60 -30.93 -17.59
C THR F 267 20.71 -31.55 -16.49
N GLY F 268 20.00 -30.72 -15.72
CA GLY F 268 19.00 -31.18 -14.73
C GLY F 268 17.71 -30.45 -14.91
N ASP F 269 16.67 -30.85 -14.17
CA ASP F 269 15.32 -30.32 -14.40
C ASP F 269 14.79 -29.32 -13.36
N SER F 270 15.34 -29.31 -12.15
CA SER F 270 14.79 -28.49 -11.03
C SER F 270 15.78 -28.48 -9.86
N PRO F 271 15.43 -27.84 -8.71
CA PRO F 271 16.28 -28.00 -7.49
C PRO F 271 16.53 -29.44 -7.02
N LEU F 272 15.57 -30.34 -7.28
CA LEU F 272 15.71 -31.76 -6.90
C LEU F 272 16.84 -32.51 -7.63
N ALA F 273 17.28 -31.98 -8.77
CA ALA F 273 18.36 -32.58 -9.57
C ALA F 273 19.74 -32.20 -9.11
N SER F 274 19.83 -31.44 -8.02
CA SER F 274 21.09 -30.78 -7.67
C SER F 274 22.19 -31.76 -7.32
N ASN F 275 21.92 -32.65 -6.38
CA ASN F 275 22.94 -33.55 -5.88
C ASN F 275 23.38 -34.51 -7.02
N GLU F 276 22.40 -35.10 -7.71
CA GLU F 276 22.69 -36.04 -8.82
C GLU F 276 23.45 -35.34 -9.95
N LEU F 277 23.14 -34.07 -10.24
CA LEU F 277 23.90 -33.38 -11.29
C LEU F 277 25.33 -33.13 -10.84
N GLY F 278 25.51 -32.87 -9.54
CA GLY F 278 26.85 -32.81 -8.99
C GLY F 278 27.64 -34.07 -9.22
N LYS F 279 26.99 -35.23 -9.06
CA LYS F 279 27.68 -36.53 -9.23
C LYS F 279 28.11 -36.71 -10.69
N LEU F 280 27.12 -36.56 -11.57
CA LEU F 280 27.27 -36.66 -13.04
C LEU F 280 28.33 -35.69 -13.56
N ALA F 281 28.39 -34.50 -12.96
CA ALA F 281 29.35 -33.48 -13.35
C ALA F 281 30.75 -33.96 -13.09
N VAL F 282 30.98 -34.41 -11.86
CA VAL F 282 32.32 -34.89 -11.46
C VAL F 282 32.72 -36.19 -12.18
N ASN F 283 31.76 -37.09 -12.37
CA ASN F 283 32.06 -38.34 -13.08
C ASN F 283 32.51 -38.02 -14.48
N GLU F 284 31.65 -37.37 -15.24
CA GLU F 284 31.91 -37.15 -16.65
C GLU F 284 33.14 -36.34 -16.90
N MET F 285 33.40 -35.39 -16.02
CA MET F 285 34.61 -34.59 -16.18
C MET F 285 35.84 -35.45 -15.92
N LEU F 286 35.83 -36.30 -14.89
CA LEU F 286 36.97 -37.19 -14.59
C LEU F 286 37.17 -38.32 -15.60
N ASN F 287 36.09 -39.02 -15.95
CA ASN F 287 36.13 -40.08 -17.00
C ASN F 287 36.50 -39.55 -18.41
N ALA F 288 36.84 -38.26 -18.54
CA ALA F 288 37.30 -37.66 -19.78
C ALA F 288 38.66 -36.95 -19.67
N ILE F 289 39.30 -36.98 -18.51
CA ILE F 289 40.65 -36.40 -18.33
C ILE F 289 41.74 -37.41 -17.94
N GLN F 290 41.35 -38.63 -17.56
CA GLN F 290 42.21 -39.83 -17.69
C GLN F 290 41.38 -41.11 -17.56
N ASN G 6 -19.35 40.58 -2.47
CA ASN G 6 -18.30 39.93 -1.63
C ASN G 6 -18.67 38.53 -1.09
N GLU G 7 -19.95 38.15 -1.19
CA GLU G 7 -20.38 36.75 -0.96
C GLU G 7 -19.75 35.70 -1.93
N LEU G 8 -19.23 36.16 -3.07
CA LEU G 8 -19.03 35.30 -4.23
C LEU G 8 -17.64 34.69 -4.25
N SER G 9 -17.55 33.45 -4.72
CA SER G 9 -16.26 32.75 -4.75
C SER G 9 -15.32 33.34 -5.83
N LYS G 10 -14.05 33.44 -5.47
CA LYS G 10 -13.00 33.81 -6.40
C LYS G 10 -12.41 32.58 -7.08
N GLN G 11 -12.95 31.38 -6.80
CA GLN G 11 -12.51 30.16 -7.45
C GLN G 11 -13.07 30.07 -8.84
N PRO G 12 -12.22 29.77 -9.83
CA PRO G 12 -12.80 29.51 -11.19
C PRO G 12 -13.79 28.32 -11.20
N THR G 13 -14.72 28.35 -12.15
CA THR G 13 -15.84 27.40 -12.26
C THR G 13 -15.53 26.38 -13.40
N PRO G 14 -15.59 25.05 -13.14
CA PRO G 14 -15.38 24.06 -14.20
C PRO G 14 -16.32 24.22 -15.39
N ASP G 15 -15.78 24.01 -16.59
CA ASP G 15 -16.54 23.92 -17.85
C ASP G 15 -16.69 22.44 -18.17
N LYS G 16 -17.87 21.89 -17.84
CA LYS G 16 -18.27 20.48 -18.02
C LYS G 16 -17.87 19.86 -19.37
N ALA G 17 -17.79 20.69 -20.41
CA ALA G 17 -17.55 20.21 -21.79
C ALA G 17 -16.11 19.78 -22.10
N GLU G 18 -15.16 20.28 -21.31
CA GLU G 18 -13.74 20.09 -21.55
C GLU G 18 -13.03 19.60 -20.31
N ASP G 19 -11.89 18.95 -20.54
CA ASP G 19 -10.99 18.50 -19.48
C ASP G 19 -10.22 19.63 -18.83
N ASN G 20 -10.31 19.71 -17.49
CA ASN G 20 -9.50 20.62 -16.68
C ASN G 20 -9.60 22.07 -17.22
N ALA G 21 -10.83 22.47 -17.54
CA ALA G 21 -11.10 23.78 -18.13
C ALA G 21 -12.05 24.52 -17.24
N PHE G 22 -11.87 25.84 -17.18
CA PHE G 22 -12.63 26.68 -16.29
C PHE G 22 -13.14 27.97 -16.92
N PHE G 23 -14.39 28.31 -16.56
CA PHE G 23 -14.94 29.64 -16.79
C PHE G 23 -14.37 30.55 -15.67
N PRO G 24 -14.42 31.89 -15.84
CA PRO G 24 -14.10 32.80 -14.75
C PRO G 24 -14.96 32.60 -13.50
N SER G 25 -14.52 33.20 -12.41
CA SER G 25 -15.09 32.97 -11.09
C SER G 25 -16.30 33.88 -10.91
N PRO G 26 -17.31 33.45 -10.11
CA PRO G 26 -18.49 34.28 -9.84
C PRO G 26 -18.14 35.69 -9.40
N TYR G 27 -17.14 35.78 -8.53
CA TYR G 27 -16.70 37.08 -8.08
C TYR G 27 -16.17 37.90 -9.27
N SER G 28 -15.17 37.37 -9.98
CA SER G 28 -14.66 38.06 -11.19
C SER G 28 -15.82 38.48 -12.18
N LEU G 29 -16.73 37.56 -12.48
CA LEU G 29 -17.94 37.91 -13.27
C LEU G 29 -18.68 39.13 -12.73
N SER G 30 -18.82 39.25 -11.42
CA SER G 30 -19.56 40.40 -10.84
C SER G 30 -18.88 41.74 -11.11
N GLN G 31 -17.55 41.75 -11.25
CA GLN G 31 -16.80 43.00 -11.46
C GLN G 31 -16.53 43.39 -12.92
N TYR G 32 -16.31 42.42 -13.81
CA TYR G 32 -15.86 42.70 -15.18
C TYR G 32 -16.93 42.55 -16.26
N THR G 33 -18.10 42.05 -15.88
CA THR G 33 -19.22 41.86 -16.80
C THR G 33 -20.44 42.57 -16.22
N ALA G 34 -21.35 42.97 -17.09
CA ALA G 34 -22.54 43.66 -16.64
C ALA G 34 -23.66 43.29 -17.57
N PRO G 35 -24.90 43.33 -17.06
CA PRO G 35 -26.06 43.07 -17.94
C PRO G 35 -26.37 44.20 -18.96
N LYS G 36 -25.83 45.40 -18.75
CA LYS G 36 -25.85 46.45 -19.77
C LYS G 36 -24.47 46.99 -20.00
N THR G 37 -24.29 47.63 -21.15
CA THR G 37 -23.07 48.28 -21.53
C THR G 37 -23.30 49.76 -21.35
N ASP G 38 -22.31 50.59 -21.72
CA ASP G 38 -22.48 52.03 -21.71
C ASP G 38 -22.97 52.62 -23.05
N PHE G 39 -23.45 51.80 -23.98
CA PHE G 39 -23.97 52.34 -25.24
C PHE G 39 -25.08 53.40 -25.00
N ASP G 40 -24.94 54.59 -25.62
CA ASP G 40 -25.95 55.68 -25.57
C ASP G 40 -26.14 56.28 -26.97
N GLY G 41 -26.14 55.41 -27.97
CA GLY G 41 -26.48 55.76 -29.34
C GLY G 41 -25.32 55.82 -30.33
N VAL G 42 -25.70 55.81 -31.59
CA VAL G 42 -24.78 55.89 -32.70
C VAL G 42 -24.78 57.33 -33.22
N GLU G 43 -23.65 57.75 -33.79
CA GLU G 43 -23.47 59.14 -34.23
C GLU G 43 -23.81 59.36 -35.71
N HIS G 44 -23.94 58.28 -36.47
CA HIS G 44 -24.05 58.41 -37.92
C HIS G 44 -24.98 57.40 -38.53
N LYS G 45 -26.21 57.24 -38.02
CA LYS G 45 -27.22 56.37 -38.70
C LYS G 45 -27.42 56.86 -40.16
N GLY G 46 -27.34 55.93 -41.13
CA GLY G 46 -27.57 56.21 -42.54
C GLY G 46 -26.50 56.94 -43.33
N ALA G 47 -25.34 57.25 -42.73
CA ALA G 47 -24.37 58.12 -43.38
C ALA G 47 -23.79 57.53 -44.63
N TYR G 48 -23.65 56.21 -44.68
CA TYR G 48 -23.13 55.54 -45.91
C TYR G 48 -24.24 54.72 -46.56
N LYS G 49 -24.48 55.08 -47.82
CA LYS G 49 -25.70 54.71 -48.53
C LYS G 49 -25.46 53.81 -49.72
N ASP G 50 -24.28 53.89 -50.38
CA ASP G 50 -24.04 53.09 -51.60
C ASP G 50 -24.17 51.57 -51.39
N GLY G 51 -23.96 51.07 -50.17
CA GLY G 51 -24.02 49.63 -49.92
C GLY G 51 -22.96 48.77 -50.60
N LYS G 52 -21.80 49.33 -50.92
CA LYS G 52 -20.67 48.52 -51.44
C LYS G 52 -19.66 48.15 -50.31
N TRP G 53 -19.19 49.15 -49.58
CA TRP G 53 -18.19 48.99 -48.52
C TRP G 53 -18.69 48.15 -47.34
N LYS G 54 -17.91 47.13 -46.97
CA LYS G 54 -18.30 46.15 -45.98
C LYS G 54 -17.15 46.00 -44.99
N VAL G 55 -17.41 45.43 -43.81
CA VAL G 55 -16.37 45.14 -42.82
C VAL G 55 -16.04 43.67 -42.89
N LEU G 56 -14.75 43.30 -42.88
CA LEU G 56 -14.39 41.90 -42.76
C LEU G 56 -14.00 41.62 -41.33
N MET G 57 -14.79 40.84 -40.61
CA MET G 57 -14.42 40.41 -39.27
C MET G 57 -13.67 39.08 -39.26
N ILE G 58 -12.45 39.08 -38.74
CA ILE G 58 -11.77 37.82 -38.40
C ILE G 58 -12.04 37.49 -36.92
N ALA G 59 -12.85 36.48 -36.68
CA ALA G 59 -13.22 36.10 -35.33
C ALA G 59 -12.53 34.78 -34.93
N ALA G 60 -12.47 34.54 -33.63
CA ALA G 60 -11.84 33.34 -33.05
C ALA G 60 -12.73 32.14 -33.17
N GLU G 61 -12.13 30.98 -33.38
CA GLU G 61 -12.89 29.73 -33.51
C GLU G 61 -12.43 28.62 -32.52
N GLU G 62 -11.59 28.97 -31.55
CA GLU G 62 -11.14 28.11 -30.50
C GLU G 62 -11.40 28.84 -29.19
N ARG G 63 -11.99 28.12 -28.23
CA ARG G 63 -12.44 28.67 -26.95
C ARG G 63 -11.46 28.42 -25.80
N TYR G 64 -10.64 27.39 -25.93
CA TYR G 64 -9.80 26.91 -24.83
C TYR G 64 -8.35 27.37 -25.04
N VAL G 65 -7.84 28.08 -24.04
CA VAL G 65 -6.50 28.58 -24.03
C VAL G 65 -5.73 27.84 -22.95
N LEU G 66 -4.71 27.12 -23.38
CA LEU G 66 -3.85 26.40 -22.47
C LEU G 66 -2.93 27.37 -21.71
N LEU G 67 -2.95 27.22 -20.39
CA LEU G 67 -2.24 28.12 -19.49
C LEU G 67 -0.95 27.51 -18.95
N GLU G 68 -0.13 28.34 -18.33
CA GLU G 68 1.15 27.90 -17.77
C GLU G 68 1.05 26.73 -16.81
N ASN G 69 -0.08 26.55 -16.12
CA ASN G 69 -0.22 25.56 -15.06
C ASN G 69 -0.99 24.31 -15.49
N GLY G 70 -1.14 24.09 -16.80
CA GLY G 70 -1.91 22.95 -17.30
C GLY G 70 -3.40 23.18 -17.50
N LYS G 71 -3.99 24.21 -16.88
CA LYS G 71 -5.43 24.43 -16.96
C LYS G 71 -5.76 25.13 -18.27
N MET G 72 -6.98 24.93 -18.75
CA MET G 72 -7.48 25.64 -19.92
C MET G 72 -8.39 26.74 -19.45
N PHE G 73 -8.21 27.95 -19.94
CA PHE G 73 -9.23 29.00 -19.72
C PHE G 73 -10.29 28.82 -20.78
N SER G 74 -11.55 28.86 -20.34
CA SER G 74 -12.75 28.78 -21.25
C SER G 74 -13.20 30.19 -21.66
N THR G 75 -12.82 30.58 -22.85
CA THR G 75 -12.92 31.94 -23.34
C THR G 75 -13.70 31.99 -24.63
N GLY G 76 -13.24 32.85 -25.55
CA GLY G 76 -13.82 33.13 -26.86
C GLY G 76 -13.53 34.60 -27.18
N ASN G 77 -14.24 35.15 -28.16
CA ASN G 77 -14.20 36.58 -28.35
C ASN G 77 -15.08 37.18 -27.27
N HIS G 78 -14.75 38.41 -26.88
CA HIS G 78 -15.58 39.14 -25.95
C HIS G 78 -16.79 39.69 -26.72
N PRO G 79 -18.03 39.38 -26.30
CA PRO G 79 -19.21 39.80 -27.11
C PRO G 79 -19.35 41.29 -27.22
N VAL G 80 -19.10 42.01 -26.12
CA VAL G 80 -19.11 43.48 -26.15
C VAL G 80 -18.09 44.01 -27.15
N GLU G 81 -16.88 43.47 -27.09
CA GLU G 81 -15.83 43.98 -27.94
C GLU G 81 -16.17 43.71 -29.38
N MET G 82 -16.86 42.59 -29.62
CA MET G 82 -17.32 42.25 -30.93
C MET G 82 -18.50 43.11 -31.42
N LEU G 83 -19.60 43.03 -30.69
CA LEU G 83 -20.91 43.40 -31.21
C LEU G 83 -21.20 44.89 -31.12
N LEU G 84 -20.64 45.58 -30.15
CA LEU G 84 -20.85 47.02 -30.06
C LEU G 84 -20.16 47.79 -31.23
N PRO G 85 -18.88 47.51 -31.48
CA PRO G 85 -18.30 48.25 -32.61
C PRO G 85 -19.02 47.94 -33.92
N LEU G 86 -19.37 46.67 -34.10
CA LEU G 86 -20.15 46.27 -35.27
C LEU G 86 -21.52 46.97 -35.37
N HIS G 87 -22.20 47.16 -34.23
CA HIS G 87 -23.47 47.92 -34.17
C HIS G 87 -23.30 49.33 -34.70
N HIS G 88 -22.24 50.03 -34.29
CA HIS G 88 -21.94 51.37 -34.81
C HIS G 88 -21.75 51.36 -36.34
N LEU G 89 -21.00 50.38 -36.83
CA LEU G 89 -20.68 50.27 -38.26
C LEU G 89 -21.85 49.88 -39.16
N MET G 90 -22.69 48.99 -38.64
CA MET G 90 -23.86 48.52 -39.38
C MET G 90 -24.92 49.61 -39.46
N GLU G 91 -25.21 50.25 -38.33
CA GLU G 91 -26.11 51.41 -38.32
C GLU G 91 -25.66 52.50 -39.29
N ALA G 92 -24.37 52.69 -39.45
CA ALA G 92 -23.89 53.63 -40.43
C ALA G 92 -24.04 53.19 -41.89
N GLY G 93 -24.37 51.93 -42.14
CA GLY G 93 -24.56 51.37 -43.49
C GLY G 93 -23.50 50.44 -44.04
N PHE G 94 -22.59 49.97 -43.20
CA PHE G 94 -21.57 49.04 -43.62
C PHE G 94 -21.97 47.66 -43.17
N ASP G 95 -21.96 46.69 -44.08
CA ASP G 95 -22.37 45.30 -43.76
C ASP G 95 -21.11 44.50 -43.35
N VAL G 96 -21.31 43.49 -42.50
CA VAL G 96 -20.26 42.68 -41.92
C VAL G 96 -20.25 41.31 -42.53
N ASP G 97 -19.07 40.86 -42.92
CA ASP G 97 -18.85 39.44 -43.16
C ASP G 97 -17.96 38.87 -42.04
N VAL G 98 -18.14 37.60 -41.73
CA VAL G 98 -17.39 36.92 -40.69
C VAL G 98 -16.57 35.82 -41.28
N ALA G 99 -15.31 35.70 -40.86
CA ALA G 99 -14.51 34.55 -41.22
C ALA G 99 -13.71 34.03 -40.03
N THR G 100 -13.45 32.72 -40.06
CA THR G 100 -12.62 32.09 -39.10
C THR G 100 -11.51 31.42 -39.89
N LEU G 101 -10.44 30.99 -39.22
CA LEU G 101 -9.33 30.38 -39.95
C LEU G 101 -9.69 29.10 -40.69
N SER G 102 -10.67 28.36 -40.18
CA SER G 102 -11.02 27.05 -40.73
C SER G 102 -12.48 26.95 -41.15
N GLY G 103 -13.26 28.02 -41.02
CA GLY G 103 -14.70 27.94 -41.23
C GLY G 103 -15.51 27.33 -40.08
N TYR G 104 -14.89 27.07 -38.93
CA TYR G 104 -15.64 26.60 -37.80
C TYR G 104 -16.45 27.76 -37.19
N PRO G 105 -17.46 27.45 -36.36
CA PRO G 105 -18.25 28.42 -35.61
C PRO G 105 -17.44 29.34 -34.75
N VAL G 106 -17.80 30.61 -34.76
CA VAL G 106 -17.25 31.58 -33.87
C VAL G 106 -17.59 31.25 -32.42
N LYS G 107 -16.59 31.44 -31.56
CA LYS G 107 -16.69 31.13 -30.14
C LYS G 107 -16.69 32.44 -29.33
N LEU G 108 -17.74 32.64 -28.55
CA LEU G 108 -17.86 33.81 -27.71
C LEU G 108 -17.72 33.49 -26.21
N GLU G 109 -17.24 34.49 -25.46
CA GLU G 109 -17.21 34.44 -24.01
C GLU G 109 -18.67 34.70 -23.57
N LEU G 110 -19.51 33.67 -23.62
CA LEU G 110 -20.96 33.85 -23.38
C LEU G 110 -21.32 34.27 -21.95
N TRP G 111 -20.41 34.00 -21.00
CA TRP G 111 -20.51 34.46 -19.63
C TRP G 111 -20.39 35.99 -19.50
N ALA G 112 -19.98 36.66 -20.57
CA ALA G 112 -19.86 38.14 -20.63
C ALA G 112 -21.01 38.81 -21.43
N MET G 113 -21.93 38.04 -22.01
CA MET G 113 -22.96 38.61 -22.88
C MET G 113 -23.87 39.51 -22.05
N PRO G 114 -23.91 40.82 -22.34
CA PRO G 114 -24.79 41.73 -21.59
C PRO G 114 -26.24 41.52 -21.99
N THR G 115 -26.93 40.64 -21.27
CA THR G 115 -28.24 40.13 -21.67
C THR G 115 -29.42 41.13 -21.55
N GLU G 116 -29.23 42.23 -20.81
CA GLU G 116 -30.19 43.34 -20.78
C GLU G 116 -29.81 44.53 -21.69
N ASP G 117 -28.90 44.37 -22.65
CA ASP G 117 -28.57 45.44 -23.60
C ASP G 117 -29.16 45.08 -24.95
N GLU G 118 -30.17 45.85 -25.39
CA GLU G 118 -30.95 45.50 -26.58
C GLU G 118 -30.20 45.77 -27.88
N ALA G 119 -29.34 46.78 -27.90
CA ALA G 119 -28.50 47.03 -29.06
C ALA G 119 -27.47 45.88 -29.30
N VAL G 120 -26.86 45.38 -28.22
CA VAL G 120 -25.89 44.28 -28.35
C VAL G 120 -26.63 43.00 -28.72
N ILE G 121 -27.72 42.72 -28.02
CA ILE G 121 -28.53 41.55 -28.37
C ILE G 121 -29.08 41.64 -29.81
N SER G 122 -29.56 42.78 -30.28
CA SER G 122 -30.12 42.83 -31.64
C SER G 122 -29.02 42.60 -32.68
N THR G 123 -27.86 43.21 -32.46
CA THR G 123 -26.67 42.95 -33.28
C THR G 123 -26.27 41.45 -33.28
N TYR G 124 -26.29 40.83 -32.10
CA TYR G 124 -25.99 39.41 -31.99
C TYR G 124 -26.90 38.57 -32.86
N ASN G 125 -28.19 38.84 -32.79
CA ASN G 125 -29.17 38.12 -33.64
C ASN G 125 -29.09 38.39 -35.13
N LYS G 126 -28.77 39.62 -35.53
CA LYS G 126 -28.58 39.90 -36.95
C LYS G 126 -27.39 39.11 -37.52
N LEU G 127 -26.41 38.77 -36.66
CA LEU G 127 -25.18 38.06 -37.06
C LEU G 127 -25.13 36.56 -36.76
N LYS G 128 -25.97 36.06 -35.86
CA LYS G 128 -26.03 34.64 -35.52
C LYS G 128 -25.73 33.69 -36.69
N GLU G 129 -26.36 33.90 -37.83
CA GLU G 129 -26.17 32.99 -38.95
C GLU G 129 -24.72 33.03 -39.44
N LYS G 130 -24.16 34.23 -39.60
CA LYS G 130 -22.80 34.33 -40.08
C LYS G 130 -21.81 33.78 -39.02
N LEU G 131 -22.15 33.96 -37.74
CA LEU G 131 -21.33 33.46 -36.65
C LEU G 131 -21.29 31.96 -36.61
N LYS G 132 -22.40 31.28 -36.96
CA LYS G 132 -22.48 29.83 -36.89
C LYS G 132 -21.96 29.14 -38.15
N GLN G 133 -22.01 29.82 -39.30
CA GLN G 133 -21.37 29.36 -40.55
C GLN G 133 -20.50 30.47 -41.16
N PRO G 134 -19.37 30.78 -40.53
CA PRO G 134 -18.52 31.81 -41.10
C PRO G 134 -17.90 31.39 -42.41
N LYS G 135 -17.32 32.37 -43.08
CA LYS G 135 -16.47 32.09 -44.25
C LYS G 135 -15.14 31.58 -43.75
N LYS G 136 -14.46 30.82 -44.58
CA LYS G 136 -13.12 30.38 -44.26
C LYS G 136 -12.16 31.48 -44.79
N LEU G 137 -11.26 31.94 -43.92
CA LEU G 137 -10.40 33.02 -44.27
C LEU G 137 -9.59 32.77 -45.54
N ALA G 138 -9.04 31.59 -45.72
CA ALA G 138 -8.33 31.32 -47.00
C ALA G 138 -9.23 31.42 -48.28
N ASP G 139 -10.52 31.17 -48.18
CA ASP G 139 -11.45 31.37 -49.32
C ASP G 139 -11.66 32.88 -49.61
N VAL G 140 -11.71 33.66 -48.55
CA VAL G 140 -11.72 35.12 -48.66
C VAL G 140 -10.46 35.65 -49.38
N ILE G 141 -9.31 35.15 -48.97
CA ILE G 141 -8.04 35.51 -49.60
C ILE G 141 -8.03 35.13 -51.08
N LYS G 142 -8.40 33.90 -51.42
CA LYS G 142 -8.41 33.49 -52.79
C LYS G 142 -9.35 34.35 -53.65
N ASN G 143 -10.52 34.76 -53.13
CA ASN G 143 -11.62 35.26 -53.97
C ASN G 143 -12.10 36.66 -53.78
N GLU G 144 -11.96 37.22 -52.57
CA GLU G 144 -12.67 38.47 -52.22
C GLU G 144 -11.76 39.60 -51.74
N LEU G 145 -10.44 39.43 -51.88
CA LEU G 145 -9.49 40.51 -51.56
C LEU G 145 -9.00 41.15 -52.87
N GLY G 146 -7.70 41.42 -53.01
CA GLY G 146 -7.18 42.30 -54.09
C GLY G 146 -7.57 43.77 -53.94
N PRO G 147 -7.12 44.60 -54.88
CA PRO G 147 -7.50 46.02 -54.86
C PRO G 147 -8.99 46.31 -55.12
N ASP G 148 -9.68 45.40 -55.81
CA ASP G 148 -11.13 45.57 -56.08
C ASP G 148 -12.05 45.20 -54.92
N SER G 149 -11.52 44.60 -53.86
CA SER G 149 -12.34 44.16 -52.72
C SER G 149 -13.28 45.23 -52.18
N ASP G 150 -14.45 44.80 -51.75
CA ASP G 150 -15.38 45.67 -51.03
C ASP G 150 -15.09 45.80 -49.55
N TYR G 151 -14.09 45.09 -49.02
CA TYR G 151 -13.80 45.25 -47.59
C TYR G 151 -12.97 46.53 -47.42
N LEU G 152 -13.48 47.43 -46.57
CA LEU G 152 -12.86 48.70 -46.26
C LEU G 152 -11.97 48.57 -45.03
N SER G 153 -12.39 47.71 -44.09
CA SER G 153 -11.65 47.45 -42.86
C SER G 153 -11.70 45.94 -42.54
N VAL G 154 -10.64 45.43 -41.90
CA VAL G 154 -10.67 44.12 -41.24
C VAL G 154 -10.84 44.45 -39.77
N PHE G 155 -11.76 43.78 -39.09
CA PHE G 155 -12.04 44.00 -37.68
C PHE G 155 -11.62 42.74 -36.92
N ILE G 156 -10.71 42.84 -35.96
CA ILE G 156 -10.28 41.69 -35.14
C ILE G 156 -10.62 41.93 -33.68
N PRO G 157 -11.75 41.38 -33.20
CA PRO G 157 -12.08 41.62 -31.80
C PRO G 157 -11.26 40.79 -30.84
N GLY G 158 -11.28 41.21 -29.59
CA GLY G 158 -10.46 40.61 -28.55
C GLY G 158 -11.20 39.54 -27.78
N GLY G 159 -11.06 39.54 -26.45
CA GLY G 159 -11.30 38.35 -25.63
C GLY G 159 -10.03 37.53 -25.67
N HIS G 160 -9.81 36.70 -24.66
CA HIS G 160 -8.52 36.03 -24.54
C HIS G 160 -8.27 35.03 -25.67
N ALA G 161 -9.31 34.51 -26.32
CA ALA G 161 -9.13 33.53 -27.40
C ALA G 161 -8.41 34.03 -28.66
N ALA G 162 -8.35 35.33 -28.88
CA ALA G 162 -7.59 35.84 -30.06
C ALA G 162 -6.06 35.48 -30.03
N VAL G 163 -5.55 35.27 -28.82
CA VAL G 163 -4.28 34.62 -28.58
C VAL G 163 -4.01 33.28 -29.34
N VAL G 164 -5.06 32.55 -29.77
CA VAL G 164 -4.89 31.21 -30.35
C VAL G 164 -5.12 31.19 -31.84
N GLY G 165 -4.15 30.69 -32.61
CA GLY G 165 -4.36 30.52 -34.03
C GLY G 165 -4.15 31.81 -34.79
N ILE G 166 -5.04 32.78 -34.59
CA ILE G 166 -4.98 34.05 -35.36
C ILE G 166 -3.70 34.88 -35.10
N SER G 167 -3.02 34.57 -33.99
CA SER G 167 -1.72 35.13 -33.62
C SER G 167 -0.53 34.49 -34.31
N GLU G 168 -0.73 33.40 -35.03
CA GLU G 168 0.36 32.73 -35.75
C GLU G 168 -0.12 32.15 -37.07
N SER G 169 -0.86 32.95 -37.82
CA SER G 169 -1.55 32.45 -39.02
C SER G 169 -0.99 33.05 -40.29
N GLU G 170 -0.69 32.22 -41.28
CA GLU G 170 -0.27 32.74 -42.58
C GLU G 170 -1.44 33.45 -43.29
N ASP G 171 -2.67 32.96 -43.10
CA ASP G 171 -3.86 33.66 -43.60
C ASP G 171 -4.10 35.02 -42.97
N VAL G 172 -3.77 35.19 -41.69
CA VAL G 172 -3.88 36.54 -41.11
C VAL G 172 -2.79 37.42 -41.72
N GLN G 173 -1.58 36.89 -41.87
CA GLN G 173 -0.47 37.64 -42.43
C GLN G 173 -0.83 38.20 -43.81
N GLN G 174 -1.39 37.35 -44.65
CA GLN G 174 -1.79 37.77 -45.99
C GLN G 174 -2.93 38.78 -45.94
N THR G 175 -3.83 38.65 -44.99
CA THR G 175 -4.90 39.61 -44.84
C THR G 175 -4.38 41.00 -44.42
N LEU G 176 -3.46 41.02 -43.44
CA LEU G 176 -2.87 42.27 -42.95
C LEU G 176 -1.97 42.85 -44.02
N ASP G 177 -1.24 42.00 -44.76
CA ASP G 177 -0.49 42.46 -45.94
C ASP G 177 -1.39 43.11 -46.95
N TRP G 178 -2.55 42.48 -47.22
CA TRP G 178 -3.55 43.02 -48.14
C TRP G 178 -4.02 44.38 -47.63
N ALA G 179 -4.27 44.53 -46.33
CA ALA G 179 -4.80 45.81 -45.82
C ALA G 179 -3.83 46.99 -45.97
N LEU G 180 -2.57 46.78 -45.64
CA LEU G 180 -1.58 47.84 -45.81
C LEU G 180 -1.39 48.16 -47.29
N ASP G 181 -1.27 47.12 -48.12
CA ASP G 181 -1.06 47.29 -49.57
C ASP G 181 -2.20 47.99 -50.35
N ASN G 182 -3.39 48.12 -49.76
CA ASN G 182 -4.53 48.76 -50.43
C ASN G 182 -5.18 49.82 -49.57
N ASP G 183 -4.44 50.35 -48.60
CA ASP G 183 -4.91 51.49 -47.82
C ASP G 183 -6.25 51.15 -47.15
N ARG G 184 -6.34 49.96 -46.53
CA ARG G 184 -7.53 49.58 -45.76
C ARG G 184 -7.29 49.69 -44.27
N PHE G 185 -8.36 49.78 -43.50
CA PHE G 185 -8.24 49.88 -42.05
C PHE G 185 -8.09 48.54 -41.36
N ILE G 186 -7.21 48.47 -40.37
CA ILE G 186 -7.09 47.37 -39.41
C ILE G 186 -7.60 47.92 -38.06
N VAL G 187 -8.72 47.39 -37.58
CA VAL G 187 -9.39 47.83 -36.35
C VAL G 187 -9.33 46.66 -35.35
N THR G 188 -8.75 46.86 -34.15
CA THR G 188 -8.67 45.78 -33.16
C THR G 188 -8.73 46.25 -31.72
N LEU G 189 -9.01 45.36 -30.76
CA LEU G 189 -8.87 45.70 -29.32
C LEU G 189 -8.62 44.58 -28.32
N CYS G 190 -8.17 44.97 -27.13
CA CYS G 190 -7.89 44.05 -26.05
C CYS G 190 -6.77 43.09 -26.41
N HIS G 191 -7.11 41.82 -26.52
CA HIS G 191 -6.14 40.81 -26.85
C HIS G 191 -6.14 40.59 -28.35
N GLY G 192 -7.01 41.28 -29.08
CA GLY G 192 -7.05 41.20 -30.53
C GLY G 192 -5.80 41.61 -31.26
N PRO G 193 -5.06 42.60 -30.73
CA PRO G 193 -3.82 42.93 -31.36
C PRO G 193 -2.78 41.80 -31.33
N ALA G 194 -3.09 40.69 -30.64
CA ALA G 194 -2.34 39.47 -30.82
C ALA G 194 -2.31 39.05 -32.28
N ALA G 195 -3.38 39.32 -33.01
CA ALA G 195 -3.42 39.02 -34.46
C ALA G 195 -2.27 39.72 -35.18
N LEU G 196 -1.97 40.94 -34.76
CA LEU G 196 -0.87 41.69 -35.39
C LEU G 196 0.49 40.97 -35.41
N LEU G 197 0.73 40.02 -34.49
CA LEU G 197 1.97 39.20 -34.51
C LEU G 197 2.08 38.30 -35.75
N SER G 198 0.99 38.06 -36.47
CA SER G 198 1.12 37.30 -37.69
C SER G 198 1.83 38.09 -38.79
N ALA G 199 1.83 39.41 -38.71
CA ALA G 199 2.56 40.20 -39.69
C ALA G 199 4.07 39.88 -39.73
N GLY G 200 4.65 39.54 -38.57
CA GLY G 200 6.06 39.16 -38.45
C GLY G 200 6.46 37.73 -38.80
N LEU G 201 5.49 36.87 -38.99
CA LEU G 201 5.72 35.45 -39.21
C LEU G 201 6.66 35.19 -40.39
N ASN G 202 7.77 34.47 -40.16
CA ASN G 202 8.76 34.12 -41.21
C ASN G 202 9.48 35.34 -41.82
N ARG G 203 9.65 36.39 -41.02
CA ARG G 203 10.24 37.65 -41.46
C ARG G 203 11.10 38.27 -40.35
N GLU G 204 12.17 38.95 -40.74
CA GLU G 204 13.02 39.66 -39.81
C GLU G 204 12.36 40.94 -39.38
N LYS G 205 11.57 41.55 -40.24
CA LYS G 205 10.96 42.84 -39.93
C LYS G 205 9.46 42.71 -40.25
N SER G 206 8.63 43.00 -39.25
CA SER G 206 7.20 43.09 -39.43
C SER G 206 6.93 44.35 -40.24
N PRO G 207 5.97 44.30 -41.19
CA PRO G 207 5.56 45.56 -41.83
C PRO G 207 4.84 46.51 -40.87
N LEU G 208 4.53 46.06 -39.65
CA LEU G 208 3.95 46.92 -38.60
C LEU G 208 4.96 47.54 -37.63
N GLU G 209 6.26 47.34 -37.86
CA GLU G 209 7.30 47.94 -37.01
C GLU G 209 7.12 49.42 -36.96
N GLY G 210 7.26 50.01 -35.77
CA GLY G 210 7.09 51.46 -35.59
C GLY G 210 5.65 51.94 -35.37
N TYR G 211 4.65 51.10 -35.68
CA TYR G 211 3.24 51.42 -35.43
C TYR G 211 2.94 51.36 -33.94
N SER G 212 2.04 52.24 -33.51
CA SER G 212 1.62 52.36 -32.12
C SER G 212 0.29 51.68 -31.87
N VAL G 213 0.10 51.14 -30.67
CA VAL G 213 -1.11 50.38 -30.35
C VAL G 213 -1.44 50.43 -28.88
N CYS G 214 -2.75 50.48 -28.59
CA CYS G 214 -3.30 50.04 -27.31
C CYS G 214 -3.40 48.54 -27.27
N VAL G 215 -3.06 47.98 -26.12
CA VAL G 215 -3.08 46.54 -25.87
C VAL G 215 -3.54 46.35 -24.43
N PHE G 216 -4.18 45.22 -24.18
CA PHE G 216 -4.54 44.87 -22.82
C PHE G 216 -3.24 44.69 -22.04
N PRO G 217 -3.14 45.34 -20.87
CA PRO G 217 -1.85 45.40 -20.19
C PRO G 217 -1.35 44.11 -19.55
N ASP G 218 -0.02 43.96 -19.56
CA ASP G 218 0.66 42.82 -18.91
C ASP G 218 0.34 42.70 -17.44
N SER G 219 0.33 43.83 -16.73
CA SER G 219 0.20 43.83 -15.28
C SER G 219 -1.13 43.18 -14.82
N LEU G 220 -2.25 43.52 -15.47
CA LEU G 220 -3.56 42.96 -15.08
C LEU G 220 -3.67 41.45 -15.38
N ASP G 221 -3.21 41.00 -16.54
CA ASP G 221 -3.19 39.56 -16.87
C ASP G 221 -2.30 38.69 -15.96
N GLU G 222 -1.21 39.27 -15.44
CA GLU G 222 -0.31 38.60 -14.50
C GLU G 222 -0.76 38.77 -13.04
N GLY G 223 -1.39 39.89 -12.72
CA GLY G 223 -1.79 40.19 -11.36
C GLY G 223 -3.27 39.99 -11.07
N ALA G 224 -4.01 41.09 -11.03
CA ALA G 224 -5.44 41.14 -10.71
C ALA G 224 -6.33 40.02 -11.32
N ASN G 225 -6.15 39.71 -12.60
CA ASN G 225 -6.92 38.64 -13.24
C ASN G 225 -6.68 37.28 -12.61
N ILE G 226 -5.48 37.03 -12.10
CA ILE G 226 -5.16 35.76 -11.42
C ILE G 226 -5.75 35.70 -10.01
N GLU G 227 -5.66 36.82 -9.27
CA GLU G 227 -6.02 36.88 -7.85
C GLU G 227 -7.51 36.69 -7.63
N ILE G 228 -8.31 37.29 -8.51
CA ILE G 228 -9.78 37.23 -8.38
C ILE G 228 -10.46 36.07 -9.12
N GLY G 229 -9.67 35.27 -9.83
CA GLY G 229 -10.14 34.05 -10.50
C GLY G 229 -10.80 34.20 -11.87
N TYR G 230 -10.50 35.30 -12.57
CA TYR G 230 -10.92 35.47 -13.94
C TYR G 230 -10.12 34.50 -14.77
N LEU G 231 -8.80 34.61 -14.70
CA LEU G 231 -7.91 33.63 -15.30
C LEU G 231 -7.68 32.57 -14.26
N PRO G 232 -7.67 31.29 -14.65
CA PRO G 232 -7.35 30.25 -13.68
C PRO G 232 -5.86 29.85 -13.69
N GLY G 233 -4.98 30.73 -14.19
CA GLY G 233 -3.60 30.37 -14.43
C GLY G 233 -2.96 31.37 -15.35
N ARG G 234 -1.65 31.44 -15.35
CA ARG G 234 -0.93 32.54 -16.01
C ARG G 234 -0.85 32.22 -17.50
N LEU G 235 -0.84 33.24 -18.34
CA LEU G 235 -0.59 33.00 -19.76
C LEU G 235 0.86 32.59 -20.01
N LYS G 236 1.05 31.76 -21.01
CA LYS G 236 2.37 31.36 -21.53
C LYS G 236 3.19 32.52 -22.09
N TRP G 237 2.49 33.52 -22.62
CA TRP G 237 3.13 34.71 -23.13
C TRP G 237 2.12 35.84 -23.10
N LEU G 238 2.64 37.06 -23.06
CA LEU G 238 1.84 38.25 -22.90
C LEU G 238 1.90 38.99 -24.20
N VAL G 239 0.72 39.36 -24.68
CA VAL G 239 0.54 40.01 -25.96
C VAL G 239 1.41 41.28 -26.05
N ALA G 240 1.26 42.19 -25.08
CA ALA G 240 1.95 43.51 -25.11
C ALA G 240 3.46 43.31 -25.10
N ASP G 241 3.91 42.34 -24.30
CA ASP G 241 5.29 41.86 -24.34
C ASP G 241 5.75 41.48 -25.74
N LEU G 242 5.04 40.59 -26.45
CA LEU G 242 5.52 40.12 -27.77
C LEU G 242 5.42 41.18 -28.90
N LEU G 243 4.39 42.03 -28.88
CA LEU G 243 4.28 43.14 -29.85
C LEU G 243 5.44 44.10 -29.76
N THR G 244 5.77 44.49 -28.53
CA THR G 244 6.97 45.26 -28.22
C THR G 244 8.23 44.61 -28.81
N LYS G 245 8.42 43.32 -28.59
CA LYS G 245 9.58 42.61 -29.19
C LYS G 245 9.54 42.52 -30.72
N GLN G 246 8.39 42.79 -31.35
CA GLN G 246 8.29 42.84 -32.82
C GLN G 246 8.53 44.25 -33.37
N GLY G 247 8.74 45.22 -32.48
CA GLY G 247 8.96 46.59 -32.85
C GLY G 247 7.73 47.47 -32.85
N LEU G 248 6.57 47.01 -32.37
CA LEU G 248 5.47 47.96 -32.16
C LEU G 248 5.68 48.73 -30.85
N LYS G 249 5.05 49.90 -30.78
CA LYS G 249 5.06 50.77 -29.60
C LYS G 249 3.72 50.71 -28.85
N VAL G 250 3.78 50.20 -27.63
CA VAL G 250 2.63 50.07 -26.80
C VAL G 250 2.50 51.26 -25.85
N VAL G 251 1.47 52.06 -26.09
CA VAL G 251 1.33 53.34 -25.44
C VAL G 251 0.81 53.27 -24.01
N ASN G 252 0.23 52.16 -23.59
CA ASN G 252 -0.51 52.13 -22.33
C ASN G 252 0.01 50.98 -21.48
N ASP G 253 -0.06 51.17 -20.17
CA ASP G 253 0.20 50.14 -19.18
C ASP G 253 -0.99 49.91 -18.26
N ASP G 254 -2.12 50.56 -18.53
CA ASP G 254 -3.33 50.49 -17.72
C ASP G 254 -4.58 50.30 -18.60
N MET G 255 -5.71 50.04 -17.94
CA MET G 255 -7.01 49.82 -18.58
C MET G 255 -7.96 50.97 -18.20
N THR G 256 -8.09 51.95 -19.11
CA THR G 256 -8.90 53.15 -18.91
C THR G 256 -9.96 53.35 -19.97
N GLY G 257 -10.14 52.41 -20.91
CA GLY G 257 -11.11 52.58 -22.03
C GLY G 257 -10.66 53.47 -23.19
N ARG G 258 -9.38 53.37 -23.48
CA ARG G 258 -8.68 54.30 -24.32
C ARG G 258 -8.51 53.76 -25.77
N THR G 259 -8.59 54.65 -26.74
CA THR G 259 -8.50 54.32 -28.13
C THR G 259 -7.30 55.03 -28.71
N LEU G 260 -6.88 54.65 -29.92
CA LEU G 260 -5.72 55.27 -30.59
C LEU G 260 -5.78 55.06 -32.09
N LYS G 261 -5.34 56.06 -32.86
CA LYS G 261 -5.27 56.05 -34.31
C LYS G 261 -3.84 56.31 -34.69
N ASP G 262 -3.21 55.34 -35.37
CA ASP G 262 -1.90 55.51 -35.98
C ASP G 262 -2.05 55.13 -37.44
N ARG G 263 -2.21 56.15 -38.30
CA ARG G 263 -2.57 55.97 -39.71
C ARG G 263 -3.89 55.16 -39.80
N LYS G 264 -3.91 54.01 -40.46
CA LYS G 264 -5.14 53.25 -40.61
C LYS G 264 -5.35 52.11 -39.58
N LEU G 265 -4.46 52.02 -38.59
CA LEU G 265 -4.55 51.06 -37.47
C LEU G 265 -5.24 51.69 -36.27
N LEU G 266 -6.42 51.20 -35.90
CA LEU G 266 -7.24 51.80 -34.85
C LEU G 266 -7.36 50.74 -33.79
N THR G 267 -7.00 51.07 -32.55
CA THR G 267 -6.97 50.11 -31.46
C THR G 267 -7.63 50.71 -30.23
N GLY G 268 -8.10 49.84 -29.34
CA GLY G 268 -8.50 50.24 -27.99
C GLY G 268 -7.95 49.25 -27.00
N ASP G 269 -7.92 49.62 -25.73
CA ASP G 269 -7.17 48.87 -24.70
C ASP G 269 -7.84 47.65 -24.01
N SER G 270 -9.16 47.56 -24.08
CA SER G 270 -9.97 46.67 -23.21
C SER G 270 -11.45 46.77 -23.62
N PRO G 271 -12.34 45.94 -23.01
CA PRO G 271 -13.79 46.12 -23.24
C PRO G 271 -14.28 47.53 -22.94
N LEU G 272 -13.68 48.19 -21.95
CA LEU G 272 -14.08 49.57 -21.64
C LEU G 272 -14.05 50.47 -22.91
N ALA G 273 -13.11 50.19 -23.80
CA ALA G 273 -12.92 50.95 -25.00
C ALA G 273 -13.90 50.66 -26.12
N SER G 274 -14.77 49.65 -25.97
CA SER G 274 -15.59 49.16 -27.06
C SER G 274 -16.50 50.17 -27.76
N ASN G 275 -17.19 50.98 -26.98
CA ASN G 275 -18.11 51.94 -27.58
C ASN G 275 -17.38 53.03 -28.37
N GLU G 276 -16.30 53.56 -27.81
CA GLU G 276 -15.54 54.67 -28.42
C GLU G 276 -14.67 54.19 -29.58
N LEU G 277 -14.38 52.89 -29.62
CA LEU G 277 -13.74 52.29 -30.78
C LEU G 277 -14.68 52.16 -31.97
N GLY G 278 -15.94 51.81 -31.71
CA GLY G 278 -16.98 51.86 -32.74
C GLY G 278 -17.09 53.22 -33.40
N LYS G 279 -17.13 54.25 -32.56
CA LYS G 279 -17.28 55.61 -33.01
C LYS G 279 -16.08 56.06 -33.85
N LEU G 280 -14.89 55.74 -33.40
CA LEU G 280 -13.69 56.10 -34.14
C LEU G 280 -13.59 55.39 -35.49
N ALA G 281 -13.94 54.11 -35.53
CA ALA G 281 -13.90 53.32 -36.75
C ALA G 281 -14.85 53.90 -37.78
N VAL G 282 -16.08 54.21 -37.35
CA VAL G 282 -17.07 54.81 -38.24
C VAL G 282 -16.62 56.15 -38.81
N ASN G 283 -16.20 57.04 -37.93
CA ASN G 283 -15.68 58.35 -38.37
C ASN G 283 -14.52 58.22 -39.35
N GLU G 284 -13.48 57.45 -39.00
CA GLU G 284 -12.30 57.30 -39.86
C GLU G 284 -12.63 56.67 -41.21
N MET G 285 -13.57 55.74 -41.22
CA MET G 285 -14.05 55.16 -42.46
C MET G 285 -14.80 56.22 -43.29
N LEU G 286 -15.82 56.86 -42.72
CA LEU G 286 -16.53 57.96 -43.43
C LEU G 286 -15.56 59.05 -43.97
N ASN G 287 -14.59 59.50 -43.15
CA ASN G 287 -13.60 60.49 -43.66
C ASN G 287 -12.70 59.95 -44.78
N ALA G 288 -12.38 58.65 -44.77
CA ALA G 288 -11.55 58.08 -45.83
C ALA G 288 -12.32 57.96 -47.13
N ILE G 289 -13.60 57.63 -47.06
CA ILE G 289 -14.42 57.62 -48.28
C ILE G 289 -14.46 59.01 -48.94
N GLN G 290 -14.76 60.01 -48.12
CA GLN G 290 -14.86 61.39 -48.58
C GLN G 290 -13.54 61.85 -49.20
N ASN G 291 -12.42 61.45 -48.60
CA ASN G 291 -11.10 61.84 -49.07
C ASN G 291 -10.71 61.30 -50.44
N LYS G 292 -11.15 60.10 -50.79
CA LYS G 292 -10.85 59.58 -52.10
C LYS G 292 -11.65 60.35 -53.17
N LEU G 293 -12.91 60.64 -52.90
CA LEU G 293 -13.77 61.44 -53.77
C LEU G 293 -13.27 62.90 -54.00
N GLU G 294 -12.56 63.46 -53.01
CA GLU G 294 -11.85 64.79 -53.15
C GLU G 294 -10.47 64.79 -53.89
N HIS G 295 -9.99 63.59 -54.30
CA HIS G 295 -8.75 63.41 -55.09
C HIS G 295 -8.99 62.45 -56.27
N HIS G 296 -9.92 62.85 -57.14
CA HIS G 296 -10.36 62.11 -58.36
C HIS G 296 -9.29 61.97 -59.45
N HIS G 297 -9.27 60.80 -60.09
CA HIS G 297 -8.37 60.54 -61.22
C HIS G 297 -9.14 60.41 -62.55
N HIS G 298 -10.39 60.90 -62.54
CA HIS G 298 -11.21 61.01 -63.75
C HIS G 298 -12.17 62.21 -63.64
N HIS G 299 -12.75 62.58 -64.79
CA HIS G 299 -13.92 63.47 -64.86
C HIS G 299 -15.13 62.64 -65.24
N HIS G 300 -16.33 63.25 -65.15
CA HIS G 300 -17.63 62.61 -65.48
C HIS G 300 -18.36 63.29 -66.64
N GLN H 3 -38.51 -6.15 -16.99
CA GLN H 3 -39.55 -5.10 -17.22
C GLN H 3 -39.34 -3.89 -16.27
N ASP H 4 -38.20 -3.21 -16.48
CA ASP H 4 -37.81 -1.99 -15.73
C ASP H 4 -38.06 -0.77 -16.67
N VAL H 5 -38.55 0.34 -16.12
CA VAL H 5 -38.88 1.52 -16.96
C VAL H 5 -37.97 2.72 -16.65
N ASN H 6 -37.09 3.07 -17.60
CA ASN H 6 -36.10 4.15 -17.42
C ASN H 6 -36.81 5.51 -17.46
N GLU H 7 -36.38 6.39 -16.55
CA GLU H 7 -37.06 7.65 -16.22
C GLU H 7 -36.28 8.91 -16.66
N LEU H 8 -35.05 8.73 -17.11
CA LEU H 8 -34.18 9.84 -17.47
C LEU H 8 -34.73 10.61 -18.69
N SER H 9 -34.52 11.91 -18.72
CA SER H 9 -35.04 12.73 -19.80
C SER H 9 -34.48 12.22 -21.13
N LYS H 10 -35.35 12.19 -22.14
CA LYS H 10 -34.91 12.07 -23.54
C LYS H 10 -34.59 13.43 -24.15
N GLN H 11 -34.84 14.53 -23.42
CA GLN H 11 -34.38 15.87 -23.80
C GLN H 11 -32.85 16.07 -23.75
N PRO H 12 -32.27 16.63 -24.84
CA PRO H 12 -30.86 17.00 -24.83
C PRO H 12 -30.50 17.98 -23.71
N THR H 13 -29.40 17.70 -23.01
CA THR H 13 -28.88 18.56 -21.96
C THR H 13 -28.17 19.77 -22.60
N PRO H 14 -28.52 21.00 -22.19
CA PRO H 14 -27.77 22.15 -22.71
C PRO H 14 -26.32 22.16 -22.28
N ASP H 15 -25.49 22.69 -23.18
CA ASP H 15 -24.06 22.84 -23.00
C ASP H 15 -23.85 24.35 -22.92
N LYS H 16 -23.62 24.86 -21.71
CA LYS H 16 -23.65 26.28 -21.43
C LYS H 16 -22.44 27.02 -21.95
N ALA H 17 -21.41 26.31 -22.40
CA ALA H 17 -20.26 26.97 -23.01
C ALA H 17 -20.61 27.62 -24.34
N GLU H 18 -21.63 27.06 -25.02
CA GLU H 18 -21.98 27.46 -26.38
C GLU H 18 -23.44 27.80 -26.50
N ASP H 19 -23.73 28.68 -27.46
CA ASP H 19 -25.07 29.11 -27.77
C ASP H 19 -25.87 28.02 -28.45
N ASN H 20 -26.95 27.59 -27.80
CA ASN H 20 -27.94 26.72 -28.40
C ASN H 20 -27.29 25.43 -28.86
N ALA H 21 -26.56 24.81 -27.94
CA ALA H 21 -25.89 23.54 -28.17
C ALA H 21 -26.18 22.61 -27.05
N PHE H 22 -26.12 21.32 -27.34
CA PHE H 22 -26.62 20.29 -26.41
C PHE H 22 -25.76 19.04 -26.42
N PHE H 23 -25.52 18.59 -25.19
CA PHE H 23 -24.98 17.26 -24.94
C PHE H 23 -26.08 16.26 -25.23
N PRO H 24 -25.73 14.97 -25.43
CA PRO H 24 -26.81 13.98 -25.62
C PRO H 24 -27.65 13.88 -24.36
N SER H 25 -28.94 13.53 -24.52
CA SER H 25 -29.88 13.37 -23.37
C SER H 25 -29.34 12.38 -22.34
N PRO H 26 -29.74 12.53 -21.08
CA PRO H 26 -29.34 11.57 -20.05
C PRO H 26 -29.73 10.12 -20.36
N TYR H 27 -30.93 9.93 -20.92
CA TYR H 27 -31.38 8.62 -21.38
C TYR H 27 -30.46 8.06 -22.45
N SER H 28 -30.19 8.80 -23.51
CA SER H 28 -29.25 8.33 -24.52
C SER H 28 -27.90 7.91 -23.90
N LEU H 29 -27.42 8.70 -22.93
CA LEU H 29 -26.19 8.38 -22.20
C LEU H 29 -26.25 7.05 -21.44
N SER H 30 -27.42 6.69 -20.91
CA SER H 30 -27.62 5.40 -20.21
C SER H 30 -27.54 4.20 -21.15
N GLN H 31 -27.68 4.40 -22.44
CA GLN H 31 -27.70 3.30 -23.41
C GLN H 31 -26.42 3.16 -24.27
N TYR H 32 -25.76 4.27 -24.60
CA TYR H 32 -24.64 4.22 -25.54
C TYR H 32 -23.28 4.50 -24.89
N THR H 33 -23.27 4.71 -23.58
CA THR H 33 -22.02 4.85 -22.84
C THR H 33 -22.02 3.86 -21.69
N ALA H 34 -20.82 3.53 -21.21
CA ALA H 34 -20.67 2.68 -20.03
C ALA H 34 -19.46 3.14 -19.22
N PRO H 35 -19.50 2.96 -17.88
CA PRO H 35 -18.32 3.13 -17.01
C PRO H 35 -17.03 2.36 -17.41
N LYS H 36 -17.20 1.19 -18.06
CA LYS H 36 -16.10 0.32 -18.53
C LYS H 36 -16.28 -0.04 -20.00
N THR H 37 -15.20 -0.42 -20.69
CA THR H 37 -15.30 -1.02 -22.05
C THR H 37 -15.29 -2.56 -21.99
N ASP H 38 -15.39 -3.18 -23.16
CA ASP H 38 -15.25 -4.63 -23.24
C ASP H 38 -13.78 -5.10 -23.37
N PHE H 39 -12.81 -4.21 -23.16
CA PHE H 39 -11.39 -4.60 -23.25
C PHE H 39 -11.04 -5.80 -22.34
N ASP H 40 -10.22 -6.71 -22.91
CA ASP H 40 -10.04 -8.07 -22.42
C ASP H 40 -8.55 -8.57 -22.53
N GLY H 41 -7.59 -7.63 -22.45
CA GLY H 41 -6.19 -7.90 -22.68
C GLY H 41 -5.71 -7.55 -24.09
N VAL H 42 -4.38 -7.45 -24.23
CA VAL H 42 -3.66 -7.14 -25.48
C VAL H 42 -2.85 -8.36 -25.95
N GLU H 43 -2.87 -8.60 -27.25
CA GLU H 43 -2.30 -9.82 -27.84
C GLU H 43 -0.79 -9.81 -28.10
N HIS H 44 -0.17 -8.65 -28.22
CA HIS H 44 1.22 -8.57 -28.66
C HIS H 44 2.03 -7.57 -27.88
N LYS H 45 1.97 -7.66 -26.55
CA LYS H 45 2.76 -6.78 -25.69
C LYS H 45 4.29 -6.90 -25.97
N GLY H 46 4.95 -5.77 -26.22
CA GLY H 46 6.37 -5.72 -26.55
C GLY H 46 6.81 -6.28 -27.90
N ALA H 47 5.87 -6.69 -28.75
CA ALA H 47 6.20 -7.38 -29.99
C ALA H 47 7.01 -6.57 -31.02
N TYR H 48 6.85 -5.25 -31.06
CA TYR H 48 7.70 -4.36 -31.90
C TYR H 48 8.65 -3.60 -30.97
N LYS H 49 9.96 -3.84 -31.13
CA LYS H 49 11.01 -3.33 -30.20
C LYS H 49 11.95 -2.30 -30.80
N ASP H 50 12.01 -2.21 -32.13
CA ASP H 50 13.00 -1.35 -32.81
C ASP H 50 12.70 0.16 -32.71
N GLY H 51 11.47 0.50 -32.34
CA GLY H 51 11.06 1.89 -32.04
C GLY H 51 11.10 2.94 -33.15
N LYS H 52 11.07 2.54 -34.43
CA LYS H 52 11.06 3.50 -35.56
C LYS H 52 9.63 3.77 -36.03
N TRP H 53 8.88 2.70 -36.30
CA TRP H 53 7.51 2.80 -36.83
C TRP H 53 6.58 3.41 -35.76
N LYS H 54 5.78 4.40 -36.18
CA LYS H 54 4.78 5.06 -35.32
C LYS H 54 3.40 5.13 -35.99
N VAL H 55 2.41 5.52 -35.19
CA VAL H 55 1.09 5.86 -35.67
C VAL H 55 0.91 7.39 -35.68
N LEU H 56 0.48 7.95 -36.82
CA LEU H 56 -0.04 9.33 -36.89
C LEU H 56 -1.56 9.33 -36.64
N MET H 57 -1.99 9.87 -35.52
CA MET H 57 -3.43 10.11 -35.34
C MET H 57 -3.86 11.51 -35.79
N ILE H 58 -4.85 11.58 -36.68
CA ILE H 58 -5.55 12.83 -37.03
C ILE H 58 -6.85 12.90 -36.27
N ALA H 59 -7.00 13.91 -35.45
CA ALA H 59 -8.11 13.97 -34.51
C ALA H 59 -8.82 15.29 -34.77
N ALA H 60 -10.08 15.35 -34.34
CA ALA H 60 -10.97 16.49 -34.50
C ALA H 60 -10.69 17.56 -33.49
N GLU H 61 -10.70 18.80 -33.94
CA GLU H 61 -10.46 19.98 -33.08
C GLU H 61 -11.70 20.92 -32.91
N GLU H 62 -12.85 20.57 -33.47
CA GLU H 62 -14.08 21.33 -33.34
C GLU H 62 -15.11 20.42 -32.71
N ARG H 63 -15.68 20.84 -31.60
CA ARG H 63 -16.66 20.03 -30.87
C ARG H 63 -18.16 20.18 -31.37
N TYR H 64 -18.48 21.25 -32.10
CA TYR H 64 -19.88 21.64 -32.38
C TYR H 64 -20.20 21.45 -33.87
N VAL H 65 -21.19 20.59 -34.12
CA VAL H 65 -21.68 20.29 -35.44
C VAL H 65 -23.01 21.00 -35.56
N LEU H 66 -23.17 21.77 -36.62
CA LEU H 66 -24.41 22.48 -36.89
C LEU H 66 -25.40 21.54 -37.59
N LEU H 67 -26.63 21.55 -37.10
CA LEU H 67 -27.69 20.64 -37.56
C LEU H 67 -28.77 21.39 -38.37
N GLU H 68 -29.58 20.64 -39.13
CA GLU H 68 -30.68 21.17 -39.95
C GLU H 68 -31.60 22.14 -39.21
N ASN H 69 -31.86 21.92 -37.92
CA ASN H 69 -32.75 22.80 -37.16
C ASN H 69 -32.06 23.98 -36.49
N GLY H 70 -30.80 24.22 -36.81
CA GLY H 70 -30.08 25.31 -36.20
C GLY H 70 -29.50 24.99 -34.83
N LYS H 71 -29.73 23.79 -34.30
CA LYS H 71 -29.09 23.42 -33.05
C LYS H 71 -27.66 22.89 -33.31
N MET H 72 -26.81 23.04 -32.31
CA MET H 72 -25.48 22.47 -32.37
C MET H 72 -25.41 21.24 -31.43
N PHE H 73 -24.97 20.13 -31.99
CA PHE H 73 -24.59 18.97 -31.17
C PHE H 73 -23.19 19.15 -30.58
N SER H 74 -23.10 19.19 -29.26
CA SER H 74 -21.85 19.19 -28.53
C SER H 74 -21.21 17.80 -28.50
N THR H 75 -20.22 17.59 -29.35
CA THR H 75 -19.64 16.26 -29.57
C THR H 75 -18.09 16.32 -29.40
N GLY H 76 -17.36 15.69 -30.32
CA GLY H 76 -15.90 15.54 -30.25
C GLY H 76 -15.54 14.21 -30.86
N ASN H 77 -14.26 13.80 -30.78
CA ASN H 77 -13.86 12.40 -31.03
C ASN H 77 -14.41 11.51 -29.91
N HIS H 78 -14.82 10.28 -30.25
CA HIS H 78 -15.25 9.33 -29.23
C HIS H 78 -13.99 8.80 -28.47
N PRO H 79 -13.98 8.87 -27.11
CA PRO H 79 -12.78 8.46 -26.33
C PRO H 79 -12.40 6.99 -26.47
N VAL H 80 -13.40 6.11 -26.40
CA VAL H 80 -13.18 4.67 -26.59
C VAL H 80 -12.66 4.36 -27.99
N GLU H 81 -13.27 4.97 -29.00
CA GLU H 81 -12.84 4.79 -30.38
C GLU H 81 -11.38 5.24 -30.58
N MET H 82 -11.02 6.32 -29.90
CA MET H 82 -9.67 6.83 -30.01
C MET H 82 -8.69 5.99 -29.19
N LEU H 83 -9.02 5.75 -27.93
CA LEU H 83 -8.06 5.32 -26.94
C LEU H 83 -7.86 3.81 -26.75
N LEU H 84 -8.86 2.98 -27.11
CA LEU H 84 -8.66 1.52 -27.12
C LEU H 84 -7.67 1.14 -28.22
N PRO H 85 -8.00 1.42 -29.50
CA PRO H 85 -7.03 1.08 -30.55
C PRO H 85 -5.62 1.58 -30.30
N LEU H 86 -5.46 2.72 -29.64
CA LEU H 86 -4.11 3.23 -29.37
C LEU H 86 -3.42 2.48 -28.21
N HIS H 87 -4.20 1.99 -27.24
CA HIS H 87 -3.68 1.22 -26.12
C HIS H 87 -3.05 -0.07 -26.63
N HIS H 88 -3.76 -0.77 -27.53
CA HIS H 88 -3.23 -1.91 -28.28
C HIS H 88 -1.92 -1.62 -29.01
N LEU H 89 -1.91 -0.57 -29.81
CA LEU H 89 -0.75 -0.16 -30.64
C LEU H 89 0.46 0.31 -29.86
N MET H 90 0.21 0.85 -28.67
CA MET H 90 1.28 1.33 -27.82
C MET H 90 1.91 0.18 -27.02
N GLU H 91 1.11 -0.68 -26.39
CA GLU H 91 1.63 -1.91 -25.77
C GLU H 91 2.54 -2.69 -26.74
N ALA H 92 2.05 -2.93 -27.95
CA ALA H 92 2.86 -3.46 -29.04
C ALA H 92 4.18 -2.71 -29.33
N GLY H 93 4.27 -1.44 -28.92
CA GLY H 93 5.50 -0.64 -29.01
C GLY H 93 5.51 0.38 -30.13
N PHE H 94 4.34 0.74 -30.67
CA PHE H 94 4.29 1.87 -31.60
C PHE H 94 3.96 3.16 -30.83
N ASP H 95 4.86 4.16 -30.89
CA ASP H 95 4.57 5.50 -30.35
C ASP H 95 3.51 6.22 -31.22
N VAL H 96 2.84 7.22 -30.65
CA VAL H 96 1.78 7.96 -31.34
C VAL H 96 2.11 9.44 -31.35
N ASP H 97 1.96 10.05 -32.52
CA ASP H 97 1.99 11.49 -32.66
C ASP H 97 0.56 11.93 -33.03
N VAL H 98 0.12 13.03 -32.42
CA VAL H 98 -1.23 13.52 -32.61
C VAL H 98 -1.19 14.79 -33.46
N ALA H 99 -2.10 14.89 -34.42
CA ALA H 99 -2.26 16.14 -35.15
C ALA H 99 -3.71 16.55 -35.36
N THR H 100 -3.93 17.86 -35.43
CA THR H 100 -5.20 18.43 -35.77
C THR H 100 -4.98 19.36 -36.97
N LEU H 101 -6.05 19.76 -37.67
CA LEU H 101 -5.84 20.63 -38.85
C LEU H 101 -5.14 21.94 -38.56
N SER H 102 -5.33 22.49 -37.36
CA SER H 102 -4.73 23.80 -36.96
C SER H 102 -3.78 23.75 -35.73
N GLY H 103 -3.61 22.60 -35.09
CA GLY H 103 -2.85 22.56 -33.84
C GLY H 103 -3.63 22.93 -32.59
N TYR H 104 -4.96 23.06 -32.71
CA TYR H 104 -5.77 23.38 -31.54
C TYR H 104 -5.89 22.12 -30.70
N PRO H 105 -6.40 22.24 -29.49
CA PRO H 105 -6.58 21.03 -28.69
C PRO H 105 -7.57 20.04 -29.26
N VAL H 106 -7.32 18.76 -28.99
CA VAL H 106 -8.24 17.70 -29.39
C VAL H 106 -9.50 17.76 -28.53
N LYS H 107 -10.65 17.56 -29.19
CA LYS H 107 -11.94 17.63 -28.52
C LYS H 107 -12.54 16.23 -28.45
N LEU H 108 -12.87 15.82 -27.23
CA LEU H 108 -13.40 14.49 -26.96
C LEU H 108 -14.84 14.65 -26.54
N GLU H 109 -15.62 13.61 -26.80
CA GLU H 109 -16.94 13.45 -26.19
C GLU H 109 -16.66 12.90 -24.80
N LEU H 110 -16.41 13.80 -23.83
CA LEU H 110 -16.07 13.40 -22.45
C LEU H 110 -17.26 12.78 -21.68
N TRP H 111 -18.47 13.04 -22.16
CA TRP H 111 -19.67 12.36 -21.66
C TRP H 111 -19.69 10.88 -22.05
N ALA H 112 -18.72 10.41 -22.82
CA ALA H 112 -18.60 8.99 -23.10
C ALA H 112 -17.29 8.39 -22.56
N MET H 113 -16.50 9.19 -21.83
CA MET H 113 -15.29 8.67 -21.20
C MET H 113 -15.64 7.59 -20.16
N PRO H 114 -15.19 6.35 -20.39
CA PRO H 114 -15.38 5.29 -19.37
C PRO H 114 -14.42 5.50 -18.16
N THR H 115 -14.95 6.10 -17.09
CA THR H 115 -14.13 6.48 -15.93
C THR H 115 -13.59 5.29 -15.08
N GLU H 116 -14.24 4.13 -15.18
CA GLU H 116 -13.85 2.94 -14.40
C GLU H 116 -12.95 1.94 -15.20
N ASP H 117 -12.63 2.24 -16.47
CA ASP H 117 -11.75 1.39 -17.30
C ASP H 117 -10.32 1.89 -17.15
N GLU H 118 -9.47 1.12 -16.43
CA GLU H 118 -8.08 1.56 -16.13
C GLU H 118 -7.11 1.55 -17.31
N ALA H 119 -7.34 0.75 -18.34
CA ALA H 119 -6.57 0.81 -19.58
C ALA H 119 -6.84 2.13 -20.35
N VAL H 120 -8.12 2.41 -20.62
CA VAL H 120 -8.53 3.63 -21.34
C VAL H 120 -8.01 4.88 -20.60
N ILE H 121 -8.26 4.94 -19.28
CA ILE H 121 -7.86 6.08 -18.46
C ILE H 121 -6.31 6.22 -18.38
N SER H 122 -5.59 5.11 -18.27
CA SER H 122 -4.14 5.20 -18.25
C SER H 122 -3.64 5.65 -19.64
N THR H 123 -4.27 5.17 -20.71
CA THR H 123 -3.91 5.62 -22.06
C THR H 123 -4.21 7.11 -22.30
N TYR H 124 -5.39 7.57 -21.90
CA TYR H 124 -5.75 9.01 -21.88
C TYR H 124 -4.75 9.85 -21.11
N ASN H 125 -4.35 9.37 -19.93
CA ASN H 125 -3.31 10.06 -19.14
C ASN H 125 -1.93 10.07 -19.83
N LYS H 126 -1.58 9.00 -20.56
CA LYS H 126 -0.31 8.97 -21.31
C LYS H 126 -0.31 9.96 -22.48
N LEU H 127 -1.47 10.14 -23.10
CA LEU H 127 -1.60 10.98 -24.27
C LEU H 127 -2.04 12.42 -24.00
N LYS H 128 -2.52 12.71 -22.79
CA LYS H 128 -2.97 14.05 -22.38
C LYS H 128 -2.20 15.24 -22.96
N GLU H 129 -0.87 15.27 -22.82
CA GLU H 129 -0.07 16.43 -23.25
C GLU H 129 -0.14 16.61 -24.74
N LYS H 130 -0.10 15.51 -25.48
CA LYS H 130 -0.18 15.59 -26.94
C LYS H 130 -1.59 15.95 -27.43
N LEU H 131 -2.60 15.63 -26.64
CA LEU H 131 -3.97 15.95 -27.00
C LEU H 131 -4.20 17.43 -26.82
N LYS H 132 -3.65 17.97 -25.73
CA LYS H 132 -3.78 19.39 -25.43
C LYS H 132 -2.94 20.32 -26.25
N GLN H 133 -1.86 19.80 -26.87
CA GLN H 133 -1.02 20.55 -27.79
C GLN H 133 -0.61 19.66 -28.97
N PRO H 134 -1.49 19.43 -29.92
CA PRO H 134 -1.13 18.55 -31.01
C PRO H 134 -0.20 19.20 -32.03
N LYS H 135 0.26 18.43 -33.01
CA LYS H 135 0.96 19.02 -34.14
C LYS H 135 -0.08 19.51 -35.11
N LYS H 136 0.35 20.42 -35.97
CA LYS H 136 -0.48 20.94 -37.04
C LYS H 136 -0.22 20.00 -38.22
N LEU H 137 -1.30 19.52 -38.83
CA LEU H 137 -1.16 18.56 -39.89
C LEU H 137 -0.36 19.10 -41.07
N ALA H 138 -0.44 20.39 -41.37
CA ALA H 138 0.46 20.99 -42.41
C ALA H 138 1.95 20.88 -42.04
N ASP H 139 2.30 21.07 -40.76
CA ASP H 139 3.70 20.88 -40.33
C ASP H 139 4.09 19.42 -40.53
N VAL H 140 3.20 18.50 -40.23
CA VAL H 140 3.47 17.07 -40.47
C VAL H 140 3.66 16.73 -41.98
N ILE H 141 2.86 17.31 -42.86
CA ILE H 141 2.97 17.04 -44.32
C ILE H 141 4.30 17.53 -44.92
N LYS H 142 4.82 18.62 -44.38
CA LYS H 142 6.02 19.25 -44.91
C LYS H 142 7.31 18.55 -44.43
N ASN H 143 7.29 17.96 -43.23
CA ASN H 143 8.52 17.58 -42.53
C ASN H 143 8.65 16.12 -42.13
N GLU H 144 7.54 15.39 -41.97
CA GLU H 144 7.53 13.99 -41.46
C GLU H 144 6.94 12.98 -42.47
N LEU H 145 6.66 13.42 -43.68
CA LEU H 145 5.99 12.53 -44.66
C LEU H 145 7.01 12.14 -45.76
N GLY H 146 6.52 11.75 -46.94
CA GLY H 146 7.40 11.25 -47.99
C GLY H 146 7.75 9.79 -47.74
N PRO H 147 8.68 9.26 -48.55
CA PRO H 147 8.88 7.82 -48.62
C PRO H 147 9.65 7.19 -47.43
N ASP H 148 10.62 7.90 -46.85
CA ASP H 148 11.39 7.36 -45.71
C ASP H 148 10.81 7.81 -44.36
N SER H 149 9.48 7.75 -44.25
CA SER H 149 8.74 8.35 -43.13
C SER H 149 8.53 7.28 -42.09
N ASP H 150 8.66 7.66 -40.83
CA ASP H 150 8.49 6.74 -39.70
C ASP H 150 7.03 6.38 -39.41
N TYR H 151 6.11 7.06 -40.08
CA TYR H 151 4.69 6.70 -39.96
C TYR H 151 4.37 5.47 -40.81
N LEU H 152 3.96 4.40 -40.14
CA LEU H 152 3.41 3.22 -40.77
C LEU H 152 1.90 3.31 -40.96
N SER H 153 1.21 4.01 -40.06
CA SER H 153 -0.26 4.11 -40.08
C SER H 153 -0.82 5.49 -39.76
N VAL H 154 -1.81 5.91 -40.57
CA VAL H 154 -2.69 7.05 -40.25
C VAL H 154 -3.89 6.50 -39.50
N PHE H 155 -4.18 7.07 -38.35
CA PHE H 155 -5.34 6.65 -37.54
C PHE H 155 -6.32 7.84 -37.37
N ILE H 156 -7.60 7.62 -37.66
CA ILE H 156 -8.59 8.68 -37.68
C ILE H 156 -9.80 8.15 -36.93
N PRO H 157 -9.91 8.42 -35.63
CA PRO H 157 -11.06 7.92 -34.90
C PRO H 157 -12.31 8.73 -35.19
N GLY H 158 -13.45 8.19 -34.77
CA GLY H 158 -14.75 8.74 -35.03
C GLY H 158 -15.18 9.53 -33.84
N GLY H 159 -16.49 9.47 -33.55
CA GLY H 159 -17.21 10.53 -32.84
C GLY H 159 -17.81 11.39 -33.96
N HIS H 160 -18.97 12.02 -33.72
CA HIS H 160 -19.59 12.86 -34.76
C HIS H 160 -18.74 14.06 -35.19
N ALA H 161 -17.80 14.50 -34.36
CA ALA H 161 -16.94 15.63 -34.72
C ALA H 161 -16.06 15.43 -35.95
N ALA H 162 -15.88 14.17 -36.33
CA ALA H 162 -15.11 13.84 -37.53
C ALA H 162 -15.73 14.38 -38.82
N VAL H 163 -17.03 14.67 -38.79
CA VAL H 163 -17.68 15.20 -40.02
C VAL H 163 -17.40 16.67 -40.30
N VAL H 164 -16.79 17.39 -39.34
CA VAL H 164 -16.43 18.80 -39.48
C VAL H 164 -14.92 18.96 -39.80
N GLY H 165 -14.61 19.70 -40.85
CA GLY H 165 -13.22 20.01 -41.18
C GLY H 165 -12.46 18.89 -41.87
N ILE H 166 -12.20 17.77 -41.17
CA ILE H 166 -11.38 16.68 -41.73
C ILE H 166 -12.07 15.99 -42.90
N SER H 167 -13.39 16.19 -43.06
CA SER H 167 -14.14 15.66 -44.21
C SER H 167 -14.04 16.49 -45.49
N GLU H 168 -13.37 17.64 -45.43
CA GLU H 168 -13.16 18.51 -46.58
C GLU H 168 -11.86 19.30 -46.45
N SER H 169 -10.78 18.61 -46.09
CA SER H 169 -9.47 19.23 -45.89
C SER H 169 -8.48 18.80 -46.96
N GLU H 170 -7.70 19.73 -47.49
CA GLU H 170 -6.61 19.41 -48.42
C GLU H 170 -5.44 18.77 -47.67
N ASP H 171 -5.22 19.16 -46.42
CA ASP H 171 -4.11 18.59 -45.66
C ASP H 171 -4.41 17.11 -45.38
N VAL H 172 -5.67 16.78 -45.11
CA VAL H 172 -6.04 15.35 -44.94
C VAL H 172 -5.89 14.61 -46.27
N GLN H 173 -6.34 15.24 -47.36
CA GLN H 173 -6.23 14.67 -48.71
C GLN H 173 -4.83 14.33 -49.06
N GLN H 174 -3.92 15.30 -48.89
CA GLN H 174 -2.51 15.05 -49.16
C GLN H 174 -1.93 13.90 -48.31
N THR H 175 -2.48 13.76 -47.09
CA THR H 175 -2.07 12.72 -46.14
C THR H 175 -2.61 11.35 -46.56
N LEU H 176 -3.82 11.29 -47.07
CA LEU H 176 -4.32 10.05 -47.67
C LEU H 176 -3.59 9.68 -49.00
N ASP H 177 -3.27 10.68 -49.84
CA ASP H 177 -2.45 10.44 -51.05
C ASP H 177 -1.10 9.78 -50.71
N TRP H 178 -0.45 10.25 -49.65
CA TRP H 178 0.79 9.67 -49.19
C TRP H 178 0.66 8.23 -48.74
N ALA H 179 -0.39 7.91 -47.99
CA ALA H 179 -0.56 6.53 -47.50
C ALA H 179 -0.68 5.52 -48.64
N LEU H 180 -1.58 5.82 -49.58
CA LEU H 180 -1.78 5.01 -50.78
C LEU H 180 -0.51 4.91 -51.64
N ASP H 181 0.17 6.03 -51.87
CA ASP H 181 1.41 6.06 -52.63
C ASP H 181 2.61 5.34 -52.01
N ASN H 182 2.63 5.16 -50.71
CA ASN H 182 3.79 4.54 -50.06
C ASN H 182 3.40 3.28 -49.27
N ASP H 183 2.32 2.64 -49.67
CA ASP H 183 1.93 1.34 -49.12
C ASP H 183 1.69 1.34 -47.59
N ARG H 184 1.16 2.43 -47.05
CA ARG H 184 0.92 2.57 -45.61
C ARG H 184 -0.54 2.35 -45.26
N PHE H 185 -0.79 2.00 -43.99
CA PHE H 185 -2.15 1.78 -43.48
C PHE H 185 -2.95 3.05 -43.17
N ILE H 186 -4.24 3.01 -43.50
CA ILE H 186 -5.24 3.98 -43.12
C ILE H 186 -6.26 3.25 -42.24
N VAL H 187 -6.34 3.63 -40.96
CA VAL H 187 -7.19 2.95 -39.96
C VAL H 187 -8.19 3.97 -39.43
N THR H 188 -9.48 3.69 -39.56
CA THR H 188 -10.51 4.64 -39.14
C THR H 188 -11.78 3.92 -38.74
N LEU H 189 -12.67 4.53 -37.94
CA LEU H 189 -13.96 3.90 -37.55
C LEU H 189 -15.10 4.82 -37.16
N CYS H 190 -16.34 4.39 -37.45
CA CYS H 190 -17.63 5.12 -37.13
C CYS H 190 -17.91 6.25 -38.15
N HIS H 191 -17.86 7.49 -37.68
CA HIS H 191 -17.91 8.63 -38.57
C HIS H 191 -16.52 9.05 -39.09
N GLY H 192 -15.46 8.48 -38.54
CA GLY H 192 -14.09 8.72 -39.03
C GLY H 192 -13.91 8.61 -40.53
N PRO H 193 -14.52 7.58 -41.14
CA PRO H 193 -14.52 7.45 -42.59
C PRO H 193 -14.94 8.71 -43.33
N ALA H 194 -15.68 9.59 -42.66
CA ALA H 194 -15.93 10.93 -43.21
C ALA H 194 -14.66 11.63 -43.64
N ALA H 195 -13.50 11.31 -43.05
CA ALA H 195 -12.20 11.86 -43.48
C ALA H 195 -11.78 11.42 -44.89
N LEU H 196 -12.26 10.25 -45.29
CA LEU H 196 -11.93 9.67 -46.57
C LEU H 196 -12.53 10.50 -47.72
N LEU H 197 -13.61 11.23 -47.41
CA LEU H 197 -14.26 12.12 -48.38
C LEU H 197 -13.31 13.14 -48.96
N SER H 198 -12.35 13.58 -48.14
CA SER H 198 -11.25 14.48 -48.56
C SER H 198 -10.31 13.96 -49.68
N ALA H 199 -10.27 12.64 -49.91
CA ALA H 199 -9.54 12.06 -51.04
C ALA H 199 -10.03 12.63 -52.37
N GLY H 200 -11.36 12.73 -52.51
CA GLY H 200 -12.04 13.20 -53.74
C GLY H 200 -12.33 14.69 -53.84
N LEU H 201 -11.46 15.49 -53.25
CA LEU H 201 -11.65 16.92 -53.22
C LEU H 201 -11.05 17.54 -54.49
N ASN H 202 -11.85 18.36 -55.20
CA ASN H 202 -11.47 19.00 -56.50
C ASN H 202 -11.01 18.00 -57.57
N ARG H 203 -11.67 16.86 -57.62
CA ARG H 203 -11.28 15.74 -58.44
C ARG H 203 -12.54 15.01 -58.84
N GLU H 204 -12.61 14.58 -60.10
CA GLU H 204 -13.77 13.83 -60.60
C GLU H 204 -13.85 12.41 -60.01
N LYS H 205 -12.70 11.78 -59.75
CA LYS H 205 -12.68 10.44 -59.14
C LYS H 205 -11.73 10.40 -57.92
N SER H 206 -12.18 9.72 -56.88
CA SER H 206 -11.40 9.54 -55.67
C SER H 206 -10.45 8.38 -55.84
N PRO H 207 -9.21 8.51 -55.34
CA PRO H 207 -8.31 7.35 -55.33
C PRO H 207 -8.67 6.24 -54.33
N LEU H 208 -9.83 6.34 -53.67
CA LEU H 208 -10.39 5.26 -52.88
C LEU H 208 -11.61 4.63 -53.57
N GLU H 209 -11.94 5.07 -54.77
CA GLU H 209 -12.97 4.40 -55.56
C GLU H 209 -12.68 2.89 -55.58
N GLY H 210 -13.69 2.09 -55.24
CA GLY H 210 -13.55 0.64 -55.20
C GLY H 210 -13.43 0.07 -53.80
N TYR H 211 -12.65 0.73 -52.95
CA TYR H 211 -12.39 0.28 -51.56
C TYR H 211 -13.67 0.08 -50.77
N SER H 212 -13.67 -0.97 -49.97
CA SER H 212 -14.79 -1.39 -49.14
C SER H 212 -14.55 -0.87 -47.73
N VAL H 213 -15.63 -0.57 -47.03
CA VAL H 213 -15.55 -0.02 -45.68
C VAL H 213 -16.77 -0.34 -44.85
N CYS H 214 -16.54 -0.44 -43.54
CA CYS H 214 -17.53 -0.23 -42.48
C CYS H 214 -17.69 1.25 -42.12
N VAL H 215 -18.93 1.64 -41.84
CA VAL H 215 -19.29 3.03 -41.53
C VAL H 215 -20.53 3.01 -40.65
N PHE H 216 -20.65 3.98 -39.75
CA PHE H 216 -21.86 4.09 -38.92
C PHE H 216 -23.07 4.21 -39.85
N PRO H 217 -24.15 3.46 -39.55
CA PRO H 217 -25.29 3.44 -40.48
C PRO H 217 -26.14 4.70 -40.52
N ASP H 218 -26.67 5.00 -41.70
CA ASP H 218 -27.58 6.11 -41.90
C ASP H 218 -28.86 5.97 -41.07
N SER H 219 -29.44 4.77 -41.02
CA SER H 219 -30.69 4.57 -40.30
C SER H 219 -30.64 5.04 -38.83
N LEU H 220 -29.54 4.79 -38.13
CA LEU H 220 -29.41 5.16 -36.72
C LEU H 220 -29.32 6.69 -36.51
N ASP H 221 -28.57 7.38 -37.37
CA ASP H 221 -28.45 8.85 -37.29
C ASP H 221 -29.78 9.56 -37.62
N GLU H 222 -30.40 9.19 -38.75
CA GLU H 222 -31.75 9.65 -39.13
C GLU H 222 -32.87 9.15 -38.19
N GLY H 223 -32.70 7.96 -37.64
CA GLY H 223 -33.73 7.29 -36.86
C GLY H 223 -33.52 7.37 -35.36
N ALA H 224 -32.93 6.32 -34.79
CA ALA H 224 -32.89 6.15 -33.33
C ALA H 224 -32.20 7.28 -32.56
N ASN H 225 -31.07 7.77 -33.12
CA ASN H 225 -30.31 8.89 -32.52
C ASN H 225 -31.17 10.16 -32.28
N ILE H 226 -32.18 10.39 -33.11
CA ILE H 226 -33.06 11.55 -32.96
C ILE H 226 -34.21 11.26 -32.02
N GLU H 227 -34.81 10.06 -32.16
CA GLU H 227 -35.89 9.56 -31.30
C GLU H 227 -35.53 9.61 -29.80
N ILE H 228 -34.37 9.08 -29.42
CA ILE H 228 -33.99 8.99 -27.99
C ILE H 228 -33.18 10.19 -27.47
N GLY H 229 -32.90 11.16 -28.34
CA GLY H 229 -32.27 12.43 -27.94
C GLY H 229 -30.74 12.43 -27.83
N TYR H 230 -30.09 11.54 -28.57
CA TYR H 230 -28.62 11.51 -28.63
C TYR H 230 -28.19 12.72 -29.43
N LEU H 231 -28.72 12.86 -30.65
CA LEU H 231 -28.60 14.08 -31.45
C LEU H 231 -29.80 14.93 -31.14
N PRO H 232 -29.61 16.26 -30.96
CA PRO H 232 -30.71 17.21 -30.80
C PRO H 232 -31.24 17.80 -32.14
N GLY H 233 -30.95 17.13 -33.26
CA GLY H 233 -31.38 17.58 -34.61
C GLY H 233 -30.71 16.72 -35.69
N ARG H 234 -31.19 16.84 -36.93
CA ARG H 234 -30.74 16.00 -38.03
C ARG H 234 -29.42 16.53 -38.62
N LEU H 235 -28.60 15.62 -39.15
CA LEU H 235 -27.39 15.99 -39.85
C LEU H 235 -27.74 16.60 -41.21
N LYS H 236 -26.94 17.55 -41.68
CA LYS H 236 -27.13 18.16 -42.99
C LYS H 236 -26.75 17.19 -44.09
N TRP H 237 -25.95 16.18 -43.73
CA TRP H 237 -25.61 15.12 -44.65
C TRP H 237 -25.16 13.87 -43.88
N LEU H 238 -25.15 12.73 -44.55
CA LEU H 238 -24.88 11.42 -43.91
C LEU H 238 -23.62 10.81 -44.47
N VAL H 239 -22.82 10.26 -43.59
CA VAL H 239 -21.47 9.82 -43.94
C VAL H 239 -21.52 8.64 -44.92
N ALA H 240 -22.31 7.62 -44.59
CA ALA H 240 -22.38 6.44 -45.47
C ALA H 240 -22.87 6.82 -46.90
N ASP H 241 -23.95 7.60 -46.96
CA ASP H 241 -24.51 8.10 -48.20
C ASP H 241 -23.43 8.78 -49.07
N LEU H 242 -22.64 9.68 -48.48
CA LEU H 242 -21.64 10.44 -49.27
C LEU H 242 -20.41 9.65 -49.69
N LEU H 243 -20.00 8.68 -48.89
CA LEU H 243 -18.96 7.72 -49.27
C LEU H 243 -19.39 6.86 -50.44
N THR H 244 -20.59 6.33 -50.36
CA THR H 244 -21.20 5.63 -51.49
C THR H 244 -21.16 6.51 -52.78
N LYS H 245 -21.44 7.81 -52.64
CA LYS H 245 -21.42 8.78 -53.75
C LYS H 245 -20.05 9.03 -54.41
N GLN H 246 -18.97 8.61 -53.76
CA GLN H 246 -17.65 8.72 -54.36
C GLN H 246 -17.13 7.37 -54.86
N GLY H 247 -17.99 6.34 -54.89
CA GLY H 247 -17.64 5.02 -55.40
C GLY H 247 -16.94 4.10 -54.43
N LEU H 248 -16.99 4.41 -53.13
CA LEU H 248 -16.56 3.47 -52.08
C LEU H 248 -17.71 2.55 -51.78
N LYS H 249 -17.40 1.28 -51.53
CA LYS H 249 -18.44 0.31 -51.25
C LYS H 249 -18.60 0.23 -49.73
N VAL H 250 -19.78 0.63 -49.25
CA VAL H 250 -20.14 0.57 -47.83
C VAL H 250 -20.77 -0.78 -47.53
N VAL H 251 -20.03 -1.64 -46.82
CA VAL H 251 -20.45 -3.05 -46.62
C VAL H 251 -21.66 -3.24 -45.73
N ASN H 252 -21.69 -2.57 -44.58
CA ASN H 252 -22.70 -2.83 -43.53
C ASN H 252 -23.96 -1.92 -43.61
N ASP H 253 -25.07 -2.44 -43.07
CA ASP H 253 -26.35 -1.73 -42.85
C ASP H 253 -26.61 -1.44 -41.37
N ASP H 254 -25.81 -2.02 -40.47
CA ASP H 254 -26.12 -2.00 -39.02
C ASP H 254 -24.88 -1.83 -38.12
N MET H 255 -25.17 -1.64 -36.84
CA MET H 255 -24.17 -1.49 -35.79
C MET H 255 -24.05 -2.81 -35.04
N THR H 256 -22.95 -3.55 -35.28
CA THR H 256 -22.70 -4.86 -34.62
C THR H 256 -21.32 -5.11 -33.95
N GLY H 257 -20.32 -4.31 -34.27
CA GLY H 257 -18.93 -4.59 -33.93
C GLY H 257 -18.12 -5.07 -35.12
N ARG H 258 -18.72 -5.02 -36.32
CA ARG H 258 -18.06 -5.50 -37.53
C ARG H 258 -16.78 -4.72 -37.74
N THR H 259 -15.69 -5.47 -38.00
CA THR H 259 -14.47 -4.89 -38.56
C THR H 259 -14.29 -5.43 -39.96
N LEU H 260 -13.56 -4.71 -40.80
CA LEU H 260 -13.22 -5.14 -42.17
C LEU H 260 -11.78 -4.76 -42.54
N LYS H 261 -11.14 -5.59 -43.36
CA LYS H 261 -9.88 -5.25 -44.02
C LYS H 261 -10.13 -5.19 -45.53
N ASP H 262 -9.28 -4.47 -46.25
CA ASP H 262 -9.38 -4.35 -47.69
C ASP H 262 -8.10 -3.67 -48.14
N ARG H 263 -7.16 -4.47 -48.62
CA ARG H 263 -5.76 -4.03 -48.78
C ARG H 263 -5.30 -3.43 -47.42
N LYS H 264 -4.84 -2.18 -47.39
CA LYS H 264 -4.41 -1.54 -46.15
C LYS H 264 -5.42 -0.53 -45.56
N LEU H 265 -6.68 -0.59 -45.98
CA LEU H 265 -7.75 0.22 -45.37
C LEU H 265 -8.56 -0.58 -44.35
N LEU H 266 -8.26 -0.37 -43.06
CA LEU H 266 -8.92 -1.11 -41.98
C LEU H 266 -9.99 -0.25 -41.32
N THR H 267 -11.20 -0.76 -41.32
CA THR H 267 -12.36 -0.02 -40.89
C THR H 267 -13.11 -0.71 -39.76
N GLY H 268 -13.99 0.04 -39.10
CA GLY H 268 -14.85 -0.47 -38.02
C GLY H 268 -16.18 0.26 -38.05
N ASP H 269 -17.27 -0.46 -37.79
CA ASP H 269 -18.62 0.10 -37.96
C ASP H 269 -19.05 1.15 -36.92
N SER H 270 -18.49 1.10 -35.71
CA SER H 270 -19.03 1.86 -34.57
C SER H 270 -18.10 1.71 -33.37
N PRO H 271 -18.43 2.34 -32.20
CA PRO H 271 -17.69 2.11 -30.94
C PRO H 271 -17.60 0.65 -30.51
N LEU H 272 -18.65 -0.13 -30.80
CA LEU H 272 -18.66 -1.58 -30.53
C LEU H 272 -17.44 -2.30 -31.12
N ALA H 273 -16.99 -1.84 -32.29
CA ALA H 273 -15.78 -2.34 -32.97
C ALA H 273 -14.44 -1.79 -32.44
N SER H 274 -14.41 -1.15 -31.28
CA SER H 274 -13.18 -0.47 -30.88
C SER H 274 -12.06 -1.44 -30.50
N ASN H 275 -12.37 -2.41 -29.64
CA ASN H 275 -11.36 -3.37 -29.19
C ASN H 275 -10.87 -4.21 -30.34
N GLU H 276 -11.78 -4.72 -31.16
CA GLU H 276 -11.41 -5.63 -32.24
C GLU H 276 -10.63 -4.95 -33.34
N LEU H 277 -10.90 -3.66 -33.59
CA LEU H 277 -10.15 -2.91 -34.61
C LEU H 277 -8.74 -2.66 -34.13
N GLY H 278 -8.55 -2.49 -32.82
CA GLY H 278 -7.21 -2.41 -32.24
C GLY H 278 -6.37 -3.64 -32.55
N LYS H 279 -6.91 -4.82 -32.20
CA LYS H 279 -6.28 -6.11 -32.47
C LYS H 279 -5.87 -6.23 -33.94
N LEU H 280 -6.82 -6.01 -34.84
CA LEU H 280 -6.58 -6.08 -36.29
C LEU H 280 -5.41 -5.19 -36.75
N ALA H 281 -5.39 -3.95 -36.28
CA ALA H 281 -4.37 -2.99 -36.67
C ALA H 281 -3.00 -3.43 -36.23
N VAL H 282 -2.90 -3.98 -35.02
CA VAL H 282 -1.62 -4.47 -34.52
C VAL H 282 -1.17 -5.68 -35.37
N ASN H 283 -2.09 -6.62 -35.60
CA ASN H 283 -1.79 -7.84 -36.35
C ASN H 283 -1.28 -7.49 -37.77
N GLU H 284 -2.07 -6.76 -38.54
CA GLU H 284 -1.74 -6.42 -39.94
C GLU H 284 -0.47 -5.60 -40.06
N MET H 285 -0.24 -4.69 -39.11
CA MET H 285 1.00 -3.92 -39.09
C MET H 285 2.23 -4.78 -38.73
N LEU H 286 2.04 -5.78 -37.87
CA LEU H 286 3.14 -6.71 -37.54
C LEU H 286 3.61 -7.63 -38.71
N ASN H 287 2.68 -7.99 -39.61
CA ASN H 287 2.99 -8.85 -40.77
C ASN H 287 3.77 -8.12 -41.83
N ALA H 288 3.24 -7.00 -42.29
CA ALA H 288 3.92 -6.22 -43.31
C ALA H 288 5.25 -5.70 -42.77
N ILE H 289 5.44 -5.69 -41.44
CA ILE H 289 6.77 -5.45 -40.80
C ILE H 289 7.79 -6.57 -41.06
N GLN H 290 7.33 -7.82 -41.15
CA GLN H 290 8.19 -8.93 -41.58
C GLN H 290 8.71 -8.82 -43.06
N ASN H 291 7.84 -8.37 -43.96
CA ASN H 291 8.15 -8.23 -45.39
C ASN H 291 8.93 -6.93 -45.64
#